data_6PM9
#
_entry.id   6PM9
#
_cell.length_a   89.920
_cell.length_b   91.460
_cell.length_c   94.610
_cell.angle_alpha   77.270
_cell.angle_beta   62.610
_cell.angle_gamma   62.860
#
_symmetry.space_group_name_H-M   'P 1'
#
loop_
_entity.id
_entity.type
_entity.pdbx_description
1 polymer 'O-GlcNAcase TIM-barrel domain'
2 polymer 'O-GlcNAcase stalk domain'
3 non-polymer (3aR,5S,6S,7R,7aR)-5-(difluoromethyl)-2-(ethylamino)-5,6,7,7a-tetrahydro-3aH-pyrano[3,2-d][1,3]thiazole-6,7-diol
4 water water
#
loop_
_entity_poly.entity_id
_entity_poly.type
_entity_poly.pdbx_seq_one_letter_code
_entity_poly.pdbx_strand_id
1 'polypeptide(L)'
;GESELSSNPAASAGASLEPPAAPAPGEDNPAGAGGAAVAGAAGGARRFLCGVVEGFYGRPWVMEQRKELFRRLQKWELNT
YLYAPKDDYKHRMFWREMYSVEEAEQLMTLISAAREYEIEFIYAISPGLDITFSNPKEVSTLKRKLDQVSQFGCRSFALL
FDDIDHNMCAADKEVFSSFAHAQVSITNEIYQYLGEPETFLFCPTEYCGTFCYPNVSQSPYLRTVGEKLLPGIEVLWTGP
KVVSKEIPVESIEEVSKIIKRAPVIWDNIHANDYDQKRLFLGPYKGRSTELIPRLKGVLTNPNCEFEANYVAIHTLATWY
KSNMNGVRKDVVMTDSEDSTVSIQIKLENEGSDEDIETDVLYSPQMALKLALTEWLQEFGVPHQYSSR
;
A,B,C,D
2 'polypeptide(L)'
;MTLEDLQLLADLFYLPYEHGPKGAQMLREFQWLRANSSVVSVNCKGKDSEKIEEWRSRAAKFEEMCGLVMGMFTRLSNCA
NRTILYDMYSYVWDIKSIMSMVKSFVQWLGCRSHSSAQFLIGDQEPWAFRGGLAGEFQRLLPIDGANDLFFQPHHHHHHH
H
;
E,F,G,H
#
loop_
_chem_comp.id
_chem_comp.type
_chem_comp.name
_chem_comp.formula
OQ1 non-polymer (3aR,5S,6S,7R,7aR)-5-(difluoromethyl)-2-(ethylamino)-5,6,7,7a-tetrahydro-3aH-pyrano[3,2-d][1,3]thiazole-6,7-diol 'C9 H14 F2 N2 O3 S'
#
# COMPACT_ATOMS: atom_id res chain seq x y z
N ARG A 47 -33.31 33.14 12.72
CA ARG A 47 -32.54 32.62 13.85
C ARG A 47 -31.77 31.35 13.47
N PHE A 48 -32.39 30.43 12.71
CA PHE A 48 -31.74 29.16 12.36
C PHE A 48 -31.43 29.01 10.86
N LEU A 49 -30.15 28.87 10.57
CA LEU A 49 -29.63 28.71 9.23
C LEU A 49 -29.63 27.22 8.96
N CYS A 50 -30.58 26.76 8.13
CA CYS A 50 -30.71 25.33 7.82
C CYS A 50 -30.87 25.09 6.32
N GLY A 51 -29.95 24.34 5.76
CA GLY A 51 -29.96 24.06 4.33
C GLY A 51 -28.80 23.20 3.93
N VAL A 52 -28.18 23.58 2.79
CA VAL A 52 -27.08 22.83 2.18
C VAL A 52 -25.83 23.68 1.98
N VAL A 53 -24.66 23.03 1.98
CA VAL A 53 -23.37 23.64 1.69
C VAL A 53 -22.70 22.80 0.60
N GLU A 54 -22.39 23.42 -0.52
CA GLU A 54 -21.69 22.73 -1.58
C GLU A 54 -20.26 23.04 -1.21
N GLY A 55 -19.66 22.21 -0.36
CA GLY A 55 -18.31 22.43 0.13
C GLY A 55 -17.33 21.28 0.03
N PHE A 56 -17.71 20.27 -0.72
CA PHE A 56 -16.93 19.09 -0.98
C PHE A 56 -15.87 19.37 -2.06
N TYR A 57 -14.96 18.43 -2.26
CA TYR A 57 -13.96 18.54 -3.30
C TYR A 57 -14.58 17.83 -4.50
N GLY A 58 -14.01 18.07 -5.66
CA GLY A 58 -14.50 17.47 -6.89
C GLY A 58 -15.35 18.42 -7.71
N ARG A 59 -16.01 17.85 -8.74
CA ARG A 59 -16.85 18.57 -9.69
C ARG A 59 -17.94 19.38 -9.01
N PRO A 60 -17.85 20.73 -9.05
CA PRO A 60 -18.89 21.56 -8.43
C PRO A 60 -20.18 21.44 -9.24
N TRP A 61 -21.34 21.60 -8.58
CA TRP A 61 -22.63 21.50 -9.27
C TRP A 61 -22.79 22.57 -10.33
N VAL A 62 -23.72 22.35 -11.27
CA VAL A 62 -23.94 23.34 -12.33
C VAL A 62 -25.03 24.28 -11.89
N MET A 63 -25.21 25.38 -12.61
CA MET A 63 -26.21 26.38 -12.29
C MET A 63 -27.65 25.82 -12.32
N GLU A 64 -27.97 24.90 -13.26
CA GLU A 64 -29.30 24.26 -13.39
C GLU A 64 -29.65 23.45 -12.13
N GLN A 65 -28.65 22.70 -11.60
CA GLN A 65 -28.74 21.88 -10.40
C GLN A 65 -28.90 22.77 -9.15
N ARG A 66 -28.13 23.86 -9.09
CA ARG A 66 -28.20 24.81 -7.98
C ARG A 66 -29.57 25.48 -7.89
N LYS A 67 -30.19 25.77 -9.05
CA LYS A 67 -31.52 26.36 -9.14
C LYS A 67 -32.56 25.34 -8.65
N GLU A 68 -32.35 24.03 -8.99
CA GLU A 68 -33.18 22.90 -8.57
C GLU A 68 -33.06 22.69 -7.05
N LEU A 69 -31.85 22.87 -6.51
CA LEU A 69 -31.59 22.75 -5.09
C LEU A 69 -32.51 23.71 -4.34
N PHE A 70 -32.55 25.00 -4.75
CA PHE A 70 -33.39 26.02 -4.14
C PHE A 70 -34.87 25.66 -4.20
N ARG A 71 -35.35 25.11 -5.36
CA ARG A 71 -36.75 24.67 -5.60
C ARG A 71 -37.10 23.56 -4.58
N ARG A 72 -36.13 22.63 -4.32
CA ARG A 72 -36.23 21.51 -3.37
C ARG A 72 -36.16 22.00 -1.92
N LEU A 73 -35.20 22.89 -1.60
CA LEU A 73 -35.00 23.45 -0.27
C LEU A 73 -36.29 24.13 0.16
N GLN A 74 -36.83 25.02 -0.70
CA GLN A 74 -38.09 25.75 -0.47
C GLN A 74 -39.25 24.79 -0.21
N LYS A 75 -39.33 23.69 -1.02
CA LYS A 75 -40.35 22.64 -0.90
C LYS A 75 -40.25 21.94 0.47
N TRP A 76 -39.02 21.63 0.92
CA TRP A 76 -38.84 20.95 2.21
C TRP A 76 -38.76 21.91 3.42
N GLU A 77 -39.18 23.19 3.25
CA GLU A 77 -39.20 24.23 4.28
C GLU A 77 -37.82 24.56 4.82
N LEU A 78 -36.79 24.34 3.97
CA LEU A 78 -35.40 24.65 4.31
C LEU A 78 -35.15 26.12 3.95
N ASN A 79 -33.98 26.70 4.31
CA ASN A 79 -33.80 28.12 4.07
C ASN A 79 -32.39 28.62 3.74
N THR A 80 -31.40 27.76 3.50
CA THR A 80 -30.04 28.30 3.24
C THR A 80 -29.20 27.53 2.23
N TYR A 81 -28.28 28.23 1.57
CA TYR A 81 -27.32 27.67 0.64
C TYR A 81 -25.98 28.41 0.72
N LEU A 82 -24.94 27.70 1.17
CA LEU A 82 -23.59 28.23 1.27
C LEU A 82 -22.79 27.70 0.07
N TYR A 83 -22.30 28.62 -0.75
CA TYR A 83 -21.53 28.36 -1.95
C TYR A 83 -20.07 28.30 -1.58
N ALA A 84 -19.53 27.09 -1.43
CA ALA A 84 -18.13 26.91 -1.10
C ALA A 84 -17.50 25.75 -1.92
N PRO A 85 -17.66 25.70 -3.26
CA PRO A 85 -17.08 24.58 -4.00
C PRO A 85 -15.57 24.73 -4.07
N LYS A 86 -14.84 23.83 -3.37
CA LYS A 86 -13.37 23.80 -3.25
C LYS A 86 -12.60 23.76 -4.56
N ASP A 87 -13.15 23.10 -5.58
CA ASP A 87 -12.47 22.97 -6.86
C ASP A 87 -13.05 23.88 -7.93
N ASP A 88 -13.64 25.00 -7.50
CA ASP A 88 -14.17 26.01 -8.39
C ASP A 88 -13.20 27.14 -8.05
N TYR A 89 -12.17 27.23 -8.90
CA TYR A 89 -10.99 28.07 -8.86
C TYR A 89 -11.21 29.47 -8.37
N LYS A 90 -12.32 30.13 -8.73
CA LYS A 90 -12.55 31.49 -8.26
C LYS A 90 -12.93 31.55 -6.74
N HIS A 91 -13.19 30.40 -6.12
CA HIS A 91 -13.52 30.30 -4.70
C HIS A 91 -12.29 30.04 -3.81
N ARG A 92 -11.45 29.07 -4.18
CA ARG A 92 -10.28 28.73 -3.39
C ARG A 92 -8.93 29.06 -4.06
N MET A 93 -8.40 28.13 -4.94
CA MET A 93 -7.10 28.22 -5.63
C MET A 93 -6.78 29.62 -6.23
N PHE A 94 -7.72 30.18 -7.00
CA PHE A 94 -7.60 31.49 -7.67
C PHE A 94 -8.64 32.48 -7.13
N TRP A 95 -8.61 32.75 -5.82
CA TRP A 95 -9.57 33.65 -5.17
C TRP A 95 -9.40 35.12 -5.57
N ARG A 96 -8.21 35.50 -6.00
CA ARG A 96 -7.91 36.87 -6.39
C ARG A 96 -8.59 37.22 -7.68
N GLU A 97 -8.77 36.23 -8.56
CA GLU A 97 -9.37 36.38 -9.86
C GLU A 97 -10.82 36.87 -9.84
N MET A 98 -11.09 37.97 -10.55
CA MET A 98 -12.41 38.56 -10.65
C MET A 98 -13.22 37.84 -11.76
N TYR A 99 -14.54 37.97 -11.69
CA TYR A 99 -15.45 37.37 -12.65
C TYR A 99 -15.51 38.09 -13.98
N SER A 100 -15.80 37.34 -15.03
CA SER A 100 -15.97 37.82 -16.39
C SER A 100 -17.44 38.19 -16.56
N VAL A 101 -17.84 38.73 -17.72
CA VAL A 101 -19.22 39.11 -17.99
C VAL A 101 -20.16 37.92 -17.78
N GLU A 102 -19.89 36.78 -18.47
CA GLU A 102 -20.66 35.53 -18.44
C GLU A 102 -20.78 35.02 -17.00
N GLU A 103 -19.63 34.90 -16.29
CA GLU A 103 -19.58 34.44 -14.91
C GLU A 103 -20.46 35.29 -14.01
N ALA A 104 -20.38 36.62 -14.18
CA ALA A 104 -21.17 37.61 -13.44
C ALA A 104 -22.65 37.38 -13.70
N GLU A 105 -23.03 37.23 -15.01
CA GLU A 105 -24.38 37.00 -15.55
C GLU A 105 -25.09 35.80 -14.92
N GLN A 106 -24.42 34.61 -14.83
CA GLN A 106 -25.05 33.43 -14.23
C GLN A 106 -25.11 33.53 -12.72
N LEU A 107 -24.11 34.17 -12.07
CA LEU A 107 -24.15 34.36 -10.64
C LEU A 107 -25.26 35.33 -10.30
N MET A 108 -25.56 36.25 -11.24
CA MET A 108 -26.65 37.22 -11.15
C MET A 108 -27.96 36.43 -11.15
N THR A 109 -28.14 35.49 -12.13
CA THR A 109 -29.35 34.64 -12.24
C THR A 109 -29.51 33.73 -11.03
N LEU A 110 -28.42 33.07 -10.56
CA LEU A 110 -28.42 32.15 -9.41
C LEU A 110 -28.90 32.84 -8.15
N ILE A 111 -28.31 34.01 -7.80
CA ILE A 111 -28.67 34.81 -6.61
C ILE A 111 -30.12 35.25 -6.72
N SER A 112 -30.57 35.55 -7.97
CA SER A 112 -31.94 35.96 -8.29
C SER A 112 -32.86 34.80 -7.95
N ALA A 113 -32.57 33.60 -8.52
CA ALA A 113 -33.25 32.33 -8.33
C ALA A 113 -33.38 32.00 -6.83
N ALA A 114 -32.27 32.20 -6.05
CA ALA A 114 -32.26 31.95 -4.60
C ALA A 114 -33.31 32.81 -3.91
N ARG A 115 -33.36 34.14 -4.21
CA ARG A 115 -34.30 35.13 -3.65
C ARG A 115 -35.77 34.81 -3.98
N GLU A 116 -36.00 34.27 -5.21
CA GLU A 116 -37.30 33.87 -5.73
C GLU A 116 -37.81 32.68 -4.93
N TYR A 117 -36.92 31.73 -4.61
CA TYR A 117 -37.25 30.54 -3.84
C TYR A 117 -37.05 30.72 -2.33
N GLU A 118 -36.97 31.99 -1.85
CA GLU A 118 -36.81 32.35 -0.44
C GLU A 118 -35.55 31.72 0.23
N ILE A 119 -34.56 31.34 -0.58
CA ILE A 119 -33.32 30.73 -0.13
C ILE A 119 -32.22 31.80 0.10
N GLU A 120 -31.56 31.70 1.24
CA GLU A 120 -30.47 32.54 1.68
C GLU A 120 -29.17 32.12 0.94
N PHE A 121 -28.73 32.96 0.02
CA PHE A 121 -27.52 32.67 -0.72
C PHE A 121 -26.33 33.37 -0.05
N ILE A 122 -25.52 32.55 0.67
CA ILE A 122 -24.29 32.95 1.37
C ILE A 122 -23.14 32.60 0.43
N TYR A 123 -22.35 33.60 0.03
CA TYR A 123 -21.22 33.39 -0.86
C TYR A 123 -19.93 33.27 -0.02
N ALA A 124 -19.20 32.15 -0.16
CA ALA A 124 -17.95 31.95 0.57
C ALA A 124 -16.69 32.07 -0.32
N ILE A 125 -15.55 32.36 0.30
CA ILE A 125 -14.24 32.48 -0.33
C ILE A 125 -13.16 32.02 0.69
N SER A 126 -12.23 31.19 0.23
CA SER A 126 -11.18 30.60 1.03
C SER A 126 -9.83 31.13 0.56
N PRO A 127 -9.36 32.30 1.04
CA PRO A 127 -8.05 32.82 0.58
C PRO A 127 -6.79 32.18 1.22
N GLY A 128 -7.01 31.46 2.32
CA GLY A 128 -6.08 30.78 3.23
C GLY A 128 -4.85 30.07 2.73
N LEU A 129 -4.92 29.40 1.58
CA LEU A 129 -3.77 28.69 1.02
C LEU A 129 -2.56 29.58 0.61
N ASP A 130 -2.80 30.87 0.24
CA ASP A 130 -1.73 31.78 -0.22
C ASP A 130 -1.89 33.29 0.11
N ILE A 131 -2.93 33.69 0.86
CA ILE A 131 -3.14 35.10 1.25
C ILE A 131 -1.99 35.57 2.18
N THR A 132 -1.52 36.82 2.03
CA THR A 132 -0.48 37.41 2.90
C THR A 132 -1.29 38.35 3.79
N PHE A 133 -1.66 37.90 5.00
CA PHE A 133 -2.52 38.69 5.90
C PHE A 133 -2.06 40.12 6.24
N SER A 134 -0.76 40.36 6.27
CA SER A 134 -0.23 41.67 6.58
C SER A 134 -0.26 42.62 5.35
N ASN A 135 -0.36 42.05 4.15
CA ASN A 135 -0.38 42.80 2.88
C ASN A 135 -1.70 43.53 2.65
N PRO A 136 -1.68 44.89 2.59
CA PRO A 136 -2.96 45.62 2.36
C PRO A 136 -3.52 45.47 0.96
N LYS A 137 -2.70 44.95 0.02
CA LYS A 137 -3.06 44.68 -1.37
C LYS A 137 -3.98 43.43 -1.39
N GLU A 138 -3.75 42.49 -0.43
CA GLU A 138 -4.51 41.25 -0.27
C GLU A 138 -5.89 41.50 0.31
N VAL A 139 -6.01 42.48 1.22
CA VAL A 139 -7.31 42.81 1.81
C VAL A 139 -8.12 43.65 0.81
N SER A 140 -7.42 44.46 0.00
CA SER A 140 -7.99 45.29 -1.04
C SER A 140 -8.60 44.36 -2.09
N THR A 141 -7.90 43.24 -2.46
CA THR A 141 -8.37 42.27 -3.45
C THR A 141 -9.61 41.56 -2.96
N LEU A 142 -9.63 41.12 -1.70
CA LEU A 142 -10.78 40.45 -1.11
C LEU A 142 -11.99 41.37 -1.03
N LYS A 143 -11.76 42.69 -0.85
CA LYS A 143 -12.82 43.69 -0.77
C LYS A 143 -13.41 43.93 -2.16
N ARG A 144 -12.56 44.02 -3.21
CA ARG A 144 -13.02 44.21 -4.60
C ARG A 144 -13.81 42.98 -5.08
N LYS A 145 -13.33 41.75 -4.74
CA LYS A 145 -13.92 40.44 -5.07
C LYS A 145 -15.29 40.27 -4.44
N LEU A 146 -15.42 40.57 -3.14
CA LEU A 146 -16.69 40.45 -2.44
C LEU A 146 -17.59 41.63 -2.79
N ASP A 147 -16.99 42.76 -3.24
CA ASP A 147 -17.69 43.97 -3.67
C ASP A 147 -18.40 43.65 -4.99
N GLN A 148 -17.71 42.99 -5.95
CA GLN A 148 -18.28 42.57 -7.24
C GLN A 148 -19.45 41.64 -6.96
N VAL A 149 -19.27 40.66 -6.07
CA VAL A 149 -20.31 39.69 -5.70
C VAL A 149 -21.55 40.41 -5.03
N SER A 150 -21.37 41.52 -4.29
CA SER A 150 -22.53 42.22 -3.71
C SER A 150 -23.35 43.01 -4.76
N GLN A 151 -22.76 43.21 -5.96
CA GLN A 151 -23.39 43.88 -7.12
C GLN A 151 -24.15 42.83 -7.95
N PHE A 152 -24.10 41.55 -7.53
CA PHE A 152 -24.78 40.44 -8.20
C PHE A 152 -26.11 40.14 -7.48
N GLY A 153 -26.25 40.63 -6.25
CA GLY A 153 -27.45 40.47 -5.44
C GLY A 153 -27.22 39.84 -4.08
N CYS A 154 -25.91 39.56 -3.78
CA CYS A 154 -25.45 38.91 -2.56
C CYS A 154 -25.46 39.83 -1.38
N ARG A 155 -25.95 39.33 -0.24
CA ARG A 155 -26.06 40.06 1.02
C ARG A 155 -25.50 39.25 2.19
N SER A 156 -25.11 37.99 1.91
CA SER A 156 -24.56 37.05 2.88
C SER A 156 -23.27 36.49 2.33
N PHE A 157 -22.19 36.60 3.12
CA PHE A 157 -20.85 36.14 2.72
C PHE A 157 -20.20 35.26 3.81
N ALA A 158 -19.06 34.64 3.48
CA ALA A 158 -18.30 33.80 4.42
C ALA A 158 -16.83 33.76 4.07
N LEU A 159 -16.01 33.67 5.13
CA LEU A 159 -14.56 33.57 5.06
C LEU A 159 -14.13 32.20 5.65
N LEU A 160 -13.57 31.35 4.77
CA LEU A 160 -13.18 30.01 5.14
C LEU A 160 -11.66 29.80 5.28
N PHE A 161 -11.24 29.26 6.44
CA PHE A 161 -9.83 29.02 6.73
C PHE A 161 -9.54 27.54 7.12
N ASP A 162 -10.36 26.65 6.54
CA ASP A 162 -10.33 25.21 6.67
C ASP A 162 -9.36 24.60 5.65
N ASP A 163 -8.73 23.49 6.04
CA ASP A 163 -7.80 22.66 5.30
C ASP A 163 -6.52 23.41 4.81
N ILE A 164 -5.96 24.22 5.72
CA ILE A 164 -4.73 25.00 5.51
C ILE A 164 -3.71 24.72 6.65
N ASP A 165 -2.40 24.79 6.30
CA ASP A 165 -1.26 24.60 7.21
C ASP A 165 -1.25 25.81 8.16
N HIS A 166 -1.16 25.58 9.50
CA HIS A 166 -1.15 26.63 10.53
C HIS A 166 0.03 27.62 10.45
N ASN A 167 1.10 27.28 9.70
CA ASN A 167 2.29 28.10 9.55
C ASN A 167 2.08 29.36 8.71
N MET A 168 2.48 30.51 9.28
CA MET A 168 2.41 31.82 8.65
C MET A 168 3.78 32.18 8.05
N CYS A 169 3.75 32.98 6.98
CA CYS A 169 4.94 33.44 6.27
C CYS A 169 5.69 34.45 7.13
N ALA A 170 6.97 34.66 6.81
CA ALA A 170 7.84 35.58 7.55
C ALA A 170 7.08 36.87 7.94
N ALA A 171 6.62 37.64 6.94
CA ALA A 171 5.88 38.90 7.04
C ALA A 171 4.65 38.90 7.97
N ASP A 172 3.89 37.79 8.00
CA ASP A 172 2.68 37.66 8.83
C ASP A 172 3.06 37.45 10.31
N LYS A 173 4.24 36.81 10.56
CA LYS A 173 4.77 36.54 11.89
C LYS A 173 5.24 37.80 12.60
N GLU A 174 5.81 38.79 11.89
CA GLU A 174 6.20 40.03 12.55
C GLU A 174 4.93 40.74 13.04
N VAL A 175 4.05 41.08 12.08
CA VAL A 175 2.76 41.77 12.19
C VAL A 175 1.74 41.09 13.14
N PHE A 176 1.45 39.78 12.99
CA PHE A 176 0.43 39.12 13.81
C PHE A 176 0.95 38.18 14.92
N SER A 177 0.37 38.32 16.15
CA SER A 177 0.71 37.52 17.34
C SER A 177 0.66 36.04 17.01
N SER A 178 -0.42 35.60 16.35
CA SER A 178 -0.63 34.21 15.95
C SER A 178 -1.49 34.12 14.68
N PHE A 179 -1.66 32.89 14.17
CA PHE A 179 -2.47 32.61 12.98
C PHE A 179 -3.93 33.04 13.21
N ALA A 180 -4.47 32.68 14.40
CA ALA A 180 -5.81 33.00 14.85
C ALA A 180 -6.11 34.50 14.79
N HIS A 181 -5.12 35.35 15.12
CA HIS A 181 -5.24 36.80 15.10
C HIS A 181 -5.31 37.33 13.66
N ALA A 182 -4.41 36.85 12.77
CA ALA A 182 -4.36 37.22 11.35
C ALA A 182 -5.68 36.99 10.64
N GLN A 183 -6.28 35.78 10.79
CA GLN A 183 -7.56 35.40 10.18
C GLN A 183 -8.68 36.33 10.65
N VAL A 184 -8.82 36.51 12.00
CA VAL A 184 -9.81 37.34 12.72
C VAL A 184 -9.67 38.83 12.37
N SER A 185 -8.44 39.36 12.15
CA SER A 185 -8.27 40.77 11.77
C SER A 185 -8.83 41.01 10.37
N ILE A 186 -8.53 40.07 9.43
CA ILE A 186 -9.01 40.10 8.06
C ILE A 186 -10.52 39.90 8.04
N THR A 187 -11.03 38.83 8.72
CA THR A 187 -12.47 38.54 8.80
C THR A 187 -13.24 39.76 9.32
N ASN A 188 -12.78 40.39 10.43
CA ASN A 188 -13.42 41.56 11.02
C ASN A 188 -13.39 42.83 10.14
N GLU A 189 -12.23 43.12 9.49
CA GLU A 189 -12.05 44.26 8.60
C GLU A 189 -13.01 44.09 7.41
N ILE A 190 -13.10 42.85 6.84
CA ILE A 190 -14.00 42.49 5.74
C ILE A 190 -15.44 42.66 6.20
N TYR A 191 -15.80 42.07 7.36
CA TYR A 191 -17.13 42.16 7.95
C TYR A 191 -17.62 43.62 8.04
N GLN A 192 -16.81 44.49 8.66
CA GLN A 192 -17.12 45.91 8.78
C GLN A 192 -17.14 46.53 7.40
N TYR A 193 -16.10 46.30 6.53
CA TYR A 193 -16.10 46.85 5.16
C TYR A 193 -17.40 46.57 4.42
N LEU A 194 -17.92 45.34 4.49
CA LEU A 194 -19.17 44.98 3.83
C LEU A 194 -20.41 45.44 4.65
N GLY A 195 -20.23 46.54 5.39
CA GLY A 195 -21.24 47.16 6.23
C GLY A 195 -21.90 46.24 7.22
N GLU A 196 -21.11 45.29 7.81
CA GLU A 196 -21.57 44.30 8.80
C GLU A 196 -22.84 43.58 8.36
N PRO A 197 -22.74 42.68 7.34
CA PRO A 197 -23.94 41.97 6.88
C PRO A 197 -24.64 41.20 7.98
N GLU A 198 -25.98 41.06 7.85
CA GLU A 198 -26.85 40.32 8.76
C GLU A 198 -26.24 38.95 9.04
N THR A 199 -25.87 38.22 7.96
CA THR A 199 -25.27 36.90 7.99
C THR A 199 -23.85 36.93 7.43
N PHE A 200 -22.90 36.56 8.26
CA PHE A 200 -21.50 36.44 7.92
C PHE A 200 -21.07 35.28 8.78
N LEU A 201 -20.43 34.31 8.16
CA LEU A 201 -19.94 33.07 8.75
C LEU A 201 -18.41 33.10 8.65
N PHE A 202 -17.76 32.45 9.63
CA PHE A 202 -16.32 32.30 9.75
C PHE A 202 -16.02 30.83 9.89
N CYS A 203 -15.06 30.34 9.11
CA CYS A 203 -14.71 28.93 9.24
C CYS A 203 -13.29 28.72 9.74
N PRO A 204 -13.14 28.13 10.94
CA PRO A 204 -11.78 27.94 11.50
C PRO A 204 -10.91 26.84 10.88
N THR A 205 -9.59 26.85 11.22
CA THR A 205 -8.67 25.81 10.75
C THR A 205 -8.97 24.59 11.61
N GLU A 206 -9.21 24.82 12.91
CA GLU A 206 -9.57 23.83 13.91
C GLU A 206 -11.11 23.86 13.89
N TYR A 207 -11.70 23.12 12.92
CA TYR A 207 -13.14 23.08 12.65
C TYR A 207 -13.93 21.91 13.23
N CYS A 208 -13.24 20.89 13.79
CA CYS A 208 -13.84 19.71 14.42
C CYS A 208 -13.14 19.48 15.76
N GLY A 209 -13.59 18.52 16.55
CA GLY A 209 -12.97 18.21 17.84
C GLY A 209 -11.51 17.87 17.64
N THR A 210 -11.27 16.82 16.85
CA THR A 210 -9.96 16.29 16.48
C THR A 210 -8.93 17.35 16.06
N PHE A 211 -9.36 18.38 15.31
CA PHE A 211 -8.46 19.40 14.78
C PHE A 211 -7.91 20.40 15.78
N CYS A 212 -8.43 20.40 17.03
CA CYS A 212 -7.95 21.35 18.02
C CYS A 212 -6.70 20.88 18.73
N TYR A 213 -5.72 21.78 18.81
CA TYR A 213 -4.38 21.62 19.40
C TYR A 213 -4.32 22.48 20.69
N PRO A 214 -4.18 21.89 21.90
CA PRO A 214 -4.01 20.45 22.22
C PRO A 214 -5.32 19.68 22.19
N ASN A 215 -6.40 20.33 22.67
CA ASN A 215 -7.77 19.86 22.76
C ASN A 215 -8.71 21.08 22.63
N VAL A 216 -10.03 20.85 22.41
CA VAL A 216 -11.03 21.93 22.24
C VAL A 216 -10.98 22.96 23.38
N SER A 217 -11.05 22.51 24.64
CA SER A 217 -11.05 23.33 25.88
C SER A 217 -9.78 24.18 26.11
N GLN A 218 -8.59 23.61 25.93
CA GLN A 218 -7.32 24.33 26.11
C GLN A 218 -6.80 24.91 24.79
N SER A 219 -7.62 24.99 23.73
CA SER A 219 -7.16 25.53 22.45
C SER A 219 -6.89 27.04 22.45
N PRO A 220 -5.62 27.48 22.31
CA PRO A 220 -5.36 28.93 22.30
C PRO A 220 -6.00 29.62 21.09
N TYR A 221 -6.03 28.94 19.92
CA TYR A 221 -6.61 29.40 18.62
C TYR A 221 -8.10 29.73 18.77
N LEU A 222 -8.91 28.75 19.21
CA LEU A 222 -10.35 28.95 19.40
C LEU A 222 -10.65 30.01 20.42
N ARG A 223 -9.84 30.08 21.50
CA ARG A 223 -9.97 31.09 22.56
C ARG A 223 -9.80 32.48 21.94
N THR A 224 -8.82 32.62 21.01
CA THR A 224 -8.56 33.87 20.29
C THR A 224 -9.81 34.18 19.45
N VAL A 225 -10.25 33.17 18.65
CA VAL A 225 -11.39 33.19 17.72
C VAL A 225 -12.66 33.66 18.43
N GLY A 226 -12.99 33.09 19.57
CA GLY A 226 -14.19 33.47 20.32
C GLY A 226 -14.09 34.79 21.02
N GLU A 227 -12.86 35.21 21.32
CA GLU A 227 -12.56 36.44 22.02
C GLU A 227 -12.50 37.65 21.11
N LYS A 228 -11.64 37.62 20.09
CA LYS A 228 -11.38 38.72 19.17
C LYS A 228 -12.29 38.79 17.91
N LEU A 229 -12.90 37.67 17.46
CA LEU A 229 -13.82 37.63 16.30
C LEU A 229 -15.13 38.29 16.77
N LEU A 230 -15.63 39.28 16.00
CA LEU A 230 -16.84 40.04 16.29
C LEU A 230 -18.08 39.18 16.65
N PRO A 231 -18.97 39.66 17.56
CA PRO A 231 -20.15 38.86 17.93
C PRO A 231 -21.20 38.63 16.83
N GLY A 232 -21.15 39.43 15.76
CA GLY A 232 -22.10 39.32 14.65
C GLY A 232 -21.73 38.29 13.58
N ILE A 233 -20.52 37.71 13.68
CA ILE A 233 -19.98 36.73 12.76
C ILE A 233 -20.13 35.35 13.38
N GLU A 234 -20.75 34.41 12.67
CA GLU A 234 -20.90 33.06 13.19
C GLU A 234 -19.72 32.19 12.85
N VAL A 235 -19.56 31.07 13.59
CA VAL A 235 -18.47 30.10 13.42
C VAL A 235 -19.06 28.76 13.02
N LEU A 236 -18.44 28.12 12.02
CA LEU A 236 -18.82 26.83 11.48
C LEU A 236 -18.10 25.72 12.27
N TRP A 237 -18.81 24.63 12.56
CA TRP A 237 -18.27 23.50 13.33
C TRP A 237 -18.75 22.16 12.74
N THR A 238 -17.85 21.18 12.53
CA THR A 238 -18.29 19.89 11.96
C THR A 238 -18.58 18.84 13.05
N GLY A 239 -18.32 19.17 14.32
CA GLY A 239 -18.54 18.28 15.45
C GLY A 239 -17.26 17.68 16.02
N PRO A 240 -17.32 16.48 16.67
CA PRO A 240 -16.09 15.90 17.27
C PRO A 240 -15.02 15.46 16.30
N LYS A 241 -15.44 15.07 15.08
CA LYS A 241 -14.58 14.63 13.96
C LYS A 241 -15.06 15.40 12.68
N VAL A 242 -14.41 15.15 11.53
CA VAL A 242 -14.79 15.77 10.24
C VAL A 242 -16.20 15.18 9.87
N VAL A 243 -16.27 13.84 9.80
CA VAL A 243 -17.50 13.10 9.52
C VAL A 243 -17.86 12.56 10.90
N SER A 244 -18.74 13.25 11.61
CA SER A 244 -19.08 12.80 12.95
C SER A 244 -20.11 11.68 12.96
N LYS A 245 -19.85 10.60 13.72
CA LYS A 245 -20.78 9.47 13.84
C LYS A 245 -21.95 9.91 14.72
N GLU A 246 -21.67 10.84 15.62
CA GLU A 246 -22.61 11.46 16.55
C GLU A 246 -22.07 12.84 16.88
N ILE A 247 -22.95 13.78 17.17
CA ILE A 247 -22.55 15.13 17.58
C ILE A 247 -23.26 15.29 18.93
N PRO A 248 -22.61 14.90 20.06
CA PRO A 248 -23.29 14.99 21.36
C PRO A 248 -23.66 16.39 21.79
N VAL A 249 -24.74 16.51 22.56
CA VAL A 249 -25.22 17.80 23.06
C VAL A 249 -24.14 18.44 23.95
N GLU A 250 -23.26 17.59 24.57
CA GLU A 250 -22.15 18.03 25.43
C GLU A 250 -21.04 18.61 24.54
N SER A 251 -20.69 17.88 23.45
CA SER A 251 -19.66 18.26 22.48
C SER A 251 -19.79 19.73 22.09
N ILE A 252 -20.97 20.15 21.62
CA ILE A 252 -21.23 21.52 21.14
C ILE A 252 -21.30 22.53 22.31
N GLU A 253 -21.87 22.13 23.49
CA GLU A 253 -21.97 23.02 24.67
C GLU A 253 -20.60 23.51 25.11
N GLU A 254 -19.61 22.61 25.01
CA GLU A 254 -18.21 22.78 25.31
C GLU A 254 -17.56 23.69 24.27
N VAL A 255 -17.94 23.57 22.98
CA VAL A 255 -17.39 24.41 21.89
C VAL A 255 -17.87 25.84 22.04
N SER A 256 -19.20 26.03 22.25
CA SER A 256 -19.87 27.31 22.42
C SER A 256 -19.25 28.13 23.55
N LYS A 257 -18.64 27.45 24.56
CA LYS A 257 -17.97 28.05 25.71
C LYS A 257 -16.71 28.81 25.26
N ILE A 258 -15.86 28.18 24.40
CA ILE A 258 -14.60 28.73 23.87
C ILE A 258 -14.80 29.81 22.80
N ILE A 259 -15.74 29.59 21.86
CA ILE A 259 -16.04 30.52 20.77
C ILE A 259 -17.03 31.62 21.23
N LYS A 260 -17.56 31.51 22.47
CA LYS A 260 -18.48 32.45 23.13
C LYS A 260 -19.73 32.75 22.29
N ARG A 261 -20.26 31.70 21.61
CA ARG A 261 -21.45 31.71 20.74
C ARG A 261 -21.83 30.28 20.26
N ALA A 262 -23.10 30.10 19.84
CA ALA A 262 -23.62 28.84 19.32
C ALA A 262 -23.09 28.70 17.87
N PRO A 263 -22.57 27.51 17.49
CA PRO A 263 -21.98 27.35 16.15
C PRO A 263 -22.97 26.94 15.08
N VAL A 264 -22.57 27.08 13.83
CA VAL A 264 -23.37 26.64 12.70
C VAL A 264 -22.74 25.31 12.33
N ILE A 265 -23.53 24.25 12.16
CA ILE A 265 -22.88 22.98 11.85
C ILE A 265 -22.70 22.82 10.35
N TRP A 266 -21.50 22.43 9.92
CA TRP A 266 -21.21 22.14 8.52
C TRP A 266 -21.05 20.62 8.63
N ASP A 267 -22.18 19.93 8.60
CA ASP A 267 -22.26 18.48 8.75
C ASP A 267 -21.72 17.74 7.53
N ASN A 268 -20.90 16.69 7.76
CA ASN A 268 -20.31 15.85 6.70
C ASN A 268 -20.80 14.41 6.76
N ILE A 269 -21.95 14.20 7.42
CA ILE A 269 -22.59 12.88 7.53
C ILE A 269 -22.73 12.22 6.12
N HIS A 270 -23.34 12.92 5.14
CA HIS A 270 -23.54 12.39 3.79
C HIS A 270 -22.43 12.79 2.77
N ALA A 271 -21.30 13.35 3.23
CA ALA A 271 -20.17 13.76 2.37
C ALA A 271 -19.51 12.53 1.84
N ASN A 272 -19.17 12.51 0.55
CA ASN A 272 -18.57 11.32 -0.04
C ASN A 272 -17.38 11.60 -0.95
N ASP A 273 -16.80 12.81 -0.86
CA ASP A 273 -15.64 13.22 -1.68
C ASP A 273 -14.33 12.49 -1.35
N TYR A 274 -14.16 12.06 -0.08
CA TYR A 274 -12.96 11.35 0.40
C TYR A 274 -12.83 9.86 -0.01
N ASP A 275 -13.66 9.36 -0.96
CA ASP A 275 -13.61 7.96 -1.42
C ASP A 275 -14.48 7.70 -2.66
N GLN A 276 -13.82 7.39 -3.80
CA GLN A 276 -14.49 7.15 -5.07
C GLN A 276 -15.55 6.05 -5.01
N LYS A 277 -15.32 5.04 -4.17
CA LYS A 277 -16.18 3.89 -4.03
C LYS A 277 -17.38 4.07 -3.10
N ARG A 278 -17.55 5.25 -2.48
CA ARG A 278 -18.68 5.41 -1.55
C ARG A 278 -19.69 6.51 -1.93
N LEU A 279 -20.96 6.22 -1.65
CA LEU A 279 -22.18 7.01 -1.84
C LEU A 279 -23.00 6.88 -0.55
N PHE A 280 -23.80 7.89 -0.20
CA PHE A 280 -24.58 7.80 1.03
C PHE A 280 -26.00 8.24 0.85
N LEU A 281 -26.91 7.26 0.83
CA LEU A 281 -28.36 7.46 0.66
C LEU A 281 -29.13 7.17 1.94
N GLY A 282 -28.41 6.97 3.05
CA GLY A 282 -29.00 6.68 4.35
C GLY A 282 -29.67 7.89 4.98
N PRO A 283 -30.28 7.73 6.16
CA PRO A 283 -30.95 8.89 6.78
C PRO A 283 -30.02 9.75 7.60
N TYR A 284 -30.48 10.97 8.00
CA TYR A 284 -29.74 11.88 8.87
C TYR A 284 -29.74 11.17 10.25
N LYS A 285 -28.55 10.81 10.78
CA LYS A 285 -28.44 10.07 12.03
C LYS A 285 -27.21 10.44 12.91
N GLY A 286 -27.43 10.61 14.20
CA GLY A 286 -26.38 10.94 15.17
C GLY A 286 -26.56 12.26 15.88
N ARG A 287 -27.33 13.19 15.28
CA ARG A 287 -27.56 14.53 15.83
C ARG A 287 -28.91 14.60 16.50
N SER A 288 -28.92 14.70 17.85
CA SER A 288 -30.12 14.81 18.66
C SER A 288 -30.97 16.02 18.24
N THR A 289 -32.30 15.89 18.20
CA THR A 289 -33.18 17.02 17.85
C THR A 289 -33.08 18.10 18.94
N GLU A 290 -32.39 17.79 20.07
CA GLU A 290 -32.17 18.67 21.22
C GLU A 290 -31.12 19.71 20.96
N LEU A 291 -30.29 19.45 19.93
CA LEU A 291 -29.16 20.24 19.42
C LEU A 291 -29.63 21.56 18.80
N ILE A 292 -30.79 21.59 18.10
CA ILE A 292 -31.36 22.77 17.42
C ILE A 292 -31.41 24.04 18.35
N PRO A 293 -31.98 24.03 19.60
CA PRO A 293 -31.96 25.25 20.43
C PRO A 293 -30.56 25.64 20.94
N ARG A 294 -29.52 24.90 20.53
CA ARG A 294 -28.13 25.12 20.95
C ARG A 294 -27.20 25.55 19.78
N LEU A 295 -27.74 25.59 18.57
CA LEU A 295 -27.01 25.96 17.35
C LEU A 295 -27.70 27.14 16.65
N LYS A 296 -26.90 27.88 15.86
CA LYS A 296 -27.41 28.99 15.06
C LYS A 296 -27.69 28.47 13.65
N GLY A 297 -27.38 27.18 13.43
CA GLY A 297 -27.61 26.50 12.16
C GLY A 297 -27.08 25.07 12.02
N VAL A 298 -27.40 24.44 10.88
CA VAL A 298 -26.99 23.11 10.41
C VAL A 298 -27.03 23.19 8.88
N LEU A 299 -25.90 22.95 8.22
CA LEU A 299 -25.78 22.99 6.76
C LEU A 299 -25.11 21.69 6.34
N THR A 300 -25.86 20.79 5.68
CA THR A 300 -25.27 19.52 5.26
C THR A 300 -24.41 19.65 4.00
N ASN A 301 -23.22 19.04 4.06
CA ASN A 301 -22.27 18.93 2.95
C ASN A 301 -22.52 17.50 2.45
N PRO A 302 -23.29 17.31 1.35
CA PRO A 302 -23.66 15.95 0.93
C PRO A 302 -22.79 15.35 -0.18
N ASN A 303 -23.29 14.31 -0.89
CA ASN A 303 -22.55 13.64 -1.96
C ASN A 303 -22.32 14.60 -3.11
N CYS A 304 -21.18 14.43 -3.81
CA CYS A 304 -20.79 15.22 -4.97
C CYS A 304 -21.85 15.12 -6.07
N GLU A 305 -22.53 13.97 -6.16
CA GLU A 305 -23.58 13.75 -7.18
C GLU A 305 -24.89 14.27 -6.64
N PHE A 306 -25.33 15.40 -7.23
CA PHE A 306 -26.51 16.19 -6.88
C PHE A 306 -27.82 15.38 -6.71
N GLU A 307 -28.10 14.44 -7.63
CA GLU A 307 -29.28 13.56 -7.64
C GLU A 307 -29.28 12.48 -6.56
N ALA A 308 -28.10 12.17 -6.00
CA ALA A 308 -27.94 11.16 -4.94
C ALA A 308 -28.07 11.77 -3.55
N ASN A 309 -28.61 13.03 -3.47
CA ASN A 309 -28.76 13.77 -2.21
C ASN A 309 -30.19 13.96 -1.75
N TYR A 310 -31.19 13.32 -2.42
CA TYR A 310 -32.61 13.43 -2.06
C TYR A 310 -32.83 13.04 -0.60
N VAL A 311 -32.55 11.78 -0.24
CA VAL A 311 -32.72 11.29 1.13
C VAL A 311 -31.94 12.17 2.10
N ALA A 312 -30.64 12.43 1.79
CA ALA A 312 -29.73 13.28 2.55
C ALA A 312 -30.37 14.61 3.02
N ILE A 313 -30.98 15.37 2.08
CA ILE A 313 -31.62 16.68 2.34
C ILE A 313 -33.08 16.51 2.82
N HIS A 314 -33.75 15.43 2.40
CA HIS A 314 -35.13 15.17 2.79
C HIS A 314 -35.16 14.91 4.29
N THR A 315 -34.40 13.88 4.75
CA THR A 315 -34.28 13.45 6.16
C THR A 315 -33.87 14.61 7.07
N LEU A 316 -32.90 15.48 6.64
CA LEU A 316 -32.46 16.65 7.40
C LEU A 316 -33.66 17.54 7.74
N ALA A 317 -34.47 17.89 6.71
CA ALA A 317 -35.67 18.73 6.84
C ALA A 317 -36.69 18.16 7.81
N THR A 318 -36.86 16.81 7.84
CA THR A 318 -37.79 16.11 8.75
C THR A 318 -37.30 16.34 10.19
N TRP A 319 -35.95 16.34 10.37
CA TRP A 319 -35.24 16.56 11.63
C TRP A 319 -35.34 18.02 12.12
N TYR A 320 -35.16 19.00 11.21
CA TYR A 320 -35.24 20.42 11.55
C TYR A 320 -36.67 20.81 11.94
N LYS A 321 -37.67 20.34 11.18
CA LYS A 321 -39.07 20.63 11.43
C LYS A 321 -39.63 19.93 12.69
N SER A 322 -39.06 18.76 13.09
CA SER A 322 -39.50 18.03 14.28
C SER A 322 -39.25 18.74 15.61
N ASN A 323 -38.33 19.73 15.65
CA ASN A 323 -38.02 20.52 16.85
C ASN A 323 -37.47 21.90 16.49
N MET A 324 -38.29 22.72 15.81
CA MET A 324 -37.86 24.07 15.42
C MET A 324 -38.35 25.15 16.41
N ASN A 325 -38.68 24.72 17.66
CA ASN A 325 -39.15 25.51 18.80
C ASN A 325 -38.81 24.66 20.05
N GLY A 326 -37.77 25.06 20.79
CA GLY A 326 -37.34 24.29 21.97
C GLY A 326 -36.81 25.03 23.17
N VAL A 327 -36.08 24.28 24.04
CA VAL A 327 -35.46 24.69 25.30
C VAL A 327 -33.92 24.66 25.15
N ARG A 328 -33.22 25.72 25.62
CA ARG A 328 -31.76 25.86 25.57
C ARG A 328 -31.08 25.01 26.68
N ASP A 359 -34.60 9.18 20.81
CA ASP A 359 -35.06 10.50 20.37
C ASP A 359 -36.59 10.51 20.23
N VAL A 360 -37.25 11.32 21.07
CA VAL A 360 -38.71 11.47 21.17
C VAL A 360 -39.34 12.18 19.93
N LEU A 361 -38.62 13.13 19.32
CA LEU A 361 -39.15 13.92 18.20
C LEU A 361 -38.83 13.39 16.79
N TYR A 362 -37.72 12.64 16.62
CA TYR A 362 -37.28 12.15 15.32
C TYR A 362 -36.65 10.75 15.35
N SER A 363 -36.84 9.95 14.28
CA SER A 363 -36.26 8.61 14.13
C SER A 363 -35.74 8.43 12.70
N PRO A 364 -34.42 8.19 12.50
CA PRO A 364 -33.90 8.02 11.14
C PRO A 364 -34.65 7.00 10.28
N GLN A 365 -34.99 5.81 10.84
CA GLN A 365 -35.72 4.72 10.16
C GLN A 365 -37.06 5.19 9.54
N MET A 366 -37.78 6.06 10.28
CA MET A 366 -39.06 6.65 9.92
C MET A 366 -38.92 7.71 8.87
N ALA A 367 -37.98 8.66 9.07
CA ALA A 367 -37.72 9.76 8.13
C ALA A 367 -37.18 9.20 6.81
N LEU A 368 -36.36 8.11 6.90
CA LEU A 368 -35.80 7.39 5.75
C LEU A 368 -36.94 6.83 4.90
N LYS A 369 -37.93 6.15 5.54
CA LYS A 369 -39.08 5.55 4.85
C LYS A 369 -39.89 6.64 4.14
N LEU A 370 -40.12 7.78 4.81
CA LEU A 370 -40.85 8.91 4.24
C LEU A 370 -40.10 9.51 3.02
N ALA A 371 -38.74 9.61 3.09
CA ALA A 371 -37.87 10.13 2.04
C ALA A 371 -37.87 9.23 0.79
N LEU A 372 -37.62 7.91 0.95
CA LEU A 372 -37.59 6.94 -0.17
C LEU A 372 -38.96 6.82 -0.86
N THR A 373 -40.06 6.96 -0.08
CA THR A 373 -41.46 6.92 -0.51
C THR A 373 -41.78 8.01 -1.56
N GLU A 374 -41.22 9.22 -1.37
CA GLU A 374 -41.40 10.37 -2.24
C GLU A 374 -40.40 10.33 -3.39
N TRP A 375 -39.19 9.83 -3.08
CA TRP A 375 -38.09 9.68 -4.04
C TRP A 375 -38.50 8.70 -5.12
N LEU A 376 -39.24 7.64 -4.75
CA LEU A 376 -39.74 6.58 -5.62
C LEU A 376 -40.50 7.11 -6.85
N GLN A 377 -41.39 8.09 -6.64
CA GLN A 377 -42.20 8.71 -7.70
C GLN A 377 -41.31 9.48 -8.69
N GLU A 378 -40.21 10.09 -8.18
CA GLU A 378 -39.26 10.87 -8.98
C GLU A 378 -38.61 10.00 -10.05
N PHE A 379 -38.27 8.73 -9.69
CA PHE A 379 -37.67 7.72 -10.57
C PHE A 379 -38.58 7.30 -11.75
N GLY A 380 -39.89 7.54 -11.60
CA GLY A 380 -40.90 7.21 -12.59
C GLY A 380 -41.21 8.30 -13.59
N VAL A 381 -40.82 9.57 -13.27
CA VAL A 381 -41.03 10.76 -14.14
C VAL A 381 -39.97 10.73 -15.26
N PRO A 382 -40.35 10.74 -16.55
CA PRO A 382 -39.34 10.70 -17.61
C PRO A 382 -38.45 11.93 -17.65
N HIS A 383 -37.16 11.73 -17.36
CA HIS A 383 -36.18 12.80 -17.42
C HIS A 383 -35.02 12.28 -18.20
N GLN A 384 -34.79 12.89 -19.36
CA GLN A 384 -33.74 12.51 -20.26
C GLN A 384 -32.45 13.21 -19.84
N TYR A 385 -31.32 12.51 -19.98
CA TYR A 385 -30.01 13.05 -19.62
C TYR A 385 -29.54 14.20 -20.54
N ARG B 47 -4.92 5.98 -48.60
CA ARG B 47 -5.69 6.65 -47.54
C ARG B 47 -5.08 6.39 -46.15
N PHE B 48 -5.00 7.45 -45.33
CA PHE B 48 -4.43 7.36 -43.99
C PHE B 48 -5.28 8.15 -43.02
N LEU B 49 -5.74 7.49 -41.95
CA LEU B 49 -6.57 8.14 -40.94
C LEU B 49 -5.68 8.62 -39.84
N CYS B 50 -5.54 9.93 -39.75
CA CYS B 50 -4.70 10.51 -38.73
C CYS B 50 -5.50 11.57 -38.00
N GLY B 51 -5.49 11.45 -36.68
CA GLY B 51 -6.21 12.39 -35.84
C GLY B 51 -6.23 11.99 -34.38
N VAL B 52 -7.35 12.30 -33.73
CA VAL B 52 -7.58 12.05 -32.30
C VAL B 52 -8.66 11.00 -32.01
N VAL B 53 -8.54 10.36 -30.87
CA VAL B 53 -9.49 9.41 -30.35
C VAL B 53 -9.81 9.84 -28.92
N GLU B 54 -11.04 10.27 -28.70
CA GLU B 54 -11.44 10.63 -27.34
C GLU B 54 -11.91 9.27 -26.83
N GLY B 55 -11.00 8.51 -26.23
CA GLY B 55 -11.33 7.16 -25.74
C GLY B 55 -10.84 6.83 -24.35
N PHE B 56 -10.66 7.86 -23.54
CA PHE B 56 -10.17 7.76 -22.18
C PHE B 56 -11.27 7.56 -21.14
N TYR B 57 -10.86 7.07 -19.96
CA TYR B 57 -11.72 6.88 -18.79
C TYR B 57 -11.75 8.25 -18.12
N GLY B 58 -12.90 8.64 -17.61
CA GLY B 58 -13.03 9.94 -16.97
C GLY B 58 -14.00 10.81 -17.72
N ARG B 59 -14.10 12.08 -17.30
CA ARG B 59 -15.01 13.09 -17.86
C ARG B 59 -14.85 13.27 -19.38
N PRO B 60 -15.92 13.00 -20.16
CA PRO B 60 -15.84 13.16 -21.61
C PRO B 60 -15.87 14.65 -21.95
N TRP B 61 -15.37 15.00 -23.17
CA TRP B 61 -15.32 16.38 -23.63
C TRP B 61 -16.69 16.90 -23.98
N VAL B 62 -16.85 18.21 -23.90
CA VAL B 62 -18.10 18.85 -24.24
C VAL B 62 -18.15 19.05 -25.76
N MET B 63 -19.34 19.34 -26.27
CA MET B 63 -19.54 19.55 -27.68
C MET B 63 -18.71 20.73 -28.21
N GLU B 64 -18.59 21.82 -27.40
CA GLU B 64 -17.81 23.04 -27.72
C GLU B 64 -16.34 22.71 -27.98
N GLN B 65 -15.74 21.87 -27.10
CA GLN B 65 -14.36 21.41 -27.17
C GLN B 65 -14.19 20.49 -28.40
N ARG B 66 -15.15 19.57 -28.61
CA ARG B 66 -15.09 18.67 -29.76
C ARG B 66 -15.14 19.44 -31.10
N LYS B 67 -15.82 20.61 -31.16
CA LYS B 67 -15.92 21.42 -32.38
C LYS B 67 -14.60 22.14 -32.63
N GLU B 68 -14.04 22.81 -31.58
CA GLU B 68 -12.75 23.53 -31.64
C GLU B 68 -11.64 22.54 -32.04
N LEU B 69 -11.76 21.27 -31.62
CA LEU B 69 -10.81 20.21 -31.95
C LEU B 69 -10.78 19.99 -33.46
N PHE B 70 -11.95 19.97 -34.12
CA PHE B 70 -12.05 19.78 -35.57
C PHE B 70 -11.41 20.96 -36.27
N ARG B 71 -11.44 22.17 -35.61
CA ARG B 71 -10.85 23.40 -36.14
C ARG B 71 -9.34 23.27 -36.10
N ARG B 72 -8.78 22.75 -34.97
CA ARG B 72 -7.34 22.53 -34.76
C ARG B 72 -6.82 21.42 -35.67
N LEU B 73 -7.61 20.33 -35.82
CA LEU B 73 -7.26 19.17 -36.65
C LEU B 73 -7.13 19.60 -38.11
N GLN B 74 -8.15 20.32 -38.63
CA GLN B 74 -8.20 20.85 -40.01
C GLN B 74 -7.04 21.85 -40.24
N LYS B 75 -6.77 22.71 -39.23
CA LYS B 75 -5.70 23.70 -39.24
C LYS B 75 -4.33 22.99 -39.39
N TRP B 76 -4.10 21.92 -38.61
CA TRP B 76 -2.85 21.17 -38.64
C TRP B 76 -2.79 20.02 -39.68
N GLU B 77 -3.72 20.01 -40.66
CA GLU B 77 -3.87 19.07 -41.78
C GLU B 77 -4.17 17.61 -41.39
N LEU B 78 -4.78 17.42 -40.20
CA LEU B 78 -5.19 16.12 -39.69
C LEU B 78 -6.61 15.82 -40.20
N ASN B 79 -7.02 14.56 -40.24
CA ASN B 79 -8.31 14.25 -40.85
C ASN B 79 -9.35 13.44 -40.08
N THR B 80 -8.97 12.72 -39.02
CA THR B 80 -9.94 11.86 -38.35
C THR B 80 -10.17 12.13 -36.87
N TYR B 81 -11.40 11.80 -36.42
CA TYR B 81 -11.87 11.89 -35.05
C TYR B 81 -12.72 10.67 -34.70
N LEU B 82 -12.27 9.88 -33.71
CA LEU B 82 -12.97 8.69 -33.20
C LEU B 82 -13.58 9.00 -31.83
N TYR B 83 -14.93 9.06 -31.78
CA TYR B 83 -15.73 9.34 -30.59
C TYR B 83 -15.88 8.01 -29.80
N ALA B 84 -15.17 7.88 -28.67
CA ALA B 84 -15.15 6.68 -27.83
C ALA B 84 -15.03 7.01 -26.29
N PRO B 85 -15.75 8.01 -25.72
CA PRO B 85 -15.59 8.26 -24.29
C PRO B 85 -16.05 7.04 -23.48
N LYS B 86 -15.12 6.44 -22.72
CA LYS B 86 -15.40 5.26 -21.90
C LYS B 86 -16.48 5.51 -20.89
N ASP B 87 -16.55 6.73 -20.38
CA ASP B 87 -17.51 7.08 -19.34
C ASP B 87 -18.68 7.92 -19.84
N ASP B 88 -18.97 7.78 -21.14
CA ASP B 88 -20.10 8.39 -21.82
C ASP B 88 -21.03 7.19 -21.83
N TYR B 89 -21.99 7.16 -20.89
CA TYR B 89 -22.88 6.02 -20.67
C TYR B 89 -23.53 5.46 -21.94
N LYS B 90 -23.80 6.28 -22.95
CA LYS B 90 -24.41 5.72 -24.16
C LYS B 90 -23.36 5.07 -25.15
N HIS B 91 -22.09 5.00 -24.75
CA HIS B 91 -21.06 4.37 -25.55
C HIS B 91 -20.71 2.99 -24.97
N ARG B 92 -20.59 2.89 -23.63
CA ARG B 92 -20.24 1.67 -22.92
C ARG B 92 -21.44 1.15 -22.13
N MET B 93 -21.40 1.34 -20.79
CA MET B 93 -22.41 0.91 -19.81
C MET B 93 -23.82 0.76 -20.40
N PHE B 94 -24.48 1.89 -20.75
CA PHE B 94 -25.82 1.90 -21.31
C PHE B 94 -25.84 1.96 -22.84
N TRP B 95 -25.04 1.11 -23.51
CA TRP B 95 -24.97 1.04 -24.97
C TRP B 95 -26.29 0.81 -25.69
N ARG B 96 -27.19 0.08 -25.04
CA ARG B 96 -28.52 -0.27 -25.56
C ARG B 96 -29.46 0.91 -25.62
N GLU B 97 -29.22 1.93 -24.78
CA GLU B 97 -30.05 3.12 -24.64
C GLU B 97 -29.98 4.07 -25.84
N MET B 98 -31.14 4.35 -26.43
CA MET B 98 -31.29 5.25 -27.56
C MET B 98 -31.20 6.69 -27.11
N TYR B 99 -30.83 7.58 -28.04
CA TYR B 99 -30.67 9.01 -27.79
C TYR B 99 -31.98 9.74 -27.65
N SER B 100 -31.99 10.83 -26.85
CA SER B 100 -33.15 11.70 -26.65
C SER B 100 -33.12 12.80 -27.75
N VAL B 101 -34.16 13.66 -27.85
CA VAL B 101 -34.20 14.75 -28.87
C VAL B 101 -32.97 15.66 -28.81
N GLU B 102 -32.72 16.23 -27.61
CA GLU B 102 -31.61 17.13 -27.30
C GLU B 102 -30.26 16.46 -27.67
N GLU B 103 -30.08 15.19 -27.25
CA GLU B 103 -28.88 14.40 -27.52
C GLU B 103 -28.67 14.19 -28.99
N ALA B 104 -29.77 13.94 -29.73
CA ALA B 104 -29.77 13.73 -31.18
C ALA B 104 -29.35 15.03 -31.85
N GLU B 105 -30.00 16.17 -31.45
CA GLU B 105 -29.76 17.54 -31.92
C GLU B 105 -28.27 17.90 -31.74
N GLN B 106 -27.70 17.65 -30.53
CA GLN B 106 -26.29 17.93 -30.23
C GLN B 106 -25.37 17.05 -31.07
N LEU B 107 -25.76 15.79 -31.30
CA LEU B 107 -24.93 14.89 -32.08
C LEU B 107 -24.97 15.23 -33.55
N MET B 108 -26.11 15.81 -33.99
CA MET B 108 -26.38 16.30 -35.34
C MET B 108 -25.48 17.52 -35.61
N THR B 109 -25.48 18.51 -34.68
CA THR B 109 -24.66 19.72 -34.80
C THR B 109 -23.16 19.38 -34.89
N LEU B 110 -22.73 18.38 -34.11
CA LEU B 110 -21.35 17.94 -34.03
C LEU B 110 -20.88 17.27 -35.29
N ILE B 111 -21.67 16.32 -35.85
CA ILE B 111 -21.32 15.61 -37.09
C ILE B 111 -21.31 16.62 -38.26
N SER B 112 -22.16 17.67 -38.16
CA SER B 112 -22.24 18.78 -39.14
C SER B 112 -20.91 19.52 -39.14
N ALA B 113 -20.44 19.91 -37.92
CA ALA B 113 -19.16 20.62 -37.68
C ALA B 113 -17.98 19.80 -38.15
N ALA B 114 -18.01 18.48 -37.88
CA ALA B 114 -16.97 17.55 -38.27
C ALA B 114 -16.80 17.60 -39.80
N ARG B 115 -17.90 17.34 -40.54
CA ARG B 115 -18.04 17.32 -42.01
C ARG B 115 -17.53 18.65 -42.61
N GLU B 116 -17.92 19.79 -42.00
CA GLU B 116 -17.59 21.17 -42.33
C GLU B 116 -16.08 21.46 -42.23
N TYR B 117 -15.40 20.88 -41.22
CA TYR B 117 -13.97 21.08 -41.07
C TYR B 117 -13.16 19.94 -41.71
N GLU B 118 -13.72 19.30 -42.77
CA GLU B 118 -13.09 18.20 -43.52
C GLU B 118 -12.60 17.04 -42.62
N ILE B 119 -13.19 16.95 -41.40
CA ILE B 119 -12.88 15.95 -40.37
C ILE B 119 -13.85 14.78 -40.44
N GLU B 120 -13.29 13.56 -40.57
CA GLU B 120 -14.03 12.31 -40.59
C GLU B 120 -14.53 12.00 -39.18
N PHE B 121 -15.87 11.92 -38.99
CA PHE B 121 -16.40 11.58 -37.68
C PHE B 121 -16.73 10.11 -37.66
N ILE B 122 -15.92 9.33 -36.90
CA ILE B 122 -16.08 7.87 -36.72
C ILE B 122 -16.76 7.62 -35.35
N TYR B 123 -17.97 7.04 -35.37
CA TYR B 123 -18.75 6.74 -34.17
C TYR B 123 -18.43 5.33 -33.72
N ALA B 124 -18.03 5.20 -32.45
CA ALA B 124 -17.68 3.93 -31.82
C ALA B 124 -18.69 3.55 -30.71
N ILE B 125 -18.84 2.22 -30.47
CA ILE B 125 -19.72 1.63 -29.45
C ILE B 125 -19.05 0.34 -28.87
N SER B 126 -19.12 0.19 -27.54
CA SER B 126 -18.54 -0.92 -26.79
C SER B 126 -19.65 -1.75 -26.11
N PRO B 127 -20.22 -2.76 -26.81
CA PRO B 127 -21.26 -3.57 -26.17
C PRO B 127 -20.73 -4.73 -25.30
N GLY B 128 -19.43 -4.96 -25.35
CA GLY B 128 -18.69 -6.02 -24.68
C GLY B 128 -18.82 -6.33 -23.19
N LEU B 129 -19.10 -5.33 -22.31
CA LEU B 129 -19.22 -5.64 -20.88
C LEU B 129 -20.37 -6.60 -20.60
N ASP B 130 -21.51 -6.53 -21.38
CA ASP B 130 -22.65 -7.43 -21.17
C ASP B 130 -23.46 -7.82 -22.44
N ILE B 131 -22.91 -7.71 -23.64
CA ILE B 131 -23.66 -8.16 -24.81
C ILE B 131 -23.69 -9.71 -24.74
N THR B 132 -24.79 -10.31 -25.27
CA THR B 132 -25.03 -11.74 -25.41
C THR B 132 -24.90 -11.87 -26.93
N PHE B 133 -23.77 -12.39 -27.40
CA PHE B 133 -23.46 -12.46 -28.83
C PHE B 133 -24.45 -13.28 -29.68
N SER B 134 -25.06 -14.29 -29.09
CA SER B 134 -26.02 -15.19 -29.76
C SER B 134 -27.42 -14.59 -29.89
N ASN B 135 -27.82 -13.71 -28.96
CA ASN B 135 -29.14 -13.10 -28.95
C ASN B 135 -29.37 -12.14 -30.12
N PRO B 136 -30.32 -12.43 -31.06
CA PRO B 136 -30.55 -11.50 -32.18
C PRO B 136 -31.26 -10.20 -31.77
N LYS B 137 -31.68 -10.11 -30.46
CA LYS B 137 -32.32 -8.94 -29.83
C LYS B 137 -31.19 -7.95 -29.45
N GLU B 138 -30.02 -8.47 -29.08
CA GLU B 138 -28.84 -7.68 -28.74
C GLU B 138 -28.26 -7.09 -30.02
N VAL B 139 -28.23 -7.87 -31.11
CA VAL B 139 -27.73 -7.41 -32.41
C VAL B 139 -28.74 -6.44 -33.05
N SER B 140 -30.08 -6.73 -32.94
CA SER B 140 -31.15 -5.86 -33.45
C SER B 140 -31.01 -4.48 -32.80
N THR B 141 -30.63 -4.44 -31.48
CA THR B 141 -30.42 -3.22 -30.66
C THR B 141 -29.20 -2.45 -31.12
N LEU B 142 -28.14 -3.16 -31.50
CA LEU B 142 -26.90 -2.58 -31.98
C LEU B 142 -27.15 -1.92 -33.34
N LYS B 143 -27.99 -2.56 -34.21
CA LYS B 143 -28.36 -2.04 -35.54
C LYS B 143 -29.26 -0.80 -35.44
N ARG B 144 -30.20 -0.77 -34.47
CA ARG B 144 -31.13 0.35 -34.21
C ARG B 144 -30.38 1.61 -33.76
N LYS B 145 -29.42 1.43 -32.83
CA LYS B 145 -28.61 2.49 -32.27
C LYS B 145 -27.67 3.04 -33.32
N LEU B 146 -27.00 2.16 -34.12
CA LEU B 146 -26.11 2.67 -35.19
C LEU B 146 -26.95 3.27 -36.34
N ASP B 147 -28.23 2.84 -36.50
CA ASP B 147 -29.17 3.35 -37.52
C ASP B 147 -29.51 4.79 -37.12
N GLN B 148 -29.84 5.00 -35.82
CA GLN B 148 -30.15 6.31 -35.24
C GLN B 148 -28.96 7.25 -35.44
N VAL B 149 -27.73 6.76 -35.21
CA VAL B 149 -26.49 7.54 -35.41
C VAL B 149 -26.28 7.88 -36.92
N SER B 150 -26.55 6.96 -37.87
CA SER B 150 -26.41 7.28 -39.29
C SER B 150 -27.41 8.34 -39.77
N GLN B 151 -28.57 8.48 -39.06
CA GLN B 151 -29.60 9.48 -39.34
C GLN B 151 -29.07 10.86 -38.94
N PHE B 152 -28.04 10.89 -38.06
CA PHE B 152 -27.38 12.11 -37.58
C PHE B 152 -26.28 12.59 -38.55
N GLY B 153 -26.13 11.90 -39.67
CA GLY B 153 -25.15 12.23 -40.69
C GLY B 153 -23.85 11.46 -40.59
N CYS B 154 -23.82 10.43 -39.71
CA CYS B 154 -22.62 9.61 -39.51
C CYS B 154 -22.51 8.54 -40.54
N ARG B 155 -21.36 8.51 -41.23
CA ARG B 155 -21.12 7.51 -42.28
C ARG B 155 -20.05 6.51 -41.83
N SER B 156 -19.14 6.91 -40.92
CA SER B 156 -18.06 6.07 -40.41
C SER B 156 -18.41 5.50 -39.03
N PHE B 157 -18.03 4.22 -38.75
CA PHE B 157 -18.35 3.59 -37.46
C PHE B 157 -17.24 2.67 -36.89
N ALA B 158 -17.46 2.13 -35.66
CA ALA B 158 -16.55 1.21 -34.95
C ALA B 158 -17.24 0.36 -33.87
N LEU B 159 -16.67 -0.84 -33.61
CA LEU B 159 -17.09 -1.77 -32.55
C LEU B 159 -15.83 -2.12 -31.72
N LEU B 160 -15.81 -1.64 -30.46
CA LEU B 160 -14.69 -1.82 -29.53
C LEU B 160 -14.96 -2.94 -28.51
N PHE B 161 -13.98 -3.85 -28.32
CA PHE B 161 -14.04 -5.00 -27.43
C PHE B 161 -12.70 -5.06 -26.66
N ASP B 162 -12.24 -3.88 -26.26
CA ASP B 162 -10.97 -3.58 -25.62
C ASP B 162 -10.81 -3.97 -24.12
N ASP B 163 -11.60 -3.40 -23.18
CA ASP B 163 -11.28 -3.75 -21.79
C ASP B 163 -12.34 -4.61 -21.11
N ILE B 164 -12.45 -5.83 -21.66
CA ILE B 164 -13.39 -6.88 -21.27
C ILE B 164 -12.64 -8.25 -21.03
N ASP B 165 -13.30 -9.09 -20.24
CA ASP B 165 -12.90 -10.43 -19.86
C ASP B 165 -13.23 -11.35 -21.05
N HIS B 166 -12.42 -12.43 -21.31
CA HIS B 166 -12.64 -13.38 -22.43
C HIS B 166 -13.73 -14.43 -22.19
N ASN B 167 -14.24 -14.55 -20.95
CA ASN B 167 -15.30 -15.48 -20.53
C ASN B 167 -16.63 -15.18 -21.25
N MET B 168 -17.25 -16.20 -21.83
CA MET B 168 -18.53 -16.06 -22.52
C MET B 168 -19.64 -16.76 -21.74
N CYS B 169 -20.87 -16.20 -21.75
CA CYS B 169 -22.00 -16.82 -21.07
C CYS B 169 -22.38 -18.11 -21.78
N ALA B 170 -22.70 -19.16 -21.03
CA ALA B 170 -23.08 -20.51 -21.50
C ALA B 170 -23.78 -20.56 -22.89
N ALA B 171 -24.69 -19.63 -23.13
CA ALA B 171 -25.47 -19.47 -24.34
C ALA B 171 -24.60 -19.14 -25.57
N ASP B 172 -23.54 -18.33 -25.38
CA ASP B 172 -22.59 -17.92 -26.43
C ASP B 172 -21.56 -19.03 -26.65
N LYS B 173 -21.34 -19.89 -25.65
CA LYS B 173 -20.42 -21.03 -25.73
C LYS B 173 -21.09 -22.11 -26.60
N GLU B 174 -22.40 -22.32 -26.43
CA GLU B 174 -23.22 -23.27 -27.17
C GLU B 174 -23.32 -22.85 -28.68
N VAL B 175 -23.40 -21.52 -28.93
CA VAL B 175 -23.51 -20.93 -30.26
C VAL B 175 -22.14 -20.66 -30.92
N PHE B 176 -21.18 -20.01 -30.22
CA PHE B 176 -19.86 -19.68 -30.78
C PHE B 176 -18.70 -20.53 -30.23
N SER B 177 -17.83 -20.99 -31.18
CA SER B 177 -16.65 -21.84 -30.97
C SER B 177 -15.47 -21.19 -30.24
N SER B 178 -15.52 -19.85 -30.03
CA SER B 178 -14.53 -19.02 -29.30
C SER B 178 -14.96 -17.55 -29.19
N PHE B 179 -14.31 -16.79 -28.26
CA PHE B 179 -14.58 -15.37 -28.03
C PHE B 179 -14.42 -14.61 -29.34
N ALA B 180 -13.24 -14.79 -30.00
CA ALA B 180 -12.87 -14.20 -31.28
C ALA B 180 -13.92 -14.42 -32.38
N HIS B 181 -14.61 -15.58 -32.39
CA HIS B 181 -15.66 -15.82 -33.40
C HIS B 181 -16.91 -14.98 -33.08
N ALA B 182 -17.31 -14.90 -31.79
CA ALA B 182 -18.46 -14.11 -31.30
C ALA B 182 -18.38 -12.64 -31.76
N GLN B 183 -17.20 -11.96 -31.57
CA GLN B 183 -17.03 -10.57 -31.98
C GLN B 183 -17.02 -10.42 -33.49
N VAL B 184 -16.26 -11.28 -34.20
CA VAL B 184 -16.11 -11.26 -35.67
C VAL B 184 -17.48 -11.46 -36.35
N SER B 185 -18.25 -12.47 -35.89
CA SER B 185 -19.60 -12.73 -36.41
C SER B 185 -20.52 -11.52 -36.21
N ILE B 186 -20.51 -10.92 -34.99
CA ILE B 186 -21.33 -9.76 -34.68
C ILE B 186 -20.83 -8.52 -35.43
N THR B 187 -19.50 -8.34 -35.59
CA THR B 187 -18.90 -7.19 -36.28
C THR B 187 -19.18 -7.25 -37.80
N ASN B 188 -18.97 -8.43 -38.42
CA ASN B 188 -19.20 -8.63 -39.85
C ASN B 188 -20.67 -8.48 -40.25
N GLU B 189 -21.62 -8.84 -39.35
CA GLU B 189 -23.06 -8.73 -39.57
C GLU B 189 -23.45 -7.26 -39.59
N ILE B 190 -22.94 -6.48 -38.60
CA ILE B 190 -23.15 -5.04 -38.38
C ILE B 190 -22.60 -4.25 -39.57
N TYR B 191 -21.30 -4.45 -39.91
CA TYR B 191 -20.63 -3.78 -41.04
C TYR B 191 -21.46 -3.98 -42.32
N GLN B 192 -21.78 -5.24 -42.65
CA GLN B 192 -22.59 -5.57 -43.82
C GLN B 192 -23.95 -4.87 -43.71
N TYR B 193 -24.66 -5.00 -42.54
CA TYR B 193 -25.95 -4.35 -42.31
C TYR B 193 -25.90 -2.87 -42.62
N LEU B 194 -24.86 -2.17 -42.12
CA LEU B 194 -24.64 -0.72 -42.33
C LEU B 194 -24.19 -0.42 -43.78
N GLY B 195 -24.43 -1.36 -44.68
CA GLY B 195 -24.10 -1.25 -46.09
C GLY B 195 -22.64 -1.13 -46.37
N GLU B 196 -21.80 -1.80 -45.54
CA GLU B 196 -20.32 -1.84 -45.62
C GLU B 196 -19.70 -0.45 -45.70
N PRO B 197 -19.79 0.36 -44.61
CA PRO B 197 -19.24 1.73 -44.66
C PRO B 197 -17.77 1.75 -45.00
N GLU B 198 -17.30 2.77 -45.76
CA GLU B 198 -15.88 2.90 -46.13
C GLU B 198 -15.03 2.82 -44.90
N THR B 199 -15.30 3.65 -43.88
CA THR B 199 -14.50 3.54 -42.67
C THR B 199 -15.27 2.81 -41.57
N PHE B 200 -14.84 1.58 -41.30
CA PHE B 200 -15.35 0.73 -40.25
C PHE B 200 -14.12 0.19 -39.57
N LEU B 201 -14.05 0.43 -38.26
CA LEU B 201 -12.97 0.06 -37.36
C LEU B 201 -13.47 -1.03 -36.43
N PHE B 202 -12.54 -1.86 -35.93
CA PHE B 202 -12.79 -2.95 -35.00
C PHE B 202 -11.73 -2.91 -33.94
N CYS B 203 -12.11 -2.91 -32.65
CA CYS B 203 -11.06 -2.94 -31.64
C CYS B 203 -11.02 -4.26 -30.84
N PRO B 204 -9.92 -5.04 -31.01
CA PRO B 204 -9.79 -6.31 -30.29
C PRO B 204 -9.59 -6.22 -28.77
N THR B 205 -9.81 -7.37 -28.10
CA THR B 205 -9.64 -7.56 -26.66
C THR B 205 -8.14 -7.60 -26.36
N GLU B 206 -7.38 -8.21 -27.31
CA GLU B 206 -5.94 -8.38 -27.33
C GLU B 206 -5.46 -7.33 -28.33
N TYR B 207 -5.50 -6.05 -27.88
CA TYR B 207 -5.15 -4.88 -28.69
C TYR B 207 -3.69 -4.48 -28.67
N CYS B 208 -2.83 -5.18 -27.90
CA CYS B 208 -1.40 -4.91 -27.78
C CYS B 208 -0.64 -6.21 -27.53
N GLY B 209 0.66 -6.21 -27.85
CA GLY B 209 1.56 -7.36 -27.68
C GLY B 209 1.40 -8.09 -26.36
N THR B 210 1.47 -7.33 -25.25
CA THR B 210 1.32 -7.84 -23.89
C THR B 210 -0.05 -8.53 -23.61
N PHE B 211 -1.14 -8.07 -24.27
CA PHE B 211 -2.48 -8.63 -24.07
C PHE B 211 -2.70 -9.95 -24.81
N CYS B 212 -1.84 -10.24 -25.80
CA CYS B 212 -1.89 -11.44 -26.62
C CYS B 212 -1.47 -12.69 -25.85
N TYR B 213 -2.36 -13.71 -25.88
CA TYR B 213 -2.24 -15.02 -25.22
C TYR B 213 -2.08 -16.13 -26.29
N PRO B 214 -0.94 -16.88 -26.38
CA PRO B 214 0.27 -16.80 -25.55
C PRO B 214 1.21 -15.67 -25.94
N ASN B 215 1.32 -15.39 -27.26
CA ASN B 215 2.16 -14.34 -27.86
C ASN B 215 1.42 -13.74 -29.08
N VAL B 216 2.04 -12.80 -29.83
CA VAL B 216 1.39 -12.16 -30.99
C VAL B 216 1.26 -13.12 -32.18
N SER B 217 2.34 -13.82 -32.56
CA SER B 217 2.30 -14.73 -33.71
C SER B 217 1.51 -16.02 -33.48
N GLN B 218 1.42 -16.50 -32.23
CA GLN B 218 0.71 -17.74 -31.92
C GLN B 218 -0.69 -17.53 -31.33
N SER B 219 -1.14 -16.27 -31.15
CA SER B 219 -2.45 -15.96 -30.59
C SER B 219 -3.60 -16.60 -31.40
N PRO B 220 -4.40 -17.52 -30.82
CA PRO B 220 -5.51 -18.12 -31.60
C PRO B 220 -6.66 -17.14 -31.84
N TYR B 221 -6.76 -16.10 -30.96
CA TYR B 221 -7.74 -15.02 -30.98
C TYR B 221 -7.47 -14.12 -32.17
N LEU B 222 -6.23 -13.60 -32.29
CA LEU B 222 -5.85 -12.74 -33.41
C LEU B 222 -5.95 -13.54 -34.71
N ARG B 223 -5.52 -14.83 -34.68
CA ARG B 223 -5.55 -15.77 -35.80
C ARG B 223 -6.90 -15.71 -36.47
N THR B 224 -7.98 -15.84 -35.66
CA THR B 224 -9.39 -15.81 -36.04
C THR B 224 -9.78 -14.42 -36.52
N VAL B 225 -9.27 -13.35 -35.85
CA VAL B 225 -9.59 -11.96 -36.22
C VAL B 225 -9.12 -11.70 -37.66
N GLY B 226 -7.87 -11.96 -37.97
CA GLY B 226 -7.30 -11.77 -39.31
C GLY B 226 -7.88 -12.63 -40.40
N GLU B 227 -8.24 -13.89 -40.06
CA GLU B 227 -8.79 -14.90 -40.95
C GLU B 227 -10.28 -14.77 -41.20
N LYS B 228 -11.07 -14.37 -40.20
CA LYS B 228 -12.52 -14.32 -40.37
C LYS B 228 -13.14 -12.87 -40.39
N LEU B 229 -12.41 -11.82 -39.95
CA LEU B 229 -12.91 -10.44 -39.97
C LEU B 229 -12.73 -9.89 -41.38
N LEU B 230 -13.85 -9.41 -41.97
CA LEU B 230 -13.96 -8.87 -43.33
C LEU B 230 -12.82 -7.95 -43.71
N PRO B 231 -12.23 -8.12 -44.92
CA PRO B 231 -11.08 -7.29 -45.34
C PRO B 231 -11.28 -5.77 -45.27
N GLY B 232 -12.52 -5.30 -45.45
CA GLY B 232 -12.87 -3.87 -45.40
C GLY B 232 -12.93 -3.25 -44.00
N ILE B 233 -12.96 -4.08 -42.97
CA ILE B 233 -12.98 -3.67 -41.58
C ILE B 233 -11.57 -3.50 -41.12
N GLU B 234 -11.27 -2.35 -40.51
CA GLU B 234 -9.97 -1.98 -39.98
C GLU B 234 -9.79 -2.49 -38.53
N VAL B 235 -8.53 -2.64 -38.08
CA VAL B 235 -8.21 -3.17 -36.75
C VAL B 235 -7.32 -2.24 -35.97
N LEU B 236 -7.77 -1.86 -34.78
CA LEU B 236 -7.03 -0.99 -33.89
C LEU B 236 -5.96 -1.77 -33.12
N TRP B 237 -4.81 -1.10 -32.89
CA TRP B 237 -3.64 -1.64 -32.23
C TRP B 237 -2.95 -0.53 -31.40
N THR B 238 -2.48 -0.82 -30.15
CA THR B 238 -1.80 0.23 -29.33
C THR B 238 -0.24 0.11 -29.31
N GLY B 239 0.26 -0.95 -29.96
CA GLY B 239 1.68 -1.26 -30.05
C GLY B 239 2.06 -2.44 -29.17
N PRO B 240 3.35 -2.48 -28.73
CA PRO B 240 3.83 -3.61 -27.90
C PRO B 240 3.19 -3.76 -26.51
N LYS B 241 2.82 -2.62 -25.89
CA LYS B 241 2.16 -2.50 -24.57
C LYS B 241 0.99 -1.52 -24.79
N VAL B 242 0.28 -1.11 -23.71
CA VAL B 242 -0.84 -0.16 -23.76
C VAL B 242 -0.23 1.21 -24.10
N VAL B 243 0.50 1.79 -23.13
CA VAL B 243 1.23 3.04 -23.31
C VAL B 243 2.62 2.52 -23.76
N SER B 244 2.91 2.58 -25.06
CA SER B 244 4.17 2.08 -25.57
C SER B 244 5.26 3.13 -25.53
N LYS B 245 6.50 2.75 -25.13
CA LYS B 245 7.66 3.64 -25.09
C LYS B 245 8.06 3.89 -26.56
N GLU B 246 8.13 2.80 -27.38
CA GLU B 246 8.42 2.81 -28.81
C GLU B 246 7.47 1.83 -29.50
N ILE B 247 7.20 2.05 -30.78
CA ILE B 247 6.38 1.17 -31.60
C ILE B 247 7.30 0.75 -32.77
N PRO B 248 8.06 -0.37 -32.59
CA PRO B 248 9.00 -0.80 -33.64
C PRO B 248 8.33 -1.22 -34.94
N VAL B 249 9.07 -1.06 -36.06
CA VAL B 249 8.61 -1.42 -37.41
C VAL B 249 8.36 -2.93 -37.44
N GLU B 250 9.28 -3.68 -36.82
CA GLU B 250 9.26 -5.15 -36.70
C GLU B 250 7.99 -5.70 -36.01
N SER B 251 7.60 -5.08 -34.87
CA SER B 251 6.42 -5.47 -34.08
C SER B 251 5.11 -5.34 -34.86
N ILE B 252 5.04 -4.32 -35.77
CA ILE B 252 3.88 -4.01 -36.63
C ILE B 252 3.78 -5.05 -37.75
N GLU B 253 4.93 -5.49 -38.30
CA GLU B 253 5.02 -6.52 -39.34
C GLU B 253 4.47 -7.85 -38.80
N GLU B 254 4.76 -8.12 -37.51
CA GLU B 254 4.32 -9.28 -36.75
C GLU B 254 2.78 -9.28 -36.60
N VAL B 255 2.16 -8.11 -36.31
CA VAL B 255 0.70 -8.01 -36.19
C VAL B 255 0.10 -8.12 -37.58
N SER B 256 0.57 -7.28 -38.53
CA SER B 256 0.11 -7.26 -39.92
C SER B 256 -0.01 -8.65 -40.57
N LYS B 257 0.85 -9.60 -40.16
CA LYS B 257 0.84 -10.98 -40.65
C LYS B 257 -0.34 -11.73 -40.05
N ILE B 258 -0.49 -11.70 -38.70
CA ILE B 258 -1.57 -12.41 -38.01
C ILE B 258 -2.98 -11.76 -38.27
N ILE B 259 -3.12 -10.42 -38.23
CA ILE B 259 -4.42 -9.77 -38.47
C ILE B 259 -4.69 -9.60 -40.00
N LYS B 260 -3.73 -10.03 -40.85
CA LYS B 260 -3.77 -10.01 -42.32
C LYS B 260 -4.01 -8.60 -42.93
N ARG B 261 -3.57 -7.53 -42.21
CA ARG B 261 -3.68 -6.14 -42.63
C ARG B 261 -2.82 -5.20 -41.80
N ALA B 262 -2.60 -3.96 -42.31
CA ALA B 262 -1.84 -2.92 -41.62
C ALA B 262 -2.86 -2.30 -40.63
N PRO B 263 -2.52 -2.18 -39.32
CA PRO B 263 -3.52 -1.66 -38.38
C PRO B 263 -3.59 -0.13 -38.34
N VAL B 264 -4.54 0.37 -37.54
CA VAL B 264 -4.73 1.78 -37.25
C VAL B 264 -4.21 1.86 -35.82
N ILE B 265 -3.25 2.73 -35.53
CA ILE B 265 -2.76 2.79 -34.15
C ILE B 265 -3.72 3.64 -33.28
N TRP B 266 -3.97 3.18 -32.04
CA TRP B 266 -4.82 3.80 -31.01
C TRP B 266 -3.82 4.18 -29.93
N ASP B 267 -2.89 5.08 -30.26
CA ASP B 267 -1.82 5.56 -29.41
C ASP B 267 -2.24 6.12 -28.04
N ASN B 268 -1.56 5.67 -26.97
CA ASN B 268 -1.77 6.13 -25.59
C ASN B 268 -0.53 6.87 -25.04
N ILE B 269 0.41 7.29 -25.92
CA ILE B 269 1.62 8.04 -25.51
C ILE B 269 1.28 9.28 -24.65
N HIS B 270 0.15 9.99 -24.93
CA HIS B 270 -0.25 11.19 -24.19
C HIS B 270 -1.44 10.98 -23.23
N ALA B 271 -1.98 9.75 -23.17
CA ALA B 271 -3.09 9.35 -22.30
C ALA B 271 -2.64 9.49 -20.84
N ASN B 272 -3.48 10.02 -19.95
CA ASN B 272 -3.10 10.22 -18.55
C ASN B 272 -4.22 9.86 -17.57
N ASP B 273 -5.18 9.03 -18.01
CA ASP B 273 -6.30 8.61 -17.17
C ASP B 273 -5.88 7.60 -16.10
N TYR B 274 -4.73 6.93 -16.28
CA TYR B 274 -4.22 5.92 -15.35
C TYR B 274 -3.51 6.47 -14.10
N ASP B 275 -3.39 7.80 -13.97
CA ASP B 275 -2.71 8.46 -12.83
C ASP B 275 -3.20 9.90 -12.67
N GLN B 276 -3.74 10.25 -11.49
CA GLN B 276 -4.25 11.59 -11.22
C GLN B 276 -3.18 12.68 -11.17
N LYS B 277 -1.93 12.32 -10.87
CA LYS B 277 -0.85 13.28 -10.75
C LYS B 277 0.02 13.44 -12.03
N ARG B 278 -0.34 12.79 -13.13
CA ARG B 278 0.41 12.81 -14.40
C ARG B 278 -0.28 13.55 -15.55
N LEU B 279 0.48 14.36 -16.29
CA LEU B 279 0.07 15.15 -17.46
C LEU B 279 1.19 15.04 -18.45
N PHE B 280 0.86 14.97 -19.74
CA PHE B 280 1.82 14.82 -20.82
C PHE B 280 1.77 15.93 -21.84
N LEU B 281 2.80 16.78 -21.78
CA LEU B 281 3.00 17.95 -22.63
C LEU B 281 4.25 17.78 -23.52
N GLY B 282 4.88 16.61 -23.46
CA GLY B 282 6.06 16.36 -24.29
C GLY B 282 5.69 16.10 -25.73
N PRO B 283 6.67 15.89 -26.65
CA PRO B 283 6.30 15.65 -28.04
C PRO B 283 6.04 14.17 -28.41
N TYR B 284 5.29 13.94 -29.50
CA TYR B 284 5.00 12.61 -30.02
C TYR B 284 6.35 11.98 -30.37
N LYS B 285 6.84 11.11 -29.47
CA LYS B 285 8.16 10.46 -29.58
C LYS B 285 8.07 8.95 -29.42
N GLY B 286 8.94 8.22 -30.12
CA GLY B 286 9.01 6.76 -30.04
C GLY B 286 8.56 5.97 -31.25
N ARG B 287 7.73 6.59 -32.10
CA ARG B 287 7.20 5.98 -33.32
C ARG B 287 7.96 6.55 -34.50
N SER B 288 8.65 5.68 -35.26
CA SER B 288 9.44 6.03 -36.45
C SER B 288 8.53 6.59 -37.54
N THR B 289 9.06 7.36 -38.48
CA THR B 289 8.25 7.87 -39.60
C THR B 289 8.10 6.77 -40.63
N GLU B 290 8.96 5.72 -40.55
CA GLU B 290 8.99 4.54 -41.43
C GLU B 290 7.71 3.72 -41.22
N LEU B 291 6.97 4.04 -40.14
CA LEU B 291 5.71 3.43 -39.69
C LEU B 291 4.49 3.84 -40.52
N ILE B 292 4.47 5.08 -41.06
CA ILE B 292 3.38 5.63 -41.89
C ILE B 292 3.12 4.72 -43.10
N PRO B 293 4.11 4.33 -43.97
CA PRO B 293 3.76 3.41 -45.08
C PRO B 293 3.42 1.98 -44.63
N ARG B 294 3.22 1.77 -43.32
CA ARG B 294 2.92 0.45 -42.75
C ARG B 294 1.65 0.43 -41.86
N LEU B 295 0.94 1.58 -41.82
CA LEU B 295 -0.30 1.76 -41.04
C LEU B 295 -1.44 2.35 -41.88
N LYS B 296 -2.71 2.06 -41.49
CA LYS B 296 -3.91 2.61 -42.15
C LYS B 296 -4.27 3.92 -41.46
N GLY B 297 -3.61 4.19 -40.32
CA GLY B 297 -3.80 5.41 -39.54
C GLY B 297 -3.15 5.44 -38.18
N VAL B 298 -3.12 6.63 -37.54
CA VAL B 298 -2.61 6.89 -36.19
C VAL B 298 -3.60 7.84 -35.44
N LEU B 299 -4.37 7.29 -34.50
CA LEU B 299 -5.33 8.05 -33.70
C LEU B 299 -4.78 8.19 -32.28
N THR B 300 -4.55 9.42 -31.81
CA THR B 300 -3.99 9.61 -30.49
C THR B 300 -5.06 9.79 -29.42
N ASN B 301 -4.99 8.98 -28.33
CA ASN B 301 -5.88 9.05 -27.17
C ASN B 301 -5.11 9.94 -26.21
N PRO B 302 -5.44 11.23 -26.11
CA PRO B 302 -4.62 12.13 -25.30
C PRO B 302 -5.05 12.30 -23.84
N ASN B 303 -4.56 13.38 -23.20
CA ASN B 303 -4.87 13.74 -21.83
C ASN B 303 -6.38 14.04 -21.72
N CYS B 304 -6.95 13.70 -20.57
CA CYS B 304 -8.36 13.94 -20.25
C CYS B 304 -8.72 15.43 -20.33
N GLU B 305 -7.74 16.32 -20.04
CA GLU B 305 -7.88 17.78 -20.04
C GLU B 305 -7.63 18.29 -21.44
N PHE B 306 -8.74 18.57 -22.14
CA PHE B 306 -8.79 18.99 -23.53
C PHE B 306 -7.71 20.01 -23.95
N GLU B 307 -7.49 21.09 -23.14
CA GLU B 307 -6.55 22.18 -23.41
C GLU B 307 -5.07 21.81 -23.37
N ALA B 308 -4.71 20.81 -22.56
CA ALA B 308 -3.37 20.29 -22.35
C ALA B 308 -2.82 19.51 -23.53
N ASN B 309 -3.69 19.14 -24.51
CA ASN B 309 -3.38 18.34 -25.70
C ASN B 309 -2.90 19.10 -26.93
N TYR B 310 -2.57 20.39 -26.79
CA TYR B 310 -2.06 21.23 -27.90
C TYR B 310 -0.76 20.62 -28.47
N VAL B 311 0.18 20.25 -27.60
CA VAL B 311 1.46 19.65 -28.00
C VAL B 311 1.22 18.21 -28.51
N ALA B 312 0.33 17.44 -27.84
CA ALA B 312 -0.01 16.07 -28.24
C ALA B 312 -0.44 16.02 -29.72
N ILE B 313 -1.44 16.86 -30.09
CA ILE B 313 -1.96 16.93 -31.46
C ILE B 313 -1.00 17.69 -32.39
N HIS B 314 -0.35 18.78 -31.90
CA HIS B 314 0.56 19.56 -32.74
C HIS B 314 1.72 18.71 -33.24
N THR B 315 2.43 18.05 -32.33
CA THR B 315 3.58 17.19 -32.66
C THR B 315 3.17 15.97 -33.52
N LEU B 316 1.89 15.50 -33.38
CA LEU B 316 1.34 14.37 -34.15
C LEU B 316 1.19 14.80 -35.59
N ALA B 317 0.75 16.06 -35.81
CA ALA B 317 0.58 16.63 -37.12
C ALA B 317 1.94 16.68 -37.81
N THR B 318 2.96 17.26 -37.11
CA THR B 318 4.34 17.40 -37.59
C THR B 318 4.91 16.04 -38.03
N TRP B 319 4.75 14.98 -37.21
CA TRP B 319 5.25 13.63 -37.50
C TRP B 319 4.64 13.05 -38.76
N TYR B 320 3.32 13.23 -38.93
CA TYR B 320 2.57 12.69 -40.06
C TYR B 320 3.01 13.37 -41.33
N LYS B 321 3.05 14.71 -41.31
CA LYS B 321 3.41 15.55 -42.46
C LYS B 321 4.89 15.36 -42.91
N SER B 322 5.79 14.95 -42.00
CA SER B 322 7.20 14.72 -42.32
C SER B 322 7.42 13.51 -43.27
N ASN B 323 6.54 12.47 -43.22
CA ASN B 323 6.61 11.28 -44.09
C ASN B 323 5.18 10.87 -44.52
N MET B 324 4.41 11.89 -44.93
CA MET B 324 3.03 11.84 -45.40
C MET B 324 2.84 11.01 -46.68
N ASN B 325 3.92 10.82 -47.48
CA ASN B 325 3.90 10.06 -48.73
C ASN B 325 4.97 8.93 -48.80
N GLY B 326 5.21 8.28 -47.65
CA GLY B 326 6.17 7.17 -47.50
C GLY B 326 5.89 5.98 -48.39
N VAL B 327 6.94 5.32 -48.91
CA VAL B 327 6.82 4.20 -49.85
C VAL B 327 6.72 2.76 -49.22
N ARG B 328 7.87 2.08 -48.87
CA ARG B 328 7.96 0.70 -48.36
C ARG B 328 7.02 0.37 -47.19
N ASP B 359 15.41 8.33 -36.34
CA ASP B 359 14.41 9.00 -37.19
C ASP B 359 15.01 10.18 -37.98
N VAL B 360 15.17 9.90 -39.27
CA VAL B 360 15.78 10.72 -40.30
C VAL B 360 14.86 11.85 -40.80
N LEU B 361 13.53 11.69 -40.72
CA LEU B 361 12.57 12.70 -41.20
C LEU B 361 11.89 13.54 -40.12
N TYR B 362 11.83 13.03 -38.87
CA TYR B 362 11.19 13.69 -37.73
C TYR B 362 12.10 13.68 -36.53
N SER B 363 12.05 14.77 -35.75
CA SER B 363 12.82 14.97 -34.53
C SER B 363 11.85 15.44 -33.45
N PRO B 364 11.51 14.60 -32.44
CA PRO B 364 10.60 15.06 -31.36
C PRO B 364 11.03 16.39 -30.69
N GLN B 365 12.35 16.58 -30.52
CA GLN B 365 13.04 17.76 -29.95
C GLN B 365 12.63 19.02 -30.71
N MET B 366 12.65 18.93 -32.04
CA MET B 366 12.32 19.98 -33.01
C MET B 366 10.85 20.27 -32.98
N ALA B 367 10.01 19.24 -33.21
CA ALA B 367 8.53 19.34 -33.21
C ALA B 367 8.04 20.06 -31.96
N LEU B 368 8.66 19.75 -30.78
CA LEU B 368 8.34 20.37 -29.51
C LEU B 368 8.65 21.86 -29.56
N LYS B 369 9.82 22.26 -30.19
CA LYS B 369 10.24 23.66 -30.31
C LYS B 369 9.13 24.47 -31.00
N LEU B 370 8.59 23.95 -32.13
CA LEU B 370 7.52 24.54 -32.95
C LEU B 370 6.12 24.48 -32.28
N ALA B 371 5.80 23.35 -31.59
CA ALA B 371 4.51 23.16 -30.90
C ALA B 371 4.34 24.19 -29.79
N LEU B 372 5.44 24.46 -29.01
CA LEU B 372 5.46 25.43 -27.91
C LEU B 372 5.42 26.87 -28.44
N THR B 373 6.13 27.14 -29.55
CA THR B 373 6.21 28.43 -30.22
C THR B 373 4.82 28.91 -30.58
N GLU B 374 4.01 28.01 -31.14
CA GLU B 374 2.64 28.27 -31.54
C GLU B 374 1.70 28.21 -30.33
N TRP B 375 2.00 27.37 -29.31
CA TRP B 375 1.16 27.27 -28.12
C TRP B 375 1.26 28.58 -27.36
N LEU B 376 2.50 29.12 -27.19
CA LEU B 376 2.83 30.35 -26.46
C LEU B 376 1.97 31.56 -26.84
N GLN B 377 1.62 31.70 -28.11
CA GLN B 377 0.77 32.81 -28.54
C GLN B 377 -0.64 32.65 -27.97
N GLU B 378 -1.14 31.40 -27.87
CA GLU B 378 -2.47 31.05 -27.34
C GLU B 378 -2.68 31.55 -25.91
N PHE B 379 -1.67 31.38 -25.02
CA PHE B 379 -1.67 31.84 -23.62
C PHE B 379 -1.80 33.37 -23.51
N GLY B 380 -1.47 34.07 -24.58
CA GLY B 380 -1.52 35.53 -24.67
C GLY B 380 -2.87 36.06 -25.09
N VAL B 381 -3.67 35.22 -25.77
CA VAL B 381 -5.02 35.59 -26.26
C VAL B 381 -6.07 35.45 -25.12
N PRO B 382 -6.75 36.54 -24.74
CA PRO B 382 -7.76 36.44 -23.68
C PRO B 382 -8.92 35.49 -24.00
N HIS B 383 -9.21 34.59 -23.04
CA HIS B 383 -10.30 33.61 -23.09
C HIS B 383 -10.77 33.41 -21.67
N GLN B 384 -12.08 33.44 -21.47
CA GLN B 384 -12.69 33.33 -20.16
C GLN B 384 -13.32 31.97 -19.90
N TYR B 385 -13.18 31.47 -18.66
CA TYR B 385 -13.76 30.18 -18.28
C TYR B 385 -15.27 30.29 -17.97
N ALA C 37 38.83 -4.57 42.69
CA ALA C 37 40.06 -4.06 42.06
C ALA C 37 40.45 -2.63 42.51
N VAL C 38 41.73 -2.44 42.93
CA VAL C 38 42.28 -1.17 43.44
C VAL C 38 42.07 -0.01 42.43
N ALA C 39 41.13 0.91 42.80
CA ALA C 39 40.69 2.11 42.08
C ALA C 39 40.10 1.84 40.68
N GLY C 40 39.50 0.66 40.52
CA GLY C 40 38.86 0.26 39.27
C GLY C 40 37.48 0.86 39.09
N ALA C 41 36.70 0.91 40.18
CA ALA C 41 35.32 1.43 40.23
C ALA C 41 35.22 2.74 41.02
N ALA C 42 36.17 3.69 40.77
CA ALA C 42 36.26 5.02 41.41
C ALA C 42 35.00 5.85 41.17
N GLY C 43 34.26 6.06 42.25
CA GLY C 43 33.01 6.81 42.24
C GLY C 43 31.78 5.96 41.98
N GLY C 44 32.01 4.66 41.74
CA GLY C 44 30.97 3.67 41.47
C GLY C 44 30.07 3.38 42.66
N ALA C 45 30.37 3.97 43.88
CA ALA C 45 29.66 3.82 45.18
C ALA C 45 28.29 3.28 44.91
N ARG C 46 27.39 4.15 44.37
CA ARG C 46 26.02 3.86 43.91
C ARG C 46 25.38 5.17 43.31
N ARG C 47 24.01 5.32 43.35
CA ARG C 47 23.09 6.41 42.89
C ARG C 47 22.85 6.50 41.35
N PHE C 48 23.40 5.57 40.53
CA PHE C 48 23.20 5.63 39.06
C PHE C 48 22.60 4.37 38.48
N LEU C 49 21.57 4.53 37.62
CA LEU C 49 20.84 3.45 36.95
C LEU C 49 21.39 3.23 35.55
N CYS C 50 22.50 2.53 35.44
CA CYS C 50 23.02 2.30 34.11
C CYS C 50 22.88 0.85 33.68
N GLY C 51 22.19 0.66 32.56
CA GLY C 51 21.92 -0.65 31.99
C GLY C 51 21.02 -0.59 30.79
N VAL C 52 20.30 -1.71 30.52
CA VAL C 52 19.38 -1.94 29.39
C VAL C 52 17.89 -1.95 29.75
N VAL C 53 17.02 -1.56 28.80
CA VAL C 53 15.56 -1.57 28.90
C VAL C 53 14.95 -2.31 27.73
N GLU C 54 14.29 -3.46 28.01
CA GLU C 54 13.59 -4.26 26.99
C GLU C 54 12.21 -3.61 26.94
N GLY C 55 12.12 -2.47 26.28
CA GLY C 55 10.90 -1.69 26.18
C GLY C 55 10.51 -1.40 24.75
N PHE C 56 10.53 -2.42 23.88
CA PHE C 56 10.19 -2.24 22.49
C PHE C 56 8.94 -3.01 22.03
N TYR C 57 8.43 -2.63 20.85
CA TYR C 57 7.29 -3.25 20.19
C TYR C 57 7.86 -4.40 19.36
N GLY C 58 7.16 -5.52 19.38
CA GLY C 58 7.54 -6.72 18.67
C GLY C 58 7.72 -7.90 19.59
N ARG C 59 8.34 -8.99 19.09
CA ARG C 59 8.54 -10.18 19.90
C ARG C 59 9.71 -10.00 20.86
N PRO C 60 9.45 -10.16 22.18
CA PRO C 60 10.51 -10.01 23.20
C PRO C 60 11.66 -11.04 23.15
N TRP C 61 12.62 -10.90 24.09
CA TRP C 61 13.77 -11.79 24.22
C TRP C 61 13.35 -12.96 25.09
N VAL C 62 14.07 -14.07 25.01
CA VAL C 62 13.81 -15.27 25.80
C VAL C 62 14.77 -15.35 27.02
N MET C 63 14.54 -16.32 27.96
CA MET C 63 15.33 -16.52 29.17
C MET C 63 16.82 -16.68 28.88
N GLU C 64 17.23 -17.61 27.98
CA GLU C 64 18.66 -17.79 27.67
C GLU C 64 19.32 -16.49 27.13
N GLN C 65 18.51 -15.59 26.54
CA GLN C 65 18.95 -14.31 26.02
C GLN C 65 19.00 -13.27 27.15
N ARG C 66 17.92 -13.15 27.96
CA ARG C 66 17.84 -12.24 29.09
C ARG C 66 18.89 -12.55 30.18
N LYS C 67 19.18 -13.86 30.44
CA LYS C 67 20.18 -14.36 31.41
C LYS C 67 21.56 -13.93 30.95
N GLU C 68 21.90 -14.19 29.66
CA GLU C 68 23.18 -13.83 29.05
C GLU C 68 23.35 -12.31 29.03
N LEU C 69 22.24 -11.58 28.91
CA LEU C 69 22.26 -10.12 28.96
C LEU C 69 22.75 -9.72 30.37
N PHE C 70 22.19 -10.34 31.43
CA PHE C 70 22.58 -10.08 32.82
C PHE C 70 24.04 -10.44 33.04
N ARG C 71 24.59 -11.36 32.25
CA ARG C 71 25.98 -11.79 32.35
C ARG C 71 26.88 -10.72 31.77
N ARG C 72 26.54 -10.22 30.57
CA ARG C 72 27.25 -9.16 29.84
C ARG C 72 27.23 -7.89 30.69
N LEU C 73 26.02 -7.37 31.05
CA LEU C 73 25.79 -6.20 31.90
C LEU C 73 26.74 -6.18 33.12
N GLN C 74 26.80 -7.31 33.86
CA GLN C 74 27.64 -7.50 35.04
C GLN C 74 29.12 -7.35 34.73
N LYS C 75 29.63 -8.10 33.73
CA LYS C 75 31.03 -8.10 33.30
C LYS C 75 31.53 -6.70 32.90
N TRP C 76 30.66 -5.93 32.21
CA TRP C 76 30.95 -4.59 31.70
C TRP C 76 30.77 -3.46 32.71
N GLU C 77 30.39 -3.77 33.97
CA GLU C 77 30.19 -2.85 35.11
C GLU C 77 28.81 -2.24 35.19
N LEU C 78 27.91 -2.56 34.23
CA LEU C 78 26.54 -2.05 34.23
C LEU C 78 25.70 -2.64 35.39
N ASN C 79 24.59 -2.02 35.75
CA ASN C 79 23.85 -2.48 36.89
C ASN C 79 22.29 -2.55 36.82
N THR C 80 21.63 -2.18 35.71
CA THR C 80 20.16 -2.22 35.73
C THR C 80 19.54 -2.83 34.47
N TYR C 81 18.34 -3.41 34.63
CA TYR C 81 17.53 -4.00 33.60
C TYR C 81 16.09 -3.61 33.87
N LEU C 82 15.42 -2.99 32.89
CA LEU C 82 14.03 -2.58 32.99
C LEU C 82 13.13 -3.43 32.08
N TYR C 83 12.25 -4.22 32.71
CA TYR C 83 11.27 -5.11 32.09
C TYR C 83 10.05 -4.30 31.65
N ALA C 84 9.96 -4.00 30.34
CA ALA C 84 8.89 -3.23 29.73
C ALA C 84 8.56 -3.69 28.27
N PRO C 85 8.63 -5.02 27.91
CA PRO C 85 8.30 -5.40 26.52
C PRO C 85 6.95 -4.79 26.15
N LYS C 86 6.93 -3.82 25.21
CA LYS C 86 5.69 -3.15 24.84
C LYS C 86 4.59 -4.10 24.39
N ASP C 87 4.93 -4.96 23.41
CA ASP C 87 4.02 -5.95 22.82
C ASP C 87 3.60 -7.09 23.76
N ASP C 88 4.12 -7.13 25.00
CA ASP C 88 3.71 -8.12 26.00
C ASP C 88 2.26 -7.78 26.40
N TYR C 89 1.45 -8.81 26.58
CA TYR C 89 0.04 -8.66 26.89
C TYR C 89 -0.19 -8.62 28.40
N LYS C 90 0.57 -9.42 29.20
CA LYS C 90 0.41 -9.39 30.66
C LYS C 90 1.04 -8.13 31.29
N HIS C 91 1.97 -7.49 30.56
CA HIS C 91 2.66 -6.27 30.98
C HIS C 91 1.80 -5.05 30.66
N ARG C 92 1.18 -5.01 29.46
CA ARG C 92 0.35 -3.90 28.97
C ARG C 92 -1.14 -4.24 28.80
N MET C 93 -1.60 -4.47 27.54
CA MET C 93 -2.99 -4.79 27.14
C MET C 93 -3.84 -5.39 28.28
N PHE C 94 -3.41 -6.57 28.78
CA PHE C 94 -4.05 -7.36 29.83
C PHE C 94 -3.21 -7.34 31.10
N TRP C 95 -2.99 -6.13 31.61
CA TRP C 95 -2.22 -5.94 32.83
C TRP C 95 -2.91 -6.48 34.07
N ARG C 96 -4.26 -6.46 34.07
CA ARG C 96 -5.09 -6.93 35.19
C ARG C 96 -4.91 -8.44 35.45
N GLU C 97 -4.57 -9.19 34.40
CA GLU C 97 -4.35 -10.64 34.38
C GLU C 97 -3.12 -11.07 35.16
N MET C 98 -3.30 -12.09 36.02
CA MET C 98 -2.25 -12.66 36.87
C MET C 98 -1.47 -13.65 36.06
N TYR C 99 -0.20 -13.87 36.41
CA TYR C 99 0.63 -14.84 35.70
C TYR C 99 0.21 -16.28 36.05
N SER C 100 0.54 -17.25 35.18
CA SER C 100 0.25 -18.68 35.34
C SER C 100 1.40 -19.32 36.13
N VAL C 101 1.33 -20.64 36.44
CA VAL C 101 2.42 -21.30 37.18
C VAL C 101 3.68 -21.30 36.33
N GLU C 102 3.55 -21.67 35.03
CA GLU C 102 4.65 -21.75 34.07
C GLU C 102 5.28 -20.36 33.95
N GLU C 103 4.46 -19.31 33.93
CA GLU C 103 4.91 -17.92 33.83
C GLU C 103 5.59 -17.38 35.09
N ALA C 104 5.12 -17.80 36.26
CA ALA C 104 5.62 -17.39 37.54
C ALA C 104 6.99 -17.98 37.80
N GLU C 105 7.16 -19.28 37.48
CA GLU C 105 8.44 -19.99 37.65
C GLU C 105 9.48 -19.37 36.72
N GLN C 106 9.07 -19.02 35.47
CA GLN C 106 9.93 -18.41 34.45
C GLN C 106 10.47 -17.07 34.96
N LEU C 107 9.60 -16.26 35.58
CA LEU C 107 9.97 -14.95 36.13
C LEU C 107 10.85 -15.07 37.35
N MET C 108 10.59 -16.06 38.23
CA MET C 108 11.36 -16.31 39.45
C MET C 108 12.82 -16.62 39.14
N THR C 109 13.06 -17.49 38.12
CA THR C 109 14.38 -17.91 37.64
C THR C 109 15.10 -16.71 37.03
N LEU C 110 14.35 -15.87 36.27
CA LEU C 110 14.84 -14.64 35.64
C LEU C 110 15.28 -13.65 36.72
N ILE C 111 14.39 -13.35 37.70
CA ILE C 111 14.69 -12.44 38.81
C ILE C 111 15.87 -13.00 39.61
N SER C 112 15.94 -14.34 39.82
CA SER C 112 17.04 -15.02 40.53
C SER C 112 18.40 -14.73 39.87
N ALA C 113 18.48 -14.85 38.51
CA ALA C 113 19.67 -14.59 37.69
C ALA C 113 20.11 -13.13 37.89
N ALA C 114 19.16 -12.18 37.85
CA ALA C 114 19.41 -10.76 38.08
C ALA C 114 20.10 -10.54 39.43
N ARG C 115 19.61 -11.21 40.51
CA ARG C 115 20.20 -11.10 41.85
C ARG C 115 21.61 -11.70 41.86
N GLU C 116 21.79 -12.83 41.16
CA GLU C 116 23.03 -13.61 41.04
C GLU C 116 24.16 -12.82 40.37
N TYR C 117 23.82 -12.08 39.28
CA TYR C 117 24.81 -11.27 38.57
C TYR C 117 24.73 -9.78 38.96
N GLU C 118 24.27 -9.47 40.19
CA GLU C 118 24.15 -8.13 40.80
C GLU C 118 23.57 -7.06 39.84
N ILE C 119 22.52 -7.45 39.10
CA ILE C 119 21.81 -6.58 38.15
C ILE C 119 20.48 -6.25 38.83
N GLU C 120 20.13 -4.94 38.95
CA GLU C 120 18.85 -4.56 39.54
C GLU C 120 17.76 -4.85 38.53
N PHE C 121 16.80 -5.67 38.95
CA PHE C 121 15.66 -6.05 38.12
C PHE C 121 14.44 -5.16 38.43
N ILE C 122 14.13 -4.24 37.50
CA ILE C 122 12.99 -3.32 37.61
C ILE C 122 11.88 -3.90 36.71
N TYR C 123 10.74 -4.19 37.31
CA TYR C 123 9.59 -4.73 36.60
C TYR C 123 8.69 -3.57 36.32
N ALA C 124 8.45 -3.27 35.04
CA ALA C 124 7.58 -2.18 34.67
C ALA C 124 6.20 -2.72 34.38
N ILE C 125 5.19 -1.88 34.56
CA ILE C 125 3.80 -2.19 34.27
C ILE C 125 3.18 -0.93 33.62
N SER C 126 2.57 -1.10 32.42
CA SER C 126 1.98 -0.01 31.65
C SER C 126 0.45 -0.12 31.63
N PRO C 127 -0.24 0.44 32.64
CA PRO C 127 -1.70 0.34 32.66
C PRO C 127 -2.48 1.45 31.95
N GLY C 128 -1.78 2.53 31.59
CA GLY C 128 -2.31 3.72 30.95
C GLY C 128 -3.45 3.63 29.94
N LEU C 129 -3.56 2.52 29.19
CA LEU C 129 -4.58 2.32 28.16
C LEU C 129 -6.04 2.47 28.61
N ASP C 130 -6.55 1.38 29.23
CA ASP C 130 -7.90 1.15 29.71
C ASP C 130 -8.16 1.51 31.18
N ILE C 131 -7.11 1.76 31.97
CA ILE C 131 -7.24 2.08 33.40
C ILE C 131 -8.30 3.17 33.71
N THR C 132 -9.00 3.00 34.84
CA THR C 132 -9.97 3.91 35.42
C THR C 132 -9.34 4.28 36.77
N PHE C 133 -8.52 5.36 36.73
CA PHE C 133 -7.77 5.93 37.86
C PHE C 133 -8.66 6.14 39.11
N SER C 134 -9.89 6.62 38.88
CA SER C 134 -10.91 6.90 39.89
C SER C 134 -11.50 5.64 40.58
N ASN C 135 -11.50 4.49 39.86
CA ASN C 135 -12.03 3.22 40.35
C ASN C 135 -11.04 2.52 41.29
N PRO C 136 -11.42 2.34 42.60
CA PRO C 136 -10.52 1.66 43.56
C PRO C 136 -10.25 0.19 43.26
N LYS C 137 -11.09 -0.42 42.38
CA LYS C 137 -10.97 -1.82 41.96
C LYS C 137 -9.77 -1.97 41.02
N GLU C 138 -9.46 -0.92 40.27
CA GLU C 138 -8.34 -0.85 39.31
C GLU C 138 -7.03 -0.77 40.06
N VAL C 139 -6.95 0.13 41.06
CA VAL C 139 -5.78 0.35 41.92
C VAL C 139 -5.45 -0.94 42.70
N SER C 140 -6.47 -1.56 43.35
CA SER C 140 -6.35 -2.80 44.09
C SER C 140 -5.76 -3.90 43.19
N THR C 141 -6.28 -4.04 41.93
CA THR C 141 -5.84 -5.01 40.90
C THR C 141 -4.34 -4.79 40.60
N LEU C 142 -3.94 -3.52 40.46
CA LEU C 142 -2.57 -3.09 40.21
C LEU C 142 -1.69 -3.47 41.42
N LYS C 143 -2.13 -3.12 42.66
CA LYS C 143 -1.46 -3.43 43.92
C LYS C 143 -1.30 -4.96 44.09
N ARG C 144 -2.29 -5.73 43.61
CA ARG C 144 -2.30 -7.19 43.68
C ARG C 144 -1.39 -7.81 42.60
N LYS C 145 -1.33 -7.16 41.43
CA LYS C 145 -0.53 -7.58 40.29
C LYS C 145 0.94 -7.45 40.68
N LEU C 146 1.27 -6.35 41.34
CA LEU C 146 2.63 -6.05 41.79
C LEU C 146 3.01 -6.84 43.02
N ASP C 147 2.02 -7.24 43.84
CA ASP C 147 2.21 -8.06 45.04
C ASP C 147 2.81 -9.41 44.61
N GLN C 148 2.22 -10.03 43.56
CA GLN C 148 2.59 -11.32 42.95
C GLN C 148 4.04 -11.28 42.45
N VAL C 149 4.45 -10.16 41.83
CA VAL C 149 5.81 -9.99 41.30
C VAL C 149 6.80 -9.77 42.47
N SER C 150 6.40 -9.05 43.56
CA SER C 150 7.23 -8.84 44.77
C SER C 150 7.54 -10.23 45.34
N GLN C 151 6.53 -11.12 45.21
CA GLN C 151 6.45 -12.53 45.59
C GLN C 151 7.27 -13.43 44.62
N PHE C 152 7.74 -12.90 43.47
CA PHE C 152 8.58 -13.67 42.55
C PHE C 152 10.07 -13.35 42.81
N GLY C 153 10.34 -12.39 43.71
CA GLY C 153 11.68 -11.96 44.07
C GLY C 153 12.01 -10.52 43.74
N CYS C 154 11.07 -9.84 43.03
CA CYS C 154 11.20 -8.45 42.59
C CYS C 154 11.02 -7.45 43.71
N ARG C 155 11.91 -6.43 43.76
CA ARG C 155 11.93 -5.36 44.79
C ARG C 155 11.86 -3.93 44.18
N SER C 156 12.11 -3.80 42.85
CA SER C 156 12.11 -2.52 42.12
C SER C 156 11.05 -2.49 41.05
N PHE C 157 10.22 -1.42 41.01
CA PHE C 157 9.09 -1.33 40.07
C PHE C 157 8.99 -0.05 39.22
N ALA C 158 8.14 -0.09 38.16
CA ALA C 158 7.91 1.02 37.26
C ALA C 158 6.47 1.10 36.75
N LEU C 159 5.94 2.33 36.63
CA LEU C 159 4.58 2.61 36.14
C LEU C 159 4.72 3.42 34.87
N LEU C 160 4.53 2.75 33.72
CA LEU C 160 4.68 3.36 32.41
C LEU C 160 3.39 3.97 31.94
N PHE C 161 3.47 5.25 31.53
CA PHE C 161 2.31 6.00 31.11
C PHE C 161 2.53 6.64 29.74
N ASP C 162 3.16 5.90 28.86
CA ASP C 162 3.46 6.37 27.51
C ASP C 162 2.57 5.75 26.44
N MET C 168 -8.90 11.62 28.57
CA MET C 168 -9.32 11.10 29.86
C MET C 168 -10.82 10.80 29.86
N CYS C 169 -11.23 9.65 30.43
CA CYS C 169 -12.64 9.23 30.49
C CYS C 169 -13.49 10.13 31.42
N ALA C 170 -14.83 10.05 31.30
CA ALA C 170 -15.81 10.83 32.04
C ALA C 170 -15.76 10.69 33.58
N ALA C 171 -15.74 9.45 34.10
CA ALA C 171 -15.70 9.16 35.54
C ALA C 171 -14.42 9.70 36.19
N ASP C 172 -13.31 9.70 35.43
CA ASP C 172 -12.00 10.20 35.84
C ASP C 172 -12.06 11.72 35.97
N LYS C 173 -12.52 12.43 34.90
CA LYS C 173 -12.63 13.89 34.84
C LYS C 173 -13.41 14.49 36.02
N GLU C 174 -14.37 13.73 36.56
CA GLU C 174 -15.20 14.12 37.70
C GLU C 174 -14.39 14.12 39.02
N VAL C 175 -13.31 13.29 39.08
CA VAL C 175 -12.45 13.11 40.26
C VAL C 175 -11.04 13.74 40.13
N PHE C 176 -10.50 13.84 38.90
CA PHE C 176 -9.16 14.38 38.68
C PHE C 176 -9.13 15.65 37.84
N SER C 177 -8.56 16.72 38.43
CA SER C 177 -8.41 18.06 37.85
C SER C 177 -7.73 18.12 36.49
N SER C 178 -6.84 17.15 36.21
CA SER C 178 -6.06 16.99 34.99
C SER C 178 -5.58 15.54 34.85
N PHE C 179 -5.05 15.17 33.67
CA PHE C 179 -4.54 13.83 33.44
C PHE C 179 -3.34 13.59 34.36
N ALA C 180 -2.48 14.61 34.48
CA ALA C 180 -1.29 14.62 35.34
C ALA C 180 -1.66 14.24 36.78
N HIS C 181 -2.80 14.75 37.29
CA HIS C 181 -3.28 14.45 38.64
C HIS C 181 -3.74 13.01 38.79
N ALA C 182 -4.26 12.40 37.72
CA ALA C 182 -4.71 11.01 37.75
C ALA C 182 -3.56 10.03 37.88
N GLN C 183 -2.54 10.15 37.01
CA GLN C 183 -1.34 9.28 36.97
C GLN C 183 -0.49 9.45 38.20
N VAL C 184 -0.25 10.68 38.62
CA VAL C 184 0.57 10.98 39.78
C VAL C 184 -0.07 10.42 41.06
N SER C 185 -1.42 10.54 41.21
CA SER C 185 -2.18 10.03 42.37
C SER C 185 -2.00 8.52 42.58
N ILE C 186 -2.24 7.75 41.50
CA ILE C 186 -2.14 6.29 41.43
C ILE C 186 -0.68 5.82 41.58
N THR C 187 0.30 6.56 41.00
CA THR C 187 1.72 6.23 41.06
C THR C 187 2.21 6.36 42.48
N ASN C 188 1.84 7.46 43.17
CA ASN C 188 2.23 7.73 44.57
C ASN C 188 1.67 6.66 45.52
N GLU C 189 0.42 6.23 45.28
CA GLU C 189 -0.27 5.21 46.07
C GLU C 189 0.40 3.85 46.04
N ILE C 190 0.83 3.41 44.86
CA ILE C 190 1.51 2.13 44.62
C ILE C 190 2.92 2.22 45.16
N TYR C 191 3.55 3.42 45.08
CA TYR C 191 4.89 3.64 45.62
C TYR C 191 4.75 3.43 47.13
N GLN C 192 3.88 4.22 47.78
CA GLN C 192 3.60 4.11 49.21
C GLN C 192 3.17 2.71 49.64
N TYR C 193 2.39 2.00 48.80
CA TYR C 193 1.90 0.65 49.10
C TYR C 193 3.00 -0.41 49.09
N LEU C 194 3.91 -0.33 48.12
CA LEU C 194 5.01 -1.28 47.96
C LEU C 194 6.09 -1.06 49.02
N GLY C 195 5.82 -0.19 49.99
CA GLY C 195 6.71 0.13 51.10
C GLY C 195 7.77 1.14 50.74
N GLU C 196 7.49 1.98 49.71
CA GLU C 196 8.39 3.02 49.18
C GLU C 196 9.74 2.39 48.76
N PRO C 197 9.81 1.65 47.63
CA PRO C 197 11.09 1.02 47.23
C PRO C 197 12.22 1.96 46.83
N GLU C 198 13.46 1.42 46.86
CA GLU C 198 14.73 2.09 46.50
C GLU C 198 14.63 2.53 45.05
N THR C 199 14.01 1.68 44.19
CA THR C 199 13.80 1.99 42.78
C THR C 199 12.32 1.87 42.38
N PHE C 200 11.74 3.04 42.10
CA PHE C 200 10.38 3.23 41.64
C PHE C 200 10.47 4.28 40.56
N LEU C 201 10.13 3.87 39.35
CA LEU C 201 10.20 4.70 38.17
C LEU C 201 8.80 4.98 37.68
N PHE C 202 8.61 6.19 37.14
CA PHE C 202 7.36 6.64 36.55
C PHE C 202 7.70 7.22 35.17
N CYS C 203 7.11 6.67 34.10
CA CYS C 203 7.35 7.17 32.75
C CYS C 203 6.22 8.13 32.38
N PRO C 204 6.52 9.41 32.05
CA PRO C 204 5.43 10.34 31.72
C PRO C 204 4.86 10.15 30.32
N THR C 205 3.70 10.77 30.07
CA THR C 205 3.00 10.77 28.78
C THR C 205 3.82 11.73 27.94
N GLU C 206 4.21 12.87 28.54
CA GLU C 206 5.05 13.87 27.88
C GLU C 206 6.50 13.54 28.28
N TYR C 207 7.08 12.55 27.58
CA TYR C 207 8.41 12.06 27.86
C TYR C 207 9.55 12.58 26.98
N CYS C 208 9.31 13.62 26.15
CA CYS C 208 10.33 14.26 25.31
C CYS C 208 9.87 15.65 24.95
N GLY C 209 10.80 16.50 24.50
CA GLY C 209 10.50 17.88 24.13
C GLY C 209 9.34 18.03 23.16
N THR C 210 9.38 17.23 22.09
CA THR C 210 8.42 17.14 21.00
C THR C 210 6.99 16.87 21.45
N PHE C 211 6.84 16.09 22.54
CA PHE C 211 5.59 15.66 23.20
C PHE C 211 5.07 16.60 24.28
N CYS C 212 5.85 17.62 24.69
CA CYS C 212 5.43 18.53 25.77
C CYS C 212 4.58 19.70 25.23
N TYR C 213 3.32 19.88 25.73
CA TYR C 213 2.45 21.00 25.34
C TYR C 213 2.54 22.12 26.42
N PRO C 214 2.79 23.42 26.07
CA PRO C 214 3.08 23.99 24.74
C PRO C 214 4.50 23.76 24.28
N ASN C 215 5.45 23.87 25.23
CA ASN C 215 6.89 23.67 25.14
C ASN C 215 7.28 22.80 26.37
N VAL C 216 8.59 22.69 26.76
CA VAL C 216 9.01 21.85 27.90
C VAL C 216 8.87 22.57 29.23
N SER C 217 9.27 23.86 29.26
CA SER C 217 9.28 24.75 30.43
C SER C 217 7.89 25.15 30.98
N GLN C 218 6.95 25.48 30.12
CA GLN C 218 5.64 25.90 30.57
C GLN C 218 4.63 24.78 30.65
N SER C 219 4.98 23.57 30.16
CA SER C 219 4.11 22.39 30.16
C SER C 219 3.33 22.14 31.48
N PRO C 220 1.99 22.38 31.50
CA PRO C 220 1.21 22.16 32.72
C PRO C 220 1.26 20.72 33.27
N TYR C 221 1.47 19.69 32.38
CA TYR C 221 1.57 18.25 32.74
C TYR C 221 2.78 18.00 33.64
N LEU C 222 3.99 18.34 33.13
CA LEU C 222 5.26 18.16 33.85
C LEU C 222 5.34 18.95 35.13
N ARG C 223 4.66 20.12 35.15
CA ARG C 223 4.57 21.01 36.29
C ARG C 223 3.90 20.21 37.44
N THR C 224 2.83 19.42 37.13
CA THR C 224 2.09 18.59 38.09
C THR C 224 2.93 17.37 38.44
N VAL C 225 3.70 16.84 37.46
CA VAL C 225 4.61 15.70 37.68
C VAL C 225 5.64 16.10 38.77
N GLY C 226 6.27 17.27 38.63
CA GLY C 226 7.25 17.75 39.60
C GLY C 226 6.69 18.15 40.96
N GLU C 227 5.61 18.95 40.94
CA GLU C 227 4.94 19.45 42.15
C GLU C 227 4.24 18.40 42.99
N LYS C 228 3.58 17.38 42.35
CA LYS C 228 2.82 16.37 43.10
C LYS C 228 3.45 14.96 43.19
N LEU C 229 4.35 14.54 42.25
CA LEU C 229 4.97 13.22 42.31
C LEU C 229 6.01 13.16 43.42
N LEU C 230 5.87 12.21 44.36
CA LEU C 230 6.75 12.04 45.51
C LEU C 230 8.25 12.10 45.13
N PRO C 231 9.13 12.73 45.95
CA PRO C 231 10.54 12.84 45.56
C PRO C 231 11.29 11.54 45.35
N GLY C 232 10.88 10.49 46.05
CA GLY C 232 11.51 9.17 45.95
C GLY C 232 11.34 8.47 44.62
N ILE C 233 10.37 8.95 43.80
CA ILE C 233 10.04 8.41 42.48
C ILE C 233 10.96 9.02 41.35
N GLU C 234 11.51 8.14 40.51
CA GLU C 234 12.36 8.53 39.38
C GLU C 234 11.45 8.80 38.19
N VAL C 235 11.83 9.74 37.32
CA VAL C 235 11.02 10.08 36.14
C VAL C 235 11.83 9.78 34.86
N LEU C 236 11.24 9.02 33.91
CA LEU C 236 11.87 8.66 32.65
C LEU C 236 11.75 9.79 31.58
N TRP C 237 12.86 10.00 30.83
CA TRP C 237 12.99 11.01 29.82
C TRP C 237 13.84 10.48 28.69
N THR C 238 13.37 10.62 27.41
CA THR C 238 14.07 10.15 26.20
C THR C 238 14.92 11.25 25.51
N GLY C 239 14.84 12.48 26.01
CA GLY C 239 15.57 13.62 25.46
C GLY C 239 14.71 14.63 24.71
N PRO C 240 15.26 15.37 23.73
CA PRO C 240 14.45 16.37 23.01
C PRO C 240 13.36 15.80 22.07
N LYS C 241 13.55 14.53 21.67
CA LYS C 241 12.73 13.75 20.74
C LYS C 241 12.68 12.27 21.18
N VAL C 242 11.81 11.47 20.51
CA VAL C 242 11.67 10.04 20.75
C VAL C 242 13.03 9.36 20.47
N VAL C 243 13.59 9.49 19.27
CA VAL C 243 14.91 8.94 18.95
C VAL C 243 15.86 10.16 18.90
N SER C 244 16.33 10.63 20.08
CA SER C 244 17.23 11.79 20.20
C SER C 244 18.55 11.61 19.45
N LYS C 245 18.88 12.58 18.57
CA LYS C 245 20.14 12.60 17.82
C LYS C 245 21.24 12.89 18.86
N GLU C 246 21.04 13.98 19.66
CA GLU C 246 21.92 14.46 20.73
C GLU C 246 21.03 14.96 21.89
N ILE C 247 21.46 14.76 23.16
CA ILE C 247 20.72 15.18 24.35
C ILE C 247 21.51 16.36 24.99
N PRO C 248 21.25 17.65 24.60
CA PRO C 248 22.02 18.78 25.16
C PRO C 248 22.02 18.82 26.68
N VAL C 249 23.09 19.29 27.29
CA VAL C 249 23.18 19.40 28.74
C VAL C 249 22.09 20.37 29.25
N GLU C 250 21.96 21.53 28.55
CA GLU C 250 21.03 22.64 28.76
C GLU C 250 19.61 22.09 28.83
N SER C 251 19.23 21.29 27.82
CA SER C 251 17.93 20.68 27.64
C SER C 251 17.52 19.90 28.87
N ILE C 252 18.45 19.09 29.45
CA ILE C 252 18.12 18.29 30.63
C ILE C 252 18.13 19.16 31.88
N GLU C 253 18.78 20.31 31.83
CA GLU C 253 18.73 21.21 32.97
C GLU C 253 17.30 21.84 32.98
N GLU C 254 16.71 22.03 31.78
CA GLU C 254 15.38 22.58 31.52
C GLU C 254 14.27 21.65 32.03
N VAL C 255 14.33 20.33 31.69
CA VAL C 255 13.34 19.32 32.11
C VAL C 255 13.36 19.12 33.62
N SER C 256 14.57 19.06 34.22
CA SER C 256 14.80 18.90 35.65
C SER C 256 14.15 20.01 36.50
N LYS C 257 14.12 21.26 36.00
CA LYS C 257 13.53 22.40 36.70
C LYS C 257 12.07 22.16 36.99
N ILE C 258 11.32 21.71 35.94
CA ILE C 258 9.88 21.46 36.00
C ILE C 258 9.51 20.11 36.70
N ILE C 259 10.24 18.98 36.44
CA ILE C 259 10.00 17.70 37.11
C ILE C 259 10.62 17.72 38.54
N LYS C 260 11.31 18.83 38.87
CA LYS C 260 11.96 19.15 40.15
C LYS C 260 12.93 18.07 40.63
N ARG C 261 13.55 17.33 39.67
CA ARG C 261 14.53 16.24 39.93
C ARG C 261 15.32 15.91 38.64
N ALA C 262 16.51 15.30 38.74
CA ALA C 262 17.28 14.92 37.54
C ALA C 262 16.55 13.67 36.98
N PRO C 263 16.48 13.46 35.65
CA PRO C 263 15.77 12.29 35.14
C PRO C 263 16.66 11.09 34.81
N VAL C 264 16.01 9.91 34.64
CA VAL C 264 16.63 8.65 34.22
C VAL C 264 16.32 8.68 32.73
N ILE C 265 17.32 8.40 31.87
CA ILE C 265 17.11 8.44 30.43
C ILE C 265 16.68 7.08 29.85
N TRP C 266 15.58 7.06 29.09
CA TRP C 266 15.11 5.87 28.37
C TRP C 266 15.70 6.20 26.99
N ASP C 267 16.81 5.58 26.62
CA ASP C 267 17.48 5.90 25.37
C ASP C 267 16.95 5.11 24.23
N ASN C 268 16.75 5.78 23.09
CA ASN C 268 16.22 5.18 21.88
C ASN C 268 17.21 5.17 20.73
N ILE C 269 18.36 5.80 20.95
CA ILE C 269 19.47 5.92 20.00
C ILE C 269 19.81 4.58 19.25
N HIS C 270 19.48 3.38 19.82
CA HIS C 270 19.77 2.07 19.16
C HIS C 270 18.52 1.20 18.84
N ALA C 271 17.29 1.70 19.18
CA ALA C 271 16.01 1.03 18.95
C ALA C 271 15.74 0.97 17.46
N ASN C 272 15.47 -0.25 16.93
CA ASN C 272 15.24 -0.48 15.51
C ASN C 272 13.87 -1.13 15.24
N ASP C 273 12.85 -0.82 16.03
CA ASP C 273 11.56 -1.47 15.85
C ASP C 273 10.67 -0.81 14.79
N TYR C 274 10.71 0.54 14.70
CA TYR C 274 9.93 1.37 13.79
C TYR C 274 10.21 1.18 12.29
N ASP C 275 11.29 0.45 11.93
CA ASP C 275 11.72 0.21 10.54
C ASP C 275 12.36 -1.18 10.43
N GLN C 276 11.68 -2.10 9.69
CA GLN C 276 12.09 -3.49 9.49
C GLN C 276 13.47 -3.66 8.87
N LYS C 277 13.88 -2.69 8.06
CA LYS C 277 15.15 -2.70 7.31
C LYS C 277 16.35 -2.08 8.07
N ARG C 278 16.08 -1.42 9.22
CA ARG C 278 17.10 -0.73 10.03
C ARG C 278 17.66 -1.55 11.22
N LEU C 279 19.00 -1.46 11.39
CA LEU C 279 19.83 -2.07 12.43
C LEU C 279 20.90 -1.02 12.78
N PHE C 280 21.19 -0.86 14.06
CA PHE C 280 22.18 0.13 14.51
C PHE C 280 23.33 -0.48 15.33
N LEU C 281 24.42 -0.86 14.67
CA LEU C 281 25.60 -1.44 15.36
C LEU C 281 26.67 -0.37 15.61
N GLY C 282 26.30 0.90 15.41
CA GLY C 282 27.21 2.02 15.62
C GLY C 282 27.39 2.33 17.10
N PRO C 283 28.28 3.31 17.43
CA PRO C 283 28.53 3.63 18.85
C PRO C 283 27.52 4.50 19.59
N TYR C 284 27.58 4.47 20.93
CA TYR C 284 26.73 5.32 21.77
C TYR C 284 27.23 6.75 21.48
N LYS C 285 26.41 7.57 20.81
CA LYS C 285 26.84 8.91 20.40
C LYS C 285 25.79 9.98 20.67
N GLY C 286 26.25 11.22 20.78
CA GLY C 286 25.37 12.36 20.98
C GLY C 286 25.07 12.78 22.40
N ARG C 287 25.54 12.03 23.40
CA ARG C 287 25.30 12.36 24.80
C ARG C 287 26.62 12.60 25.46
N SER C 288 26.84 13.84 25.91
CA SER C 288 28.06 14.29 26.59
C SER C 288 28.24 13.53 27.87
N THR C 289 29.41 13.63 28.48
CA THR C 289 29.70 12.98 29.75
C THR C 289 29.23 13.89 30.90
N GLU C 290 29.26 15.23 30.67
CA GLU C 290 28.86 16.30 31.60
C GLU C 290 27.41 16.15 32.02
N LEU C 291 26.77 15.13 31.46
CA LEU C 291 25.40 14.69 31.62
C LEU C 291 25.30 13.74 32.83
N ILE C 292 26.28 12.77 33.00
CA ILE C 292 26.32 11.77 34.09
C ILE C 292 26.13 12.46 35.48
N PRO C 293 26.87 13.53 35.87
CA PRO C 293 26.58 14.15 37.17
C PRO C 293 25.18 14.83 37.30
N ARG C 294 24.42 14.93 36.18
CA ARG C 294 23.09 15.57 36.05
C ARG C 294 21.90 14.58 35.82
N LEU C 295 22.13 13.26 35.91
CA LEU C 295 21.06 12.27 35.70
C LEU C 295 21.01 11.25 36.82
N LYS C 296 19.95 10.40 36.86
CA LYS C 296 19.82 9.33 37.87
C LYS C 296 20.16 8.00 37.22
N GLY C 297 20.17 7.97 35.90
CA GLY C 297 20.48 6.79 35.11
C GLY C 297 20.32 6.99 33.61
N VAL C 298 20.73 5.97 32.86
CA VAL C 298 20.66 5.84 31.41
C VAL C 298 20.31 4.37 31.14
N LEU C 299 19.11 4.15 30.63
CA LEU C 299 18.57 2.84 30.31
C LEU C 299 18.30 2.82 28.81
N THR C 300 19.16 2.10 28.09
CA THR C 300 19.13 2.00 26.65
C THR C 300 18.12 0.97 26.19
N ASN C 301 17.24 1.42 25.29
CA ASN C 301 16.22 0.63 24.61
C ASN C 301 16.90 0.29 23.25
N PRO C 302 17.60 -0.88 23.15
CA PRO C 302 18.35 -1.18 21.90
C PRO C 302 17.59 -1.96 20.82
N ASN C 303 18.35 -2.54 19.85
CA ASN C 303 17.80 -3.32 18.74
C ASN C 303 16.99 -4.51 19.25
N CYS C 304 15.88 -4.85 18.56
CA CYS C 304 15.00 -5.98 18.87
C CYS C 304 15.77 -7.30 18.87
N GLU C 305 16.71 -7.48 17.93
CA GLU C 305 17.54 -8.66 17.85
C GLU C 305 18.62 -8.46 18.90
N PHE C 306 18.68 -9.41 19.83
CA PHE C 306 19.57 -9.44 20.99
C PHE C 306 21.08 -9.43 20.68
N GLU C 307 21.57 -10.30 19.80
CA GLU C 307 23.01 -10.41 19.49
C GLU C 307 23.63 -9.17 18.81
N ALA C 308 22.78 -8.31 18.22
CA ALA C 308 23.15 -7.07 17.54
C ALA C 308 23.25 -5.90 18.55
N ASN C 309 23.27 -6.20 19.86
CA ASN C 309 23.33 -5.18 20.90
C ASN C 309 24.63 -5.17 21.69
N TYR C 310 25.67 -5.90 21.21
CA TYR C 310 26.98 -5.95 21.86
C TYR C 310 27.56 -4.52 21.91
N VAL C 311 27.73 -3.88 20.73
CA VAL C 311 28.27 -2.52 20.61
C VAL C 311 27.38 -1.50 21.27
N ALA C 312 26.07 -1.61 21.15
CA ALA C 312 25.14 -0.65 21.75
C ALA C 312 25.28 -0.52 23.27
N ILE C 313 25.51 -1.66 23.94
CA ILE C 313 25.63 -1.78 25.41
C ILE C 313 27.09 -1.68 25.85
N HIS C 314 28.05 -2.17 25.02
CA HIS C 314 29.48 -2.08 25.31
C HIS C 314 29.88 -0.61 25.37
N THR C 315 29.57 0.18 24.31
CA THR C 315 29.89 1.62 24.22
C THR C 315 29.25 2.40 25.34
N LEU C 316 27.99 2.08 25.70
CA LEU C 316 27.26 2.74 26.80
C LEU C 316 28.07 2.55 28.10
N ALA C 317 28.56 1.30 28.38
CA ALA C 317 29.38 1.01 29.55
C ALA C 317 30.62 1.90 29.55
N THR C 318 31.45 1.93 28.43
CA THR C 318 32.66 2.77 28.29
C THR C 318 32.32 4.19 28.67
N TRP C 319 31.20 4.70 28.13
CA TRP C 319 30.68 6.03 28.36
C TRP C 319 30.45 6.30 29.84
N TYR C 320 29.58 5.51 30.53
CA TYR C 320 29.36 5.74 31.97
C TYR C 320 30.68 5.61 32.79
N LYS C 321 31.55 4.61 32.47
CA LYS C 321 32.85 4.35 33.12
C LYS C 321 33.89 5.47 32.87
N SER C 322 33.76 6.23 31.75
CA SER C 322 34.67 7.33 31.43
C SER C 322 34.36 8.65 32.19
N ASN C 323 33.25 8.71 33.00
CA ASN C 323 32.86 9.88 33.83
C ASN C 323 31.77 9.57 34.92
N MET C 324 31.87 8.39 35.57
CA MET C 324 30.93 8.03 36.62
C MET C 324 31.08 8.89 37.86
N ASN C 325 32.34 9.25 38.20
CA ASN C 325 32.66 10.08 39.37
C ASN C 325 32.69 11.59 39.07
N GLY C 326 32.15 12.00 37.94
CA GLY C 326 32.11 13.41 37.57
C GLY C 326 31.33 14.21 38.59
N VAL C 327 31.79 15.47 38.87
CA VAL C 327 31.17 16.42 39.82
C VAL C 327 30.38 17.44 38.99
N ARG C 328 29.19 17.87 39.51
CA ARG C 328 28.25 18.84 38.91
C ARG C 328 28.68 20.29 39.21
N THR C 358 33.50 19.87 24.31
CA THR C 358 32.28 19.09 24.10
C THR C 358 32.30 17.78 24.91
N ASP C 359 33.12 16.78 24.46
CA ASP C 359 33.30 15.49 25.14
C ASP C 359 34.75 15.04 24.96
N VAL C 360 35.53 15.37 25.97
CA VAL C 360 36.96 15.12 26.10
C VAL C 360 37.32 13.82 26.86
N LEU C 361 36.32 13.23 27.61
CA LEU C 361 36.52 12.00 28.40
C LEU C 361 36.07 10.77 27.64
N TYR C 362 35.19 10.98 26.67
CA TYR C 362 34.63 9.92 25.85
C TYR C 362 34.65 10.26 24.34
N SER C 363 35.05 9.29 23.50
CA SER C 363 35.01 9.46 22.05
C SER C 363 34.14 8.34 21.54
N PRO C 364 33.06 8.59 20.74
CA PRO C 364 32.30 7.45 20.21
C PRO C 364 33.15 6.55 19.29
N GLN C 365 34.19 7.12 18.59
CA GLN C 365 35.07 6.37 17.66
C GLN C 365 36.07 5.42 18.33
N MET C 366 36.66 5.81 19.51
CA MET C 366 37.59 4.92 20.22
C MET C 366 36.72 3.87 20.89
N ALA C 367 35.53 4.31 21.43
CA ALA C 367 34.60 3.40 22.09
C ALA C 367 34.09 2.31 21.17
N LEU C 368 33.77 2.62 19.88
CA LEU C 368 33.29 1.66 18.86
C LEU C 368 34.43 0.73 18.50
N LYS C 369 35.65 1.28 18.48
CA LYS C 369 36.86 0.52 18.18
C LYS C 369 37.00 -0.54 19.22
N LEU C 370 36.91 -0.16 20.50
CA LEU C 370 37.05 -1.15 21.59
C LEU C 370 35.97 -2.23 21.54
N ALA C 371 34.72 -1.84 21.22
CA ALA C 371 33.52 -2.68 21.10
C ALA C 371 33.71 -3.78 20.04
N LEU C 372 34.05 -3.40 18.80
CA LEU C 372 34.27 -4.33 17.68
C LEU C 372 35.47 -5.27 17.97
N THR C 373 36.50 -4.77 18.70
CA THR C 373 37.69 -5.49 19.10
C THR C 373 37.32 -6.61 20.06
N GLU C 374 36.52 -6.31 21.13
CA GLU C 374 36.08 -7.29 22.13
C GLU C 374 35.03 -8.26 21.57
N TRP C 375 34.15 -7.78 20.69
CA TRP C 375 33.10 -8.56 20.02
C TRP C 375 33.68 -9.60 19.12
N LEU C 376 34.74 -9.26 18.36
CA LEU C 376 35.41 -10.18 17.43
C LEU C 376 35.83 -11.46 18.14
N GLN C 377 36.21 -11.35 19.42
CA GLN C 377 36.61 -12.49 20.24
C GLN C 377 35.38 -13.37 20.47
N GLU C 378 34.24 -12.75 20.88
CA GLU C 378 32.93 -13.38 21.15
C GLU C 378 32.36 -14.09 19.91
N PHE C 379 33.09 -14.02 18.78
CA PHE C 379 32.73 -14.65 17.52
C PHE C 379 33.58 -15.90 17.25
N GLY C 380 34.89 -15.79 17.51
CA GLY C 380 35.85 -16.88 17.31
C GLY C 380 36.28 -17.56 18.60
N VAL D 38 16.53 -56.96 9.18
CA VAL D 38 16.11 -57.84 8.09
C VAL D 38 14.70 -57.47 7.62
N ALA D 39 14.54 -57.20 6.30
CA ALA D 39 13.32 -56.82 5.57
C ALA D 39 12.75 -55.43 5.92
N GLY D 40 13.54 -54.62 6.63
CA GLY D 40 13.12 -53.28 7.04
C GLY D 40 13.33 -52.16 6.05
N ALA D 41 13.64 -52.49 4.79
CA ALA D 41 13.88 -51.55 3.70
C ALA D 41 13.69 -52.31 2.37
N ALA D 42 12.54 -53.04 2.26
CA ALA D 42 12.14 -53.89 1.13
C ALA D 42 11.78 -53.11 -0.15
N GLY D 43 12.58 -53.34 -1.17
CA GLY D 43 12.42 -52.70 -2.46
C GLY D 43 13.12 -51.37 -2.62
N GLY D 44 13.51 -50.78 -1.49
CA GLY D 44 14.20 -49.49 -1.46
C GLY D 44 15.51 -49.48 -2.24
N ALA D 45 15.93 -50.70 -2.72
CA ALA D 45 17.14 -51.04 -3.49
C ALA D 45 17.69 -49.88 -4.27
N ARG D 46 16.91 -49.35 -5.27
CA ARG D 46 17.24 -48.18 -6.13
C ARG D 46 16.00 -47.63 -6.96
N ARG D 47 16.28 -46.71 -7.96
CA ARG D 47 15.42 -46.08 -9.00
C ARG D 47 14.54 -44.83 -8.58
N PHE D 48 14.46 -44.47 -7.27
CA PHE D 48 13.61 -43.34 -6.82
C PHE D 48 14.35 -42.26 -6.08
N LEU D 49 14.24 -41.04 -6.61
CA LEU D 49 14.86 -39.80 -6.13
C LEU D 49 13.96 -39.10 -5.12
N CYS D 50 14.04 -39.51 -3.86
CA CYS D 50 13.24 -38.94 -2.79
C CYS D 50 14.10 -38.24 -1.75
N GLY D 51 13.82 -36.94 -1.59
CA GLY D 51 14.48 -36.05 -0.65
C GLY D 51 13.87 -34.67 -0.57
N VAL D 52 14.73 -33.64 -0.43
CA VAL D 52 14.35 -32.22 -0.28
C VAL D 52 15.09 -31.29 -1.26
N VAL D 53 14.35 -30.36 -1.89
CA VAL D 53 14.86 -29.35 -2.82
C VAL D 53 14.88 -27.96 -2.13
N GLU D 54 16.09 -27.36 -1.99
CA GLU D 54 16.17 -26.02 -1.41
C GLU D 54 15.97 -25.11 -2.61
N GLY D 55 14.73 -24.97 -3.07
CA GLY D 55 14.41 -24.17 -4.24
C GLY D 55 13.41 -23.07 -4.01
N PHE D 56 13.72 -22.12 -3.13
CA PHE D 56 12.81 -21.03 -2.80
C PHE D 56 13.44 -19.63 -2.82
N TYR D 57 12.55 -18.62 -2.88
CA TYR D 57 12.83 -17.19 -2.88
C TYR D 57 13.01 -16.70 -1.45
N GLY D 58 14.04 -15.88 -1.25
CA GLY D 58 14.37 -15.30 0.04
C GLY D 58 15.69 -15.74 0.60
N ARG D 59 15.78 -15.71 1.93
CA ARG D 59 16.97 -16.08 2.68
C ARG D 59 17.22 -17.60 2.68
N PRO D 60 18.35 -18.06 2.04
CA PRO D 60 18.65 -19.49 2.00
C PRO D 60 19.27 -20.03 3.31
N TRP D 61 19.33 -21.36 3.42
CA TRP D 61 19.88 -22.04 4.59
C TRP D 61 21.41 -21.91 4.65
N VAL D 62 22.00 -22.04 5.86
CA VAL D 62 23.45 -21.91 6.10
C VAL D 62 24.15 -23.33 6.12
N MET D 63 25.51 -23.36 6.24
CA MET D 63 26.36 -24.57 6.26
C MET D 63 25.91 -25.64 7.28
N GLU D 64 25.85 -25.29 8.59
CA GLU D 64 25.44 -26.19 9.67
C GLU D 64 23.96 -26.61 9.57
N GLN D 65 23.14 -25.86 8.80
CA GLN D 65 21.73 -26.18 8.60
C GLN D 65 21.64 -27.28 7.56
N ARG D 66 22.14 -27.02 6.33
CA ARG D 66 22.16 -27.96 5.20
C ARG D 66 22.86 -29.29 5.54
N LYS D 67 23.83 -29.27 6.48
CA LYS D 67 24.54 -30.48 6.91
C LYS D 67 23.62 -31.29 7.84
N GLU D 68 22.89 -30.59 8.73
CA GLU D 68 21.92 -31.15 9.69
C GLU D 68 20.74 -31.75 8.92
N LEU D 69 20.45 -31.19 7.71
CA LEU D 69 19.41 -31.65 6.81
C LEU D 69 19.84 -33.02 6.28
N PHE D 70 21.14 -33.16 5.93
CA PHE D 70 21.73 -34.41 5.43
C PHE D 70 21.68 -35.55 6.47
N ARG D 71 21.77 -35.24 7.79
CA ARG D 71 21.69 -36.30 8.80
C ARG D 71 20.24 -36.74 9.05
N ARG D 72 19.26 -35.82 8.83
CA ARG D 72 17.83 -36.11 8.99
C ARG D 72 17.37 -36.96 7.81
N LEU D 73 17.77 -36.57 6.57
CA LEU D 73 17.48 -37.28 5.32
C LEU D 73 18.02 -38.71 5.39
N GLN D 74 19.29 -38.89 5.83
CA GLN D 74 19.90 -40.21 5.96
C GLN D 74 19.22 -41.07 7.04
N LYS D 75 18.85 -40.44 8.17
CA LYS D 75 18.20 -41.06 9.31
C LYS D 75 16.85 -41.66 8.90
N TRP D 76 16.02 -40.85 8.22
CA TRP D 76 14.67 -41.18 7.77
C TRP D 76 14.61 -42.00 6.45
N GLU D 77 15.78 -42.46 5.95
CA GLU D 77 15.98 -43.30 4.76
C GLU D 77 15.65 -42.59 3.42
N LEU D 78 15.90 -41.28 3.36
CA LEU D 78 15.70 -40.47 2.16
C LEU D 78 17.09 -40.42 1.51
N ASN D 79 17.17 -40.03 0.22
CA ASN D 79 18.46 -40.09 -0.44
C ASN D 79 18.89 -38.89 -1.29
N THR D 80 18.03 -37.88 -1.50
CA THR D 80 18.48 -36.80 -2.39
C THR D 80 18.24 -35.39 -1.79
N TYR D 81 19.04 -34.42 -2.30
CA TYR D 81 19.02 -32.99 -2.00
C TYR D 81 19.34 -32.21 -3.29
N LEU D 82 18.36 -31.43 -3.77
CA LEU D 82 18.51 -30.60 -4.96
C LEU D 82 18.82 -29.15 -4.53
N TYR D 83 20.08 -28.75 -4.78
CA TYR D 83 20.63 -27.41 -4.48
C TYR D 83 20.09 -26.47 -5.56
N ALA D 84 19.25 -25.50 -5.15
CA ALA D 84 18.62 -24.54 -6.05
C ALA D 84 18.11 -23.29 -5.30
N PRO D 85 18.87 -22.63 -4.36
CA PRO D 85 18.32 -21.44 -3.70
C PRO D 85 18.03 -20.38 -4.76
N LYS D 86 16.73 -20.13 -4.99
CA LYS D 86 16.30 -19.22 -6.03
C LYS D 86 16.88 -17.83 -5.88
N ASP D 87 16.56 -17.10 -4.80
CA ASP D 87 17.05 -15.74 -4.59
C ASP D 87 18.54 -15.64 -4.17
N ASP D 88 19.35 -16.58 -4.69
CA ASP D 88 20.79 -16.63 -4.52
C ASP D 88 21.30 -15.97 -5.80
N TYR D 89 22.54 -15.47 -5.81
CA TYR D 89 23.03 -14.81 -7.00
C TYR D 89 23.94 -15.66 -7.88
N LYS D 90 24.83 -16.49 -7.29
CA LYS D 90 25.74 -17.33 -8.06
C LYS D 90 25.05 -18.52 -8.76
N HIS D 91 23.81 -18.85 -8.35
CA HIS D 91 23.00 -19.91 -8.97
C HIS D 91 22.08 -19.25 -10.01
N ARG D 92 21.48 -18.08 -9.67
CA ARG D 92 20.55 -17.36 -10.53
C ARG D 92 21.20 -16.17 -11.30
N MET D 93 20.85 -14.90 -10.94
CA MET D 93 21.25 -13.63 -11.56
C MET D 93 22.67 -13.61 -12.16
N PHE D 94 23.69 -13.90 -11.35
CA PHE D 94 25.10 -13.88 -11.77
C PHE D 94 25.70 -15.26 -11.71
N TRP D 95 25.13 -16.16 -12.52
CA TRP D 95 25.57 -17.54 -12.64
C TRP D 95 26.92 -17.58 -13.32
N ARG D 96 27.14 -16.68 -14.33
CA ARG D 96 28.36 -16.56 -15.12
C ARG D 96 29.56 -16.37 -14.23
N GLU D 97 29.36 -15.70 -13.08
CA GLU D 97 30.38 -15.45 -12.07
C GLU D 97 30.70 -16.78 -11.41
N MET D 98 31.98 -17.15 -11.43
CA MET D 98 32.50 -18.38 -10.84
C MET D 98 32.48 -18.33 -9.29
N TYR D 99 32.93 -19.39 -8.63
CA TYR D 99 32.95 -19.41 -7.18
C TYR D 99 34.29 -18.94 -6.63
N SER D 100 34.25 -18.09 -5.60
CA SER D 100 35.44 -17.52 -4.96
C SER D 100 36.13 -18.55 -4.07
N VAL D 101 37.38 -18.26 -3.62
CA VAL D 101 38.19 -19.14 -2.76
C VAL D 101 37.39 -19.64 -1.54
N GLU D 102 36.77 -18.70 -0.80
CA GLU D 102 35.95 -18.97 0.38
C GLU D 102 34.65 -19.69 0.02
N GLU D 103 34.08 -19.42 -1.18
CA GLU D 103 32.86 -20.06 -1.66
C GLU D 103 33.10 -21.48 -2.13
N ALA D 104 34.34 -21.78 -2.57
CA ALA D 104 34.76 -23.09 -3.04
C ALA D 104 34.83 -24.05 -1.86
N GLU D 105 35.45 -23.61 -0.73
CA GLU D 105 35.60 -24.40 0.51
C GLU D 105 34.25 -24.56 1.21
N GLN D 106 33.32 -23.61 0.95
CA GLN D 106 31.97 -23.59 1.47
C GLN D 106 31.22 -24.73 0.79
N LEU D 107 31.37 -24.85 -0.55
CA LEU D 107 30.71 -25.89 -1.34
C LEU D 107 31.37 -27.26 -1.24
N MET D 108 32.72 -27.30 -1.20
CA MET D 108 33.54 -28.51 -1.10
C MET D 108 33.20 -29.36 0.13
N THR D 109 32.97 -28.69 1.29
CA THR D 109 32.61 -29.30 2.57
C THR D 109 31.17 -29.83 2.53
N LEU D 110 30.23 -29.05 1.93
CA LEU D 110 28.82 -29.39 1.77
C LEU D 110 28.65 -30.58 0.85
N ILE D 111 29.45 -30.65 -0.22
CA ILE D 111 29.42 -31.77 -1.18
C ILE D 111 30.01 -33.02 -0.48
N SER D 112 31.07 -32.82 0.33
CA SER D 112 31.73 -33.89 1.09
C SER D 112 30.90 -34.37 2.28
N ALA D 113 29.96 -33.54 2.77
CA ALA D 113 29.05 -33.88 3.86
C ALA D 113 27.90 -34.71 3.28
N ALA D 114 27.52 -34.42 2.01
CA ALA D 114 26.46 -35.14 1.32
C ALA D 114 26.89 -36.58 1.08
N ARG D 115 28.17 -36.80 0.69
CA ARG D 115 28.75 -38.13 0.46
C ARG D 115 28.82 -38.91 1.76
N GLU D 116 29.19 -38.22 2.86
CA GLU D 116 29.33 -38.78 4.21
C GLU D 116 27.98 -39.28 4.73
N TYR D 117 26.92 -38.46 4.56
CA TYR D 117 25.58 -38.83 5.00
C TYR D 117 24.79 -39.49 3.86
N GLU D 118 25.51 -40.04 2.85
CA GLU D 118 25.03 -40.77 1.67
C GLU D 118 23.99 -40.06 0.78
N ILE D 119 23.63 -38.82 1.09
CA ILE D 119 22.64 -38.06 0.32
C ILE D 119 23.25 -37.65 -1.03
N GLU D 120 22.48 -37.78 -2.11
CA GLU D 120 22.93 -37.39 -3.43
C GLU D 120 22.82 -35.87 -3.56
N PHE D 121 23.93 -35.25 -3.99
CA PHE D 121 24.00 -33.81 -4.16
C PHE D 121 23.77 -33.42 -5.60
N ILE D 122 22.65 -32.72 -5.86
CA ILE D 122 22.29 -32.24 -7.19
C ILE D 122 22.40 -30.72 -7.17
N TYR D 123 23.43 -30.17 -7.85
CA TYR D 123 23.63 -28.73 -7.98
C TYR D 123 22.74 -28.29 -9.14
N ALA D 124 22.01 -27.19 -8.96
CA ALA D 124 21.16 -26.68 -10.05
C ALA D 124 21.69 -25.33 -10.53
N ILE D 125 21.35 -24.96 -11.77
CA ILE D 125 21.72 -23.69 -12.38
C ILE D 125 20.51 -23.11 -13.17
N SER D 126 20.17 -21.81 -12.95
CA SER D 126 19.03 -21.15 -13.59
C SER D 126 19.42 -19.95 -14.50
N PRO D 127 19.94 -20.21 -15.71
CA PRO D 127 20.35 -19.12 -16.59
C PRO D 127 19.23 -18.46 -17.42
N GLY D 128 18.09 -19.14 -17.56
CA GLY D 128 16.94 -18.74 -18.35
C GLY D 128 16.25 -17.44 -18.02
N LEU D 129 16.96 -16.32 -18.24
CA LEU D 129 16.50 -14.95 -18.01
C LEU D 129 17.33 -14.04 -18.93
N ASP D 130 18.67 -14.12 -18.73
CA ASP D 130 19.74 -13.36 -19.36
C ASP D 130 20.41 -14.05 -20.55
N ILE D 131 20.59 -15.38 -20.46
CA ILE D 131 21.22 -16.30 -21.45
C ILE D 131 20.83 -16.05 -22.92
N THR D 132 21.77 -16.38 -23.82
CA THR D 132 21.67 -16.36 -25.28
C THR D 132 22.09 -17.78 -25.67
N PHE D 133 21.11 -18.67 -25.92
CA PHE D 133 21.36 -20.07 -26.28
C PHE D 133 22.13 -20.20 -27.60
N SER D 134 21.83 -19.32 -28.57
CA SER D 134 22.47 -19.27 -29.89
C SER D 134 23.97 -18.90 -29.86
N ASN D 135 24.41 -18.11 -28.85
CA ASN D 135 25.82 -17.70 -28.70
C ASN D 135 26.72 -18.88 -28.28
N PRO D 136 27.74 -19.24 -29.11
CA PRO D 136 28.62 -20.37 -28.76
C PRO D 136 29.56 -20.12 -27.58
N LYS D 137 29.83 -18.83 -27.27
CA LYS D 137 30.68 -18.38 -26.17
C LYS D 137 29.93 -18.57 -24.83
N GLU D 138 28.57 -18.42 -24.87
CA GLU D 138 27.66 -18.55 -23.73
C GLU D 138 27.77 -19.90 -23.02
N VAL D 139 27.86 -21.03 -23.81
CA VAL D 139 27.99 -22.40 -23.29
C VAL D 139 29.32 -22.64 -22.62
N SER D 140 30.41 -21.93 -23.05
CA SER D 140 31.75 -22.06 -22.45
C SER D 140 31.69 -21.64 -20.98
N THR D 141 31.03 -20.49 -20.68
CA THR D 141 30.85 -19.94 -19.32
C THR D 141 30.07 -20.94 -18.43
N LEU D 142 29.03 -21.61 -19.00
CA LEU D 142 28.21 -22.59 -18.31
C LEU D 142 29.03 -23.86 -18.06
N LYS D 143 29.70 -24.38 -19.10
CA LYS D 143 30.55 -25.57 -18.98
C LYS D 143 31.58 -25.36 -17.86
N ARG D 144 32.31 -24.23 -17.91
CA ARG D 144 33.32 -23.84 -16.93
C ARG D 144 32.76 -23.78 -15.51
N LYS D 145 31.55 -23.17 -15.35
CA LYS D 145 30.85 -23.03 -14.07
C LYS D 145 30.56 -24.41 -13.47
N LEU D 146 30.00 -25.33 -14.30
CA LEU D 146 29.66 -26.71 -13.95
C LEU D 146 30.91 -27.58 -13.67
N ASP D 147 32.06 -27.23 -14.33
CA ASP D 147 33.35 -27.91 -14.17
C ASP D 147 33.88 -27.61 -12.79
N GLN D 148 33.77 -26.33 -12.37
CA GLN D 148 34.20 -25.81 -11.06
C GLN D 148 33.44 -26.51 -9.93
N VAL D 149 32.14 -26.77 -10.15
CA VAL D 149 31.25 -27.46 -9.22
C VAL D 149 31.69 -28.94 -9.17
N SER D 150 31.91 -29.58 -10.35
CA SER D 150 32.35 -30.98 -10.47
C SER D 150 33.71 -31.20 -9.80
N GLN D 151 34.58 -30.15 -9.79
CA GLN D 151 35.92 -30.10 -9.18
C GLN D 151 35.82 -30.17 -7.64
N PHE D 152 34.64 -29.80 -7.08
CA PHE D 152 34.37 -29.84 -5.63
C PHE D 152 33.87 -31.24 -5.22
N GLY D 153 33.71 -32.12 -6.21
CA GLY D 153 33.27 -33.50 -6.05
C GLY D 153 31.90 -33.84 -6.61
N CYS D 154 31.13 -32.82 -7.03
CA CYS D 154 29.78 -32.97 -7.56
C CYS D 154 29.72 -33.91 -8.77
N ARG D 155 28.70 -34.80 -8.78
CA ARG D 155 28.47 -35.80 -9.82
C ARG D 155 27.08 -35.70 -10.46
N SER D 156 26.09 -35.09 -9.77
CA SER D 156 24.73 -34.91 -10.26
C SER D 156 24.45 -33.43 -10.51
N PHE D 157 23.78 -33.10 -11.62
CA PHE D 157 23.49 -31.71 -11.95
C PHE D 157 22.05 -31.44 -12.39
N ALA D 158 21.67 -30.15 -12.49
CA ALA D 158 20.33 -29.71 -12.89
C ALA D 158 20.36 -28.34 -13.55
N LEU D 159 19.46 -28.16 -14.56
CA LEU D 159 19.28 -26.93 -15.34
C LEU D 159 17.82 -26.49 -15.17
N LEU D 160 17.60 -25.38 -14.43
CA LEU D 160 16.26 -24.85 -14.17
C LEU D 160 15.87 -23.72 -15.10
N PHE D 161 14.82 -23.95 -15.88
CA PHE D 161 14.30 -22.99 -16.82
C PHE D 161 12.89 -22.59 -16.42
N ASP D 162 12.73 -22.29 -15.12
CA ASP D 162 11.48 -21.90 -14.46
C ASP D 162 11.53 -20.42 -14.06
N ASN D 167 9.29 -15.36 -24.18
CA ASN D 167 9.63 -14.88 -25.52
C ASN D 167 11.13 -14.58 -25.66
N MET D 168 11.79 -15.27 -26.60
CA MET D 168 13.23 -15.13 -26.90
C MET D 168 13.52 -13.78 -27.57
N CYS D 169 14.81 -13.44 -27.72
CA CYS D 169 15.28 -12.20 -28.34
C CYS D 169 15.20 -12.27 -29.88
N ALA D 170 16.32 -12.01 -30.59
CA ALA D 170 16.37 -12.03 -32.05
C ALA D 170 17.43 -13.01 -32.57
N ALA D 171 18.47 -13.30 -31.75
CA ALA D 171 19.57 -14.22 -32.07
C ALA D 171 19.09 -15.66 -31.88
N ASP D 172 18.33 -15.90 -30.81
CA ASP D 172 17.74 -17.18 -30.46
C ASP D 172 16.52 -17.44 -31.36
N LYS D 173 15.70 -16.38 -31.61
CA LYS D 173 14.47 -16.41 -32.41
C LYS D 173 14.68 -16.83 -33.89
N GLU D 174 15.90 -16.60 -34.43
CA GLU D 174 16.28 -16.93 -35.79
C GLU D 174 16.89 -18.34 -35.86
N VAL D 175 17.81 -18.65 -34.93
CA VAL D 175 18.52 -19.93 -34.83
C VAL D 175 17.57 -21.08 -34.47
N PHE D 176 16.80 -20.95 -33.35
CA PHE D 176 15.87 -21.98 -32.86
C PHE D 176 14.39 -21.77 -33.19
N SER D 177 13.77 -22.83 -33.75
CA SER D 177 12.37 -22.94 -34.18
C SER D 177 11.34 -22.62 -33.08
N SER D 178 11.68 -22.91 -31.80
CA SER D 178 10.84 -22.67 -30.62
C SER D 178 11.72 -22.51 -29.36
N PHE D 179 11.15 -21.98 -28.26
CA PHE D 179 11.84 -21.79 -26.98
C PHE D 179 12.30 -23.13 -26.41
N ALA D 180 11.44 -24.18 -26.54
CA ALA D 180 11.73 -25.54 -26.08
C ALA D 180 12.93 -26.11 -26.84
N HIS D 181 13.00 -25.89 -28.19
CA HIS D 181 14.10 -26.35 -29.07
C HIS D 181 15.44 -25.80 -28.58
N ALA D 182 15.46 -24.53 -28.12
CA ALA D 182 16.63 -23.85 -27.60
C ALA D 182 17.01 -24.45 -26.24
N GLN D 183 16.02 -24.50 -25.31
CA GLN D 183 16.10 -25.03 -23.94
C GLN D 183 16.57 -26.46 -23.88
N VAL D 184 16.10 -27.30 -24.81
CA VAL D 184 16.46 -28.72 -24.91
C VAL D 184 17.88 -28.85 -25.46
N SER D 185 18.25 -28.08 -26.51
CA SER D 185 19.59 -28.08 -27.14
C SER D 185 20.70 -27.82 -26.10
N ILE D 186 20.53 -26.77 -25.28
CA ILE D 186 21.48 -26.38 -24.23
C ILE D 186 21.54 -27.46 -23.13
N THR D 187 20.38 -28.10 -22.80
CA THR D 187 20.28 -29.16 -21.81
C THR D 187 21.07 -30.41 -22.30
N ASN D 188 20.75 -30.89 -23.55
CA ASN D 188 21.37 -32.04 -24.21
C ASN D 188 22.88 -31.85 -24.39
N GLU D 189 23.32 -30.64 -24.78
CA GLU D 189 24.74 -30.35 -24.93
C GLU D 189 25.46 -30.35 -23.57
N ILE D 190 24.82 -29.82 -22.50
CA ILE D 190 25.41 -29.80 -21.16
C ILE D 190 25.47 -31.24 -20.59
N TYR D 191 24.41 -32.05 -20.85
CA TYR D 191 24.29 -33.45 -20.43
C TYR D 191 25.43 -34.27 -21.06
N GLN D 192 25.59 -34.15 -22.40
CA GLN D 192 26.63 -34.85 -23.17
C GLN D 192 28.04 -34.33 -22.89
N TYR D 193 28.18 -33.02 -22.57
CA TYR D 193 29.49 -32.45 -22.26
C TYR D 193 30.03 -33.05 -20.95
N LEU D 194 29.15 -33.18 -19.93
CA LEU D 194 29.50 -33.68 -18.60
C LEU D 194 29.67 -35.22 -18.52
N GLY D 195 29.57 -35.90 -19.65
CA GLY D 195 29.74 -37.34 -19.71
C GLY D 195 28.58 -38.11 -19.12
N GLU D 196 27.35 -37.65 -19.45
CA GLU D 196 26.05 -38.20 -19.07
C GLU D 196 25.98 -38.66 -17.60
N PRO D 197 25.76 -37.74 -16.63
CA PRO D 197 25.68 -38.17 -15.23
C PRO D 197 24.48 -39.07 -14.94
N GLU D 198 24.52 -39.81 -13.80
CA GLU D 198 23.45 -40.71 -13.33
C GLU D 198 22.19 -39.89 -13.11
N THR D 199 22.36 -38.66 -12.60
CA THR D 199 21.28 -37.73 -12.31
C THR D 199 21.51 -36.36 -12.99
N PHE D 200 20.70 -36.08 -14.04
CA PHE D 200 20.68 -34.83 -14.79
C PHE D 200 19.23 -34.39 -14.95
N LEU D 201 18.89 -33.21 -14.41
CA LEU D 201 17.53 -32.69 -14.42
C LEU D 201 17.31 -31.43 -15.25
N PHE D 202 16.12 -31.32 -15.82
CA PHE D 202 15.66 -30.22 -16.64
C PHE D 202 14.29 -29.83 -16.11
N CYS D 203 14.16 -28.57 -15.76
CA CYS D 203 12.90 -28.04 -15.26
C CYS D 203 12.34 -27.18 -16.36
N PRO D 204 11.21 -27.59 -16.98
CA PRO D 204 10.63 -26.79 -18.05
C PRO D 204 9.90 -25.54 -17.54
N THR D 205 9.64 -24.59 -18.48
CA THR D 205 8.93 -23.31 -18.29
C THR D 205 7.51 -23.66 -17.83
N GLU D 206 6.86 -24.61 -18.59
CA GLU D 206 5.54 -25.17 -18.34
C GLU D 206 5.74 -26.34 -17.32
N TYR D 207 6.19 -26.01 -16.11
CA TYR D 207 6.48 -26.99 -15.06
C TYR D 207 5.26 -27.49 -14.27
N CYS D 208 4.04 -26.98 -14.57
CA CYS D 208 2.79 -27.36 -13.90
C CYS D 208 1.63 -27.29 -14.89
N GLY D 209 0.47 -27.84 -14.50
CA GLY D 209 -0.72 -27.89 -15.34
C GLY D 209 -1.20 -26.54 -15.82
N THR D 210 -1.36 -25.61 -14.87
CA THR D 210 -1.81 -24.23 -15.08
C THR D 210 -0.91 -23.49 -16.09
N PHE D 211 0.44 -23.69 -16.03
CA PHE D 211 1.49 -23.10 -16.88
C PHE D 211 1.62 -23.73 -18.27
N CYS D 212 0.77 -24.70 -18.62
CA CYS D 212 0.81 -25.39 -19.91
C CYS D 212 -0.13 -24.80 -20.95
N TYR D 213 0.44 -24.35 -22.11
CA TYR D 213 -0.35 -23.76 -23.19
C TYR D 213 -0.46 -24.71 -24.36
N PRO D 214 -1.70 -25.01 -24.85
CA PRO D 214 -3.02 -24.58 -24.30
C PRO D 214 -3.50 -25.42 -23.11
N ASN D 215 -3.04 -26.65 -23.08
CA ASN D 215 -3.36 -27.67 -22.10
C ASN D 215 -2.13 -28.55 -21.99
N VAL D 216 -2.13 -29.49 -21.03
CA VAL D 216 -1.01 -30.41 -20.80
C VAL D 216 -0.85 -31.42 -21.96
N SER D 217 -1.96 -31.99 -22.47
CA SER D 217 -1.90 -32.98 -23.55
C SER D 217 -1.49 -32.39 -24.91
N GLN D 218 -2.15 -31.34 -25.41
CA GLN D 218 -1.81 -30.76 -26.73
C GLN D 218 -0.81 -29.60 -26.67
N SER D 219 0.05 -29.57 -25.64
CA SER D 219 1.05 -28.50 -25.49
C SER D 219 2.17 -28.65 -26.53
N PRO D 220 2.42 -27.62 -27.38
CA PRO D 220 3.52 -27.74 -28.36
C PRO D 220 4.89 -27.74 -27.66
N TYR D 221 4.99 -27.07 -26.49
CA TYR D 221 6.20 -26.96 -25.69
C TYR D 221 6.65 -28.32 -25.19
N LEU D 222 5.80 -29.00 -24.36
CA LEU D 222 6.07 -30.33 -23.80
C LEU D 222 6.26 -31.40 -24.88
N ARG D 223 5.68 -31.18 -26.08
CA ARG D 223 5.82 -32.08 -27.23
C ARG D 223 7.29 -32.06 -27.67
N THR D 224 7.90 -30.85 -27.73
CA THR D 224 9.30 -30.66 -28.09
C THR D 224 10.17 -31.14 -26.93
N VAL D 225 9.65 -31.03 -25.69
CA VAL D 225 10.34 -31.50 -24.49
C VAL D 225 10.47 -33.04 -24.54
N GLY D 226 9.36 -33.73 -24.82
CA GLY D 226 9.31 -35.19 -24.92
C GLY D 226 10.05 -35.77 -26.11
N GLU D 227 9.90 -35.13 -27.28
CA GLU D 227 10.53 -35.55 -28.53
C GLU D 227 12.07 -35.45 -28.56
N LYS D 228 12.63 -34.24 -28.34
CA LYS D 228 14.07 -33.98 -28.47
C LYS D 228 14.92 -34.15 -27.21
N LEU D 229 14.35 -34.01 -25.97
CA LEU D 229 15.16 -34.16 -24.75
C LEU D 229 15.66 -35.59 -24.56
N LEU D 230 17.00 -35.75 -24.40
CA LEU D 230 17.66 -37.06 -24.23
C LEU D 230 17.00 -37.94 -23.17
N PRO D 231 16.81 -39.26 -23.45
CA PRO D 231 16.14 -40.14 -22.46
C PRO D 231 16.75 -40.20 -21.08
N GLY D 232 18.07 -40.01 -20.99
CA GLY D 232 18.81 -40.06 -19.73
C GLY D 232 18.57 -38.92 -18.76
N ILE D 233 17.79 -37.90 -19.22
CA ILE D 233 17.43 -36.67 -18.47
C ILE D 233 16.04 -36.80 -17.77
N GLU D 234 16.01 -36.46 -16.46
CA GLU D 234 14.80 -36.47 -15.63
C GLU D 234 14.13 -35.10 -15.64
N VAL D 235 12.85 -35.05 -16.02
CA VAL D 235 12.06 -33.82 -16.11
C VAL D 235 11.29 -33.48 -14.80
N LEU D 236 11.45 -32.24 -14.26
CA LEU D 236 10.77 -31.78 -13.03
C LEU D 236 9.35 -31.21 -13.28
N TRP D 237 8.35 -31.67 -12.50
CA TRP D 237 6.91 -31.33 -12.56
C TRP D 237 6.37 -31.16 -11.14
N THR D 238 5.47 -30.17 -10.91
CA THR D 238 4.93 -29.83 -9.57
C THR D 238 3.43 -30.19 -9.35
N GLY D 239 2.81 -30.85 -10.31
CA GLY D 239 1.40 -31.23 -10.27
C GLY D 239 0.58 -30.32 -11.17
N PRO D 240 -0.76 -30.31 -11.09
CA PRO D 240 -1.52 -29.42 -11.98
C PRO D 240 -1.57 -27.95 -11.58
N LYS D 241 -1.01 -27.60 -10.38
CA LYS D 241 -0.92 -26.25 -9.80
C LYS D 241 0.54 -25.90 -9.40
N VAL D 242 0.82 -24.66 -8.97
CA VAL D 242 2.20 -24.32 -8.56
C VAL D 242 2.45 -25.00 -7.20
N VAL D 243 1.45 -24.89 -6.31
CA VAL D 243 1.39 -25.48 -4.97
C VAL D 243 0.17 -26.38 -5.14
N SER D 244 0.40 -27.68 -5.40
CA SER D 244 -0.69 -28.63 -5.64
C SER D 244 -1.45 -29.08 -4.39
N LYS D 245 -2.79 -29.03 -4.48
CA LYS D 245 -3.71 -29.42 -3.42
C LYS D 245 -3.69 -30.95 -3.35
N GLU D 246 -3.80 -31.62 -4.53
CA GLU D 246 -3.80 -33.08 -4.73
C GLU D 246 -3.19 -33.34 -6.12
N ILE D 247 -2.26 -34.32 -6.27
CA ILE D 247 -1.67 -34.65 -7.59
C ILE D 247 -2.33 -35.96 -8.08
N PRO D 248 -3.40 -35.89 -8.94
CA PRO D 248 -4.09 -37.12 -9.38
C PRO D 248 -3.21 -38.11 -10.11
N VAL D 249 -3.63 -39.37 -10.17
CA VAL D 249 -2.85 -40.38 -10.89
C VAL D 249 -2.99 -40.12 -12.40
N GLU D 250 -4.24 -39.83 -12.89
CA GLU D 250 -4.57 -39.51 -14.28
C GLU D 250 -3.65 -38.41 -14.82
N SER D 251 -3.47 -37.33 -14.01
CA SER D 251 -2.66 -36.16 -14.25
C SER D 251 -1.22 -36.53 -14.57
N ILE D 252 -0.58 -37.44 -13.74
CA ILE D 252 0.80 -37.92 -13.92
C ILE D 252 0.87 -38.69 -15.22
N GLU D 253 -0.21 -39.43 -15.55
CA GLU D 253 -0.26 -40.20 -16.77
C GLU D 253 -0.32 -39.27 -17.99
N GLU D 254 -1.13 -38.20 -17.88
CA GLU D 254 -1.33 -37.14 -18.87
C GLU D 254 0.03 -36.47 -19.18
N VAL D 255 0.74 -35.96 -18.15
CA VAL D 255 2.05 -35.32 -18.33
C VAL D 255 3.16 -36.33 -18.75
N SER D 256 3.09 -37.59 -18.27
CA SER D 256 4.07 -38.65 -18.57
C SER D 256 4.09 -39.05 -20.03
N LYS D 257 2.91 -38.98 -20.68
CA LYS D 257 2.61 -39.29 -22.06
C LYS D 257 3.32 -38.33 -23.01
N ILE D 258 3.20 -37.00 -22.75
CA ILE D 258 3.80 -35.97 -23.60
C ILE D 258 5.34 -35.82 -23.37
N ILE D 259 5.85 -35.78 -22.11
CA ILE D 259 7.31 -35.68 -21.86
C ILE D 259 8.02 -37.03 -22.16
N LYS D 260 7.22 -38.09 -22.45
CA LYS D 260 7.65 -39.45 -22.77
C LYS D 260 8.59 -40.07 -21.70
N ARG D 261 8.28 -39.82 -20.40
CA ARG D 261 9.00 -40.32 -19.21
C ARG D 261 8.18 -40.06 -17.92
N ALA D 262 8.64 -40.54 -16.72
CA ALA D 262 7.97 -40.32 -15.43
C ALA D 262 8.55 -39.02 -14.84
N PRO D 263 7.74 -38.13 -14.21
CA PRO D 263 8.29 -36.86 -13.71
C PRO D 263 8.80 -36.89 -12.28
N VAL D 264 9.85 -36.13 -11.98
CA VAL D 264 10.40 -36.03 -10.64
C VAL D 264 9.56 -34.89 -10.05
N ILE D 265 8.69 -35.19 -9.07
CA ILE D 265 7.85 -34.14 -8.51
C ILE D 265 8.61 -33.18 -7.58
N TRP D 266 8.61 -31.89 -7.94
CA TRP D 266 9.20 -30.83 -7.10
C TRP D 266 7.93 -30.35 -6.38
N ASP D 267 7.71 -30.83 -5.15
CA ASP D 267 6.50 -30.49 -4.43
C ASP D 267 6.60 -29.18 -3.71
N ASN D 268 5.57 -28.34 -3.88
CA ASN D 268 5.51 -27.03 -3.25
C ASN D 268 4.38 -27.04 -2.21
N ILE D 269 4.02 -28.22 -1.71
CA ILE D 269 2.99 -28.37 -0.70
C ILE D 269 3.38 -27.65 0.60
N HIS D 270 4.69 -27.65 0.98
CA HIS D 270 5.13 -27.02 2.23
C HIS D 270 5.87 -25.68 2.03
N ALA D 271 5.94 -25.18 0.79
CA ALA D 271 6.60 -23.93 0.45
C ALA D 271 5.81 -22.74 1.01
N ASN D 272 6.50 -21.84 1.72
CA ASN D 272 5.89 -20.67 2.33
C ASN D 272 6.62 -19.35 1.97
N ASP D 273 7.26 -19.32 0.77
CA ASP D 273 8.03 -18.21 0.21
C ASP D 273 7.15 -17.21 -0.62
N TYR D 274 5.83 -17.23 -0.39
CA TYR D 274 4.91 -16.35 -1.10
C TYR D 274 4.00 -15.56 -0.16
N ASP D 275 3.87 -16.07 1.08
CA ASP D 275 3.04 -15.46 2.10
C ASP D 275 3.84 -15.30 3.38
N GLN D 276 3.89 -14.05 3.83
CA GLN D 276 4.57 -13.55 5.00
C GLN D 276 4.13 -14.30 6.27
N LYS D 277 2.79 -14.38 6.49
CA LYS D 277 2.14 -14.99 7.67
C LYS D 277 1.76 -16.49 7.55
N ARG D 278 2.27 -17.19 6.51
CA ARG D 278 2.01 -18.62 6.30
C ARG D 278 3.21 -19.50 6.63
N LEU D 279 2.97 -20.55 7.41
CA LEU D 279 3.93 -21.57 7.83
C LEU D 279 3.18 -22.90 7.73
N PHE D 280 3.84 -23.98 7.26
CA PHE D 280 3.17 -25.28 7.11
C PHE D 280 3.84 -26.39 7.92
N LEU D 281 3.12 -26.84 8.97
CA LEU D 281 3.53 -27.88 9.91
C LEU D 281 2.65 -29.12 9.84
N GLY D 282 1.59 -29.08 9.02
CA GLY D 282 0.67 -30.19 8.81
C GLY D 282 1.30 -31.33 8.02
N PRO D 283 0.64 -32.50 7.92
CA PRO D 283 1.26 -33.63 7.19
C PRO D 283 1.24 -33.54 5.67
N TYR D 284 2.16 -34.28 5.00
CA TYR D 284 2.26 -34.42 3.55
C TYR D 284 0.93 -35.11 3.15
N LYS D 285 0.05 -34.41 2.43
CA LYS D 285 -1.29 -34.88 2.06
C LYS D 285 -1.58 -34.63 0.57
N GLY D 286 -2.63 -35.26 0.05
CA GLY D 286 -3.04 -35.09 -1.34
C GLY D 286 -2.33 -35.94 -2.37
N ARG D 287 -1.32 -36.73 -1.96
CA ARG D 287 -0.62 -37.59 -2.90
C ARG D 287 -0.74 -39.05 -2.51
N SER D 288 -1.44 -39.81 -3.37
CA SER D 288 -1.69 -41.23 -3.20
C SER D 288 -0.42 -42.00 -3.37
N THR D 289 -0.32 -43.13 -2.67
CA THR D 289 0.85 -44.01 -2.77
C THR D 289 0.91 -44.65 -4.17
N GLU D 290 -0.24 -44.64 -4.92
CA GLU D 290 -0.40 -45.19 -6.27
C GLU D 290 0.45 -44.45 -7.27
N LEU D 291 1.02 -43.34 -6.79
CA LEU D 291 1.87 -42.42 -7.52
C LEU D 291 3.32 -42.91 -7.53
N ILE D 292 3.83 -43.50 -6.38
CA ILE D 292 5.22 -43.98 -6.18
C ILE D 292 5.66 -44.90 -7.34
N PRO D 293 5.00 -46.03 -7.69
CA PRO D 293 5.46 -46.80 -8.86
C PRO D 293 5.36 -46.09 -10.24
N ARG D 294 4.88 -44.80 -10.26
CA ARG D 294 4.65 -43.97 -11.45
C ARG D 294 5.53 -42.71 -11.59
N LEU D 295 6.47 -42.47 -10.66
CA LEU D 295 7.34 -41.30 -10.69
C LEU D 295 8.82 -41.67 -10.61
N LYS D 296 9.72 -40.70 -10.87
CA LYS D 296 11.15 -40.93 -10.75
C LYS D 296 11.63 -40.40 -9.41
N GLY D 297 10.76 -39.63 -8.77
CA GLY D 297 11.01 -39.04 -7.46
C GLY D 297 9.98 -38.03 -6.99
N VAL D 298 10.23 -37.52 -5.77
CA VAL D 298 9.47 -36.52 -5.01
C VAL D 298 10.52 -35.72 -4.21
N LEU D 299 10.53 -34.41 -4.36
CA LEU D 299 11.48 -33.54 -3.67
C LEU D 299 10.69 -32.34 -3.15
N THR D 300 10.36 -32.33 -1.86
CA THR D 300 9.59 -31.22 -1.28
C THR D 300 10.44 -29.96 -1.21
N ASN D 301 9.81 -28.84 -1.59
CA ASN D 301 10.33 -27.47 -1.54
C ASN D 301 9.57 -26.96 -0.31
N PRO D 302 10.20 -27.01 0.88
CA PRO D 302 9.45 -26.71 2.10
C PRO D 302 9.52 -25.26 2.60
N ASN D 303 9.23 -25.04 3.89
CA ASN D 303 9.26 -23.73 4.52
C ASN D 303 10.70 -23.19 4.53
N CYS D 304 10.86 -21.86 4.40
CA CYS D 304 12.15 -21.16 4.38
C CYS D 304 12.97 -21.34 5.68
N GLU D 305 12.28 -21.56 6.80
CA GLU D 305 12.91 -21.74 8.11
C GLU D 305 13.14 -23.21 8.40
N PHE D 306 14.36 -23.68 8.08
CA PHE D 306 14.89 -25.03 8.20
C PHE D 306 14.24 -25.90 9.30
N GLU D 307 14.19 -25.42 10.55
CA GLU D 307 13.64 -26.15 11.70
C GLU D 307 12.13 -26.45 11.62
N ALA D 308 11.36 -25.60 10.91
CA ALA D 308 9.91 -25.75 10.71
C ALA D 308 9.55 -26.81 9.64
N ASN D 309 10.54 -27.66 9.25
CA ASN D 309 10.40 -28.69 8.24
C ASN D 309 10.59 -30.10 8.80
N TYR D 310 10.35 -30.31 10.10
CA TYR D 310 10.48 -31.65 10.69
C TYR D 310 9.40 -32.55 10.08
N VAL D 311 8.10 -32.24 10.36
CA VAL D 311 6.93 -32.98 9.87
C VAL D 311 6.94 -33.04 8.34
N ALA D 312 7.15 -31.91 7.66
CA ALA D 312 7.21 -31.83 6.21
C ALA D 312 8.07 -32.93 5.54
N ILE D 313 9.25 -33.24 6.15
CA ILE D 313 10.23 -34.23 5.67
C ILE D 313 10.00 -35.63 6.34
N HIS D 314 9.54 -35.65 7.60
CA HIS D 314 9.25 -36.89 8.31
C HIS D 314 8.08 -37.60 7.60
N THR D 315 6.90 -36.93 7.45
CA THR D 315 5.73 -37.49 6.78
C THR D 315 5.98 -37.89 5.33
N LEU D 316 6.90 -37.17 4.63
CA LEU D 316 7.29 -37.49 3.24
C LEU D 316 8.01 -38.84 3.21
N ALA D 317 8.88 -39.10 4.23
CA ALA D 317 9.62 -40.35 4.37
C ALA D 317 8.62 -41.47 4.72
N THR D 318 7.72 -41.24 5.74
CA THR D 318 6.68 -42.20 6.17
C THR D 318 5.93 -42.63 4.91
N TRP D 319 5.49 -41.64 4.10
CA TRP D 319 4.78 -41.83 2.84
C TRP D 319 5.57 -42.66 1.85
N TYR D 320 6.80 -42.24 1.48
CA TYR D 320 7.62 -42.98 0.51
C TYR D 320 7.85 -44.43 0.92
N LYS D 321 8.28 -44.66 2.18
CA LYS D 321 8.56 -45.97 2.75
C LYS D 321 7.32 -46.89 2.77
N SER D 322 6.10 -46.28 2.87
CA SER D 322 4.81 -46.96 2.90
C SER D 322 4.42 -47.65 1.55
N ASN D 323 5.14 -47.34 0.42
CA ASN D 323 4.89 -47.93 -0.91
C ASN D 323 6.11 -47.85 -1.89
N MET D 324 7.35 -47.83 -1.36
CA MET D 324 8.56 -47.78 -2.16
C MET D 324 8.71 -48.97 -3.09
N ASN D 325 8.20 -50.14 -2.67
CA ASN D 325 8.25 -51.35 -3.50
C ASN D 325 6.92 -51.63 -4.23
N GLY D 326 6.21 -50.55 -4.59
CA GLY D 326 4.94 -50.63 -5.28
C GLY D 326 5.07 -51.01 -6.74
N VAL D 327 3.99 -51.63 -7.29
CA VAL D 327 3.84 -52.08 -8.68
C VAL D 327 2.55 -51.55 -9.29
N ARG D 328 2.63 -50.96 -10.55
CA ARG D 328 1.48 -50.41 -11.31
C ARG D 328 1.80 -50.13 -12.79
N THR D 358 -9.26 -44.48 -1.33
CA THR D 358 -8.43 -43.67 -2.23
C THR D 358 -6.90 -43.97 -2.01
N ASP D 359 -6.46 -44.00 -0.72
CA ASP D 359 -5.07 -44.30 -0.31
C ASP D 359 -5.09 -45.23 0.92
N VAL D 360 -5.02 -46.53 0.61
CA VAL D 360 -5.08 -47.68 1.51
C VAL D 360 -3.78 -47.93 2.31
N LEU D 361 -2.63 -47.35 1.88
CA LEU D 361 -1.35 -47.57 2.55
C LEU D 361 -0.87 -46.42 3.43
N TYR D 362 -1.29 -45.19 3.08
CA TYR D 362 -0.90 -44.00 3.79
C TYR D 362 -2.07 -43.14 4.22
N SER D 363 -2.02 -42.71 5.49
CA SER D 363 -3.00 -41.82 6.12
C SER D 363 -2.22 -40.65 6.65
N PRO D 364 -2.36 -39.42 6.07
CA PRO D 364 -1.64 -38.26 6.60
C PRO D 364 -1.87 -38.00 8.09
N GLN D 365 -3.10 -38.27 8.60
CA GLN D 365 -3.50 -38.11 10.00
C GLN D 365 -2.62 -38.97 10.93
N MET D 366 -2.42 -40.26 10.55
CA MET D 366 -1.64 -41.26 11.28
C MET D 366 -0.14 -41.01 11.14
N ALA D 367 0.28 -40.40 10.01
CA ALA D 367 1.69 -40.06 9.72
C ALA D 367 2.13 -38.81 10.48
N LEU D 368 1.18 -37.88 10.73
CA LEU D 368 1.39 -36.65 11.49
C LEU D 368 1.57 -37.04 12.96
N LYS D 369 0.80 -38.04 13.44
CA LYS D 369 0.88 -38.55 14.81
C LYS D 369 2.33 -38.98 15.03
N LEU D 370 2.85 -39.84 14.18
CA LEU D 370 4.23 -40.28 14.30
C LEU D 370 5.22 -39.12 14.21
N ALA D 371 5.02 -38.18 13.27
CA ALA D 371 5.89 -37.02 13.06
C ALA D 371 6.07 -36.17 14.32
N LEU D 372 4.94 -35.73 14.91
CA LEU D 372 4.92 -34.94 16.14
C LEU D 372 5.47 -35.75 17.36
N THR D 373 5.12 -37.07 17.45
CA THR D 373 5.57 -38.02 18.49
C THR D 373 7.11 -38.10 18.46
N GLU D 374 7.73 -38.18 17.27
CA GLU D 374 9.19 -38.21 17.03
C GLU D 374 9.87 -36.80 17.08
N TRP D 375 9.09 -35.71 16.89
CA TRP D 375 9.58 -34.33 16.94
C TRP D 375 9.75 -33.95 18.38
N LEU D 376 8.74 -34.24 19.22
CA LEU D 376 8.65 -33.98 20.65
C LEU D 376 9.90 -34.45 21.39
N GLN D 377 10.43 -35.60 21.00
CA GLN D 377 11.63 -36.16 21.60
C GLN D 377 12.85 -35.31 21.21
N GLU D 378 12.86 -34.75 19.98
CA GLU D 378 13.93 -33.87 19.49
C GLU D 378 13.80 -32.47 20.14
N PHE D 379 12.70 -32.24 20.89
CA PHE D 379 12.43 -31.01 21.65
C PHE D 379 13.00 -31.22 23.07
N GLY D 380 13.26 -32.47 23.43
CA GLY D 380 13.79 -32.87 24.74
C GLY D 380 12.67 -33.15 25.73
N THR E 2 4.71 -30.70 25.64
CA THR E 2 4.02 -31.97 25.40
C THR E 2 3.43 -32.09 23.99
N LEU E 3 3.07 -33.33 23.56
CA LEU E 3 2.48 -33.64 22.24
C LEU E 3 1.18 -32.85 22.04
N GLU E 4 0.33 -32.84 23.09
CA GLU E 4 -0.97 -32.17 23.20
C GLU E 4 -0.89 -30.70 22.72
N ASP E 5 0.30 -30.08 22.87
CA ASP E 5 0.60 -28.70 22.46
C ASP E 5 1.04 -28.64 21.00
N LEU E 6 1.95 -29.58 20.57
CA LEU E 6 2.46 -29.64 19.20
C LEU E 6 1.35 -30.01 18.24
N GLN E 7 0.35 -30.76 18.75
CA GLN E 7 -0.81 -31.18 17.97
C GLN E 7 -1.69 -29.95 17.66
N LEU E 8 -1.61 -28.90 18.54
CA LEU E 8 -2.30 -27.62 18.41
C LEU E 8 -1.45 -26.63 17.60
N LEU E 9 -0.12 -26.67 17.76
CA LEU E 9 0.79 -25.81 17.00
C LEU E 9 0.66 -26.15 15.51
N ALA E 10 0.78 -27.46 15.16
CA ALA E 10 0.64 -27.96 13.78
C ALA E 10 -0.72 -27.54 13.23
N ASP E 11 -1.81 -27.70 14.04
CA ASP E 11 -3.22 -27.37 13.79
C ASP E 11 -3.42 -25.90 13.33
N LEU E 12 -2.69 -24.93 13.97
CA LEU E 12 -2.74 -23.49 13.67
C LEU E 12 -1.98 -23.08 12.41
N PHE E 13 -0.94 -23.83 12.05
CA PHE E 13 -0.10 -23.57 10.87
C PHE E 13 0.00 -24.90 10.18
N TYR E 14 -1.16 -25.38 9.66
CA TYR E 14 -1.37 -26.68 9.01
C TYR E 14 -0.87 -26.80 7.56
N LEU E 15 -1.80 -26.78 6.60
CA LEU E 15 -1.50 -26.92 5.18
C LEU E 15 -1.98 -25.69 4.32
N PRO E 16 -1.47 -25.49 3.07
CA PRO E 16 -1.90 -24.33 2.26
C PRO E 16 -3.37 -24.23 1.90
N TYR E 17 -4.10 -25.35 1.77
CA TYR E 17 -5.52 -25.31 1.40
C TYR E 17 -6.47 -25.68 2.54
N GLU E 18 -5.96 -26.41 3.54
CA GLU E 18 -6.74 -26.87 4.69
C GLU E 18 -6.21 -26.24 6.00
N HIS E 19 -7.12 -25.68 6.83
CA HIS E 19 -6.74 -25.14 8.14
C HIS E 19 -6.98 -26.28 9.12
N GLY E 20 -6.27 -26.32 10.24
CA GLY E 20 -6.46 -27.39 11.22
C GLY E 20 -7.86 -27.58 11.78
N PRO E 21 -8.18 -28.74 12.41
CA PRO E 21 -9.54 -28.96 12.94
C PRO E 21 -9.92 -28.02 14.09
N LYS E 22 -8.96 -27.75 15.03
CA LYS E 22 -9.14 -26.85 16.18
C LYS E 22 -9.14 -25.41 15.69
N GLY E 23 -8.30 -25.12 14.70
CA GLY E 23 -8.17 -23.80 14.08
C GLY E 23 -9.42 -23.40 13.33
N ALA E 24 -10.02 -24.33 12.58
CA ALA E 24 -11.24 -24.04 11.82
C ALA E 24 -12.47 -23.99 12.75
N GLN E 25 -12.32 -24.51 13.97
CA GLN E 25 -13.37 -24.56 14.98
C GLN E 25 -13.46 -23.23 15.71
N MET E 26 -12.30 -22.66 16.07
CA MET E 26 -12.13 -21.37 16.75
C MET E 26 -12.71 -20.28 15.87
N LEU E 27 -12.35 -20.32 14.57
CA LEU E 27 -12.76 -19.41 13.51
C LEU E 27 -14.28 -19.44 13.33
N ARG E 28 -14.89 -20.66 13.34
CA ARG E 28 -16.33 -20.89 13.22
C ARG E 28 -17.03 -20.32 14.46
N GLU E 29 -16.42 -20.50 15.64
CA GLU E 29 -16.95 -19.99 16.90
C GLU E 29 -16.87 -18.47 17.02
N PHE E 30 -15.74 -17.85 16.59
CA PHE E 30 -15.53 -16.38 16.62
C PHE E 30 -16.51 -15.66 15.67
N GLN E 31 -16.85 -16.31 14.54
CA GLN E 31 -17.78 -15.80 13.54
C GLN E 31 -19.16 -15.77 14.18
N TRP E 32 -19.56 -16.86 14.86
CA TRP E 32 -20.87 -16.94 15.53
C TRP E 32 -21.06 -15.87 16.60
N LEU E 33 -20.04 -15.67 17.45
CA LEU E 33 -20.06 -14.70 18.54
C LEU E 33 -20.21 -13.30 18.01
N ARG E 34 -19.38 -12.91 17.03
CA ARG E 34 -19.46 -11.59 16.40
C ARG E 34 -20.79 -11.45 15.62
N ALA E 35 -21.51 -12.56 15.35
CA ALA E 35 -22.77 -12.54 14.62
C ALA E 35 -24.04 -12.49 15.50
N ASN E 36 -23.89 -12.43 16.83
CA ASN E 36 -25.03 -12.36 17.78
C ASN E 36 -24.75 -11.49 19.03
N SER E 37 -25.84 -10.98 19.68
CA SER E 37 -25.80 -10.12 20.88
C SER E 37 -27.19 -10.04 21.55
N SER E 49 -33.93 -13.52 24.77
CA SER E 49 -34.60 -14.82 24.90
C SER E 49 -33.75 -15.85 25.68
N GLU E 50 -34.18 -17.13 25.74
CA GLU E 50 -33.47 -18.20 26.44
C GLU E 50 -32.14 -18.52 25.74
N LYS E 51 -31.95 -17.95 24.55
CA LYS E 51 -30.75 -18.08 23.70
C LYS E 51 -29.57 -17.26 24.27
N ILE E 52 -29.83 -16.27 25.17
CA ILE E 52 -28.83 -15.40 25.83
C ILE E 52 -27.91 -16.27 26.72
N GLU E 53 -28.47 -17.40 27.21
CA GLU E 53 -27.81 -18.42 28.04
C GLU E 53 -26.76 -19.17 27.17
N GLU E 54 -27.04 -19.31 25.86
CA GLU E 54 -26.17 -19.97 24.90
C GLU E 54 -24.96 -19.10 24.54
N TRP E 55 -25.21 -17.80 24.19
CA TRP E 55 -24.17 -16.84 23.82
C TRP E 55 -23.14 -16.62 24.94
N ARG E 56 -23.63 -16.32 26.16
CA ARG E 56 -22.81 -16.07 27.36
C ARG E 56 -21.91 -17.26 27.70
N SER E 57 -22.42 -18.49 27.50
CA SER E 57 -21.68 -19.73 27.75
C SER E 57 -20.66 -19.98 26.66
N ARG E 58 -21.02 -19.74 25.38
CA ARG E 58 -20.13 -19.95 24.25
C ARG E 58 -18.97 -18.96 24.21
N ALA E 59 -19.16 -17.74 24.76
CA ALA E 59 -18.13 -16.70 24.81
C ALA E 59 -17.04 -17.03 25.83
N ALA E 60 -17.39 -17.82 26.87
CA ALA E 60 -16.49 -18.29 27.93
C ALA E 60 -15.67 -19.46 27.41
N LYS E 61 -16.33 -20.46 26.76
CA LYS E 61 -15.71 -21.66 26.15
C LYS E 61 -14.66 -21.24 25.11
N PHE E 62 -14.91 -20.10 24.44
CA PHE E 62 -14.03 -19.53 23.42
C PHE E 62 -12.85 -18.79 24.04
N GLU E 63 -13.08 -18.05 25.16
CA GLU E 63 -12.03 -17.33 25.89
C GLU E 63 -11.04 -18.37 26.46
N GLU E 64 -11.57 -19.58 26.76
CA GLU E 64 -10.87 -20.74 27.28
C GLU E 64 -10.01 -21.37 26.16
N MET E 65 -10.60 -21.62 24.96
CA MET E 65 -9.94 -22.20 23.78
C MET E 65 -8.84 -21.28 23.25
N CYS E 66 -8.88 -19.99 23.67
CA CYS E 66 -7.92 -18.93 23.36
C CYS E 66 -6.81 -19.03 24.41
N GLY E 67 -7.19 -19.15 25.69
CA GLY E 67 -6.30 -19.29 26.83
C GLY E 67 -5.36 -20.48 26.72
N LEU E 68 -5.87 -21.58 26.12
CA LEU E 68 -5.11 -22.81 25.87
C LEU E 68 -3.95 -22.50 24.91
N VAL E 69 -4.21 -21.66 23.87
CA VAL E 69 -3.23 -21.23 22.85
C VAL E 69 -2.10 -20.40 23.53
N MET E 70 -2.44 -19.69 24.65
CA MET E 70 -1.50 -18.88 25.44
C MET E 70 -0.68 -19.81 26.33
N GLY E 71 -1.33 -20.89 26.80
CA GLY E 71 -0.71 -21.93 27.61
C GLY E 71 0.22 -22.79 26.77
N MET E 72 -0.05 -22.84 25.45
CA MET E 72 0.74 -23.58 24.48
C MET E 72 2.01 -22.78 24.18
N PHE E 73 1.89 -21.46 23.92
CA PHE E 73 3.03 -20.57 23.62
C PHE E 73 4.05 -20.47 24.76
N THR E 74 3.57 -20.22 26.00
CA THR E 74 4.43 -20.04 27.18
C THR E 74 5.22 -21.32 27.51
N ARG E 75 4.67 -22.51 27.20
CA ARG E 75 5.36 -23.78 27.40
C ARG E 75 6.39 -23.98 26.29
N LEU E 76 6.11 -23.40 25.09
CA LEU E 76 6.94 -23.47 23.88
C LEU E 76 8.17 -22.56 23.96
N SER E 77 7.99 -21.32 24.46
CA SER E 77 9.07 -20.35 24.62
C SER E 77 10.02 -20.76 25.76
N ASN E 78 9.53 -21.63 26.68
CA ASN E 78 10.23 -22.22 27.82
C ASN E 78 10.32 -23.75 27.62
N CYS E 79 11.03 -24.17 26.55
CA CYS E 79 11.24 -25.57 26.16
C CYS E 79 12.71 -25.95 26.28
N ALA E 80 12.99 -27.26 26.51
CA ALA E 80 14.34 -27.84 26.64
C ALA E 80 15.23 -27.51 25.43
N ASN E 81 14.67 -27.61 24.18
CA ASN E 81 15.38 -27.28 22.95
C ASN E 81 15.13 -25.82 22.61
N ARG E 82 16.17 -25.14 22.08
CA ARG E 82 16.09 -23.72 21.74
C ARG E 82 16.14 -23.46 20.25
N THR E 83 17.11 -24.08 19.52
CA THR E 83 17.35 -23.94 18.07
C THR E 83 16.06 -23.89 17.22
N ILE E 84 15.10 -24.79 17.51
CA ILE E 84 13.82 -24.90 16.82
C ILE E 84 12.93 -23.66 16.94
N LEU E 85 12.86 -23.05 18.15
CA LEU E 85 12.04 -21.88 18.48
C LEU E 85 12.26 -20.68 17.56
N TYR E 86 13.47 -20.09 17.57
CA TYR E 86 13.87 -18.90 16.80
C TYR E 86 13.40 -18.89 15.35
N ASP E 87 13.40 -20.07 14.69
CA ASP E 87 12.98 -20.23 13.29
C ASP E 87 11.48 -19.93 13.06
N MET E 88 10.59 -20.30 14.01
CA MET E 88 9.15 -20.06 13.89
C MET E 88 8.58 -19.04 14.90
N TYR E 89 9.40 -18.61 15.90
CA TYR E 89 9.06 -17.63 16.96
C TYR E 89 8.35 -16.37 16.45
N SER E 90 8.51 -16.05 15.13
CA SER E 90 7.90 -14.92 14.46
C SER E 90 6.45 -15.26 14.37
N TYR E 91 6.09 -16.27 13.52
CA TYR E 91 4.74 -16.81 13.27
C TYR E 91 4.03 -17.15 14.58
N VAL E 92 4.83 -17.50 15.63
CA VAL E 92 4.37 -17.84 16.97
C VAL E 92 3.84 -16.57 17.68
N TRP E 93 4.56 -15.43 17.58
CA TRP E 93 4.14 -14.16 18.17
C TRP E 93 2.91 -13.63 17.44
N ASP E 94 2.86 -13.87 16.13
CA ASP E 94 1.76 -13.48 15.25
C ASP E 94 0.42 -14.05 15.73
N ILE E 95 0.43 -15.31 16.25
CA ILE E 95 -0.78 -15.96 16.76
C ILE E 95 -1.23 -15.31 18.08
N LYS E 96 -0.32 -15.07 19.06
CA LYS E 96 -0.67 -14.41 20.33
C LYS E 96 -1.33 -13.05 20.05
N SER E 97 -0.71 -12.26 19.12
CA SER E 97 -1.12 -10.93 18.64
C SER E 97 -2.57 -10.87 18.18
N ILE E 98 -3.01 -11.89 17.43
CA ILE E 98 -4.38 -11.97 16.90
C ILE E 98 -5.32 -12.76 17.84
N MET E 99 -4.77 -13.58 18.76
CA MET E 99 -5.59 -14.33 19.72
C MET E 99 -6.08 -13.39 20.80
N SER E 100 -5.30 -12.29 21.02
CA SER E 100 -5.53 -11.22 22.00
C SER E 100 -6.75 -10.36 21.64
N MET E 101 -6.68 -9.56 20.55
CA MET E 101 -7.75 -8.67 20.07
C MET E 101 -9.08 -9.41 19.80
N VAL E 102 -9.01 -10.74 19.57
CA VAL E 102 -10.14 -11.61 19.32
C VAL E 102 -10.78 -11.96 20.68
N LYS E 103 -9.96 -12.23 21.71
CA LYS E 103 -10.45 -12.53 23.06
C LYS E 103 -10.95 -11.21 23.72
N SER E 104 -10.35 -10.06 23.34
CA SER E 104 -10.72 -8.75 23.88
C SER E 104 -12.04 -8.26 23.27
N PHE E 105 -12.27 -8.57 21.98
CA PHE E 105 -13.49 -8.21 21.22
C PHE E 105 -14.70 -9.00 21.75
N VAL E 106 -14.46 -10.15 22.42
CA VAL E 106 -15.50 -11.01 22.99
C VAL E 106 -16.43 -10.21 23.95
N GLN E 107 -15.86 -9.26 24.73
CA GLN E 107 -16.67 -8.43 25.63
C GLN E 107 -16.48 -6.93 25.35
N GLU E 125 12.75 15.00 12.56
CA GLU E 125 12.04 13.84 12.00
C GLU E 125 12.92 12.58 12.22
N PRO E 126 12.47 11.51 12.94
CA PRO E 126 13.37 10.36 13.22
C PRO E 126 13.31 9.07 12.38
N TRP E 127 12.12 8.64 11.88
CA TRP E 127 11.86 7.40 11.08
C TRP E 127 11.40 7.70 9.67
N ALA E 128 11.04 8.99 9.39
CA ALA E 128 10.56 9.51 8.12
C ALA E 128 11.41 9.12 6.90
N PHE E 129 12.59 8.55 7.13
CA PHE E 129 13.47 8.09 6.06
C PHE E 129 13.69 6.57 6.15
N ARG E 130 12.77 5.85 5.48
CA ARG E 130 12.68 4.40 5.43
C ARG E 130 13.74 3.70 4.57
N GLY E 131 14.15 2.51 5.02
CA GLY E 131 15.09 1.64 4.32
C GLY E 131 16.50 1.43 4.81
N GLY E 132 17.08 2.40 5.53
CA GLY E 132 18.45 2.32 6.00
C GLY E 132 19.39 2.62 4.84
N LEU E 133 20.57 1.97 4.77
CA LEU E 133 21.54 2.17 3.67
C LEU E 133 21.01 1.53 2.38
N ALA E 134 20.34 0.36 2.50
CA ALA E 134 19.73 -0.37 1.38
C ALA E 134 18.62 0.45 0.77
N GLY E 135 17.88 1.16 1.62
CA GLY E 135 16.78 2.03 1.21
C GLY E 135 17.25 3.22 0.42
N GLU E 136 18.46 3.71 0.70
CA GLU E 136 19.03 4.85 -0.02
C GLU E 136 19.48 4.43 -1.42
N PHE E 137 19.91 3.16 -1.59
CA PHE E 137 20.35 2.58 -2.88
C PHE E 137 19.21 2.36 -3.87
N GLN E 138 18.06 1.81 -3.38
CA GLN E 138 16.87 1.57 -4.20
C GLN E 138 16.18 2.92 -4.53
N ARG E 139 16.54 3.99 -3.77
CA ARG E 139 16.03 5.34 -3.95
C ARG E 139 16.96 6.11 -4.91
N LEU E 140 17.97 5.40 -5.46
CA LEU E 140 18.95 5.89 -6.43
C LEU E 140 18.85 5.00 -7.69
N LEU E 141 17.73 4.24 -7.83
CA LEU E 141 17.46 3.35 -8.96
C LEU E 141 15.98 3.35 -9.38
N THR F 2 -40.25 -0.20 -7.35
CA THR F 2 -40.87 -0.53 -6.06
C THR F 2 -40.14 0.19 -4.90
N LEU F 3 -40.85 0.47 -3.80
CA LEU F 3 -40.28 1.14 -2.62
C LEU F 3 -39.24 0.23 -1.96
N GLU F 4 -39.48 -1.08 -2.02
CA GLU F 4 -38.65 -2.16 -1.47
C GLU F 4 -37.26 -2.19 -2.12
N ASP F 5 -37.16 -1.73 -3.39
CA ASP F 5 -35.92 -1.63 -4.15
C ASP F 5 -35.03 -0.53 -3.59
N LEU F 6 -35.59 0.69 -3.42
CA LEU F 6 -34.85 1.81 -2.85
C LEU F 6 -34.44 1.53 -1.41
N GLN F 7 -35.17 0.65 -0.68
CA GLN F 7 -34.87 0.25 0.71
C GLN F 7 -33.60 -0.57 0.69
N LEU F 8 -33.46 -1.43 -0.34
CA LEU F 8 -32.27 -2.24 -0.55
C LEU F 8 -31.14 -1.31 -1.04
N LEU F 9 -31.43 -0.42 -2.01
CA LEU F 9 -30.48 0.54 -2.59
C LEU F 9 -29.86 1.41 -1.52
N ALA F 10 -30.72 1.94 -0.60
CA ALA F 10 -30.30 2.79 0.50
C ALA F 10 -29.53 1.98 1.51
N ASP F 11 -29.87 0.67 1.69
CA ASP F 11 -29.16 -0.20 2.65
C ASP F 11 -27.74 -0.54 2.24
N LEU F 12 -27.49 -0.62 0.92
CA LEU F 12 -26.17 -0.94 0.35
C LEU F 12 -25.25 0.26 0.32
N PHE F 13 -25.82 1.51 0.22
CA PHE F 13 -25.09 2.80 0.20
C PHE F 13 -25.82 3.66 1.19
N TYR F 14 -25.55 3.41 2.47
CA TYR F 14 -26.19 3.97 3.65
C TYR F 14 -25.50 5.11 4.37
N LEU F 15 -24.60 4.78 5.30
CA LEU F 15 -23.93 5.78 6.09
C LEU F 15 -22.43 5.49 6.21
N PRO F 16 -21.58 6.51 6.49
CA PRO F 16 -20.13 6.28 6.57
C PRO F 16 -19.70 5.23 7.61
N TYR F 17 -20.33 5.22 8.80
CA TYR F 17 -19.98 4.28 9.87
C TYR F 17 -20.95 3.09 10.00
N GLU F 18 -22.10 3.14 9.33
CA GLU F 18 -23.10 2.08 9.43
C GLU F 18 -23.70 1.67 8.08
N HIS F 19 -23.79 0.36 7.82
CA HIS F 19 -24.43 -0.18 6.62
C HIS F 19 -25.91 -0.39 6.98
N GLY F 20 -26.78 -0.35 5.98
CA GLY F 20 -28.21 -0.58 6.18
C GLY F 20 -28.45 -2.04 6.55
N PRO F 21 -29.62 -2.40 7.12
CA PRO F 21 -29.86 -3.80 7.52
C PRO F 21 -29.73 -4.86 6.45
N LYS F 22 -30.34 -4.67 5.26
CA LYS F 22 -30.26 -5.65 4.17
C LYS F 22 -28.81 -5.89 3.70
N GLY F 23 -27.99 -4.83 3.72
CA GLY F 23 -26.58 -4.90 3.36
C GLY F 23 -25.80 -5.68 4.40
N ALA F 24 -26.01 -5.32 5.69
CA ALA F 24 -25.41 -5.95 6.88
C ALA F 24 -25.80 -7.43 7.01
N GLN F 25 -27.02 -7.80 6.54
CA GLN F 25 -27.52 -9.16 6.55
C GLN F 25 -26.69 -10.02 5.57
N MET F 26 -26.58 -9.61 4.28
CA MET F 26 -25.82 -10.29 3.21
C MET F 26 -24.37 -10.54 3.62
N LEU F 27 -23.70 -9.50 4.11
CA LEU F 27 -22.31 -9.55 4.55
C LEU F 27 -22.14 -10.63 5.62
N ARG F 28 -23.04 -10.66 6.64
CA ARG F 28 -23.05 -11.63 7.74
C ARG F 28 -23.24 -13.06 7.24
N GLU F 29 -24.20 -13.27 6.30
CA GLU F 29 -24.53 -14.58 5.70
C GLU F 29 -23.34 -15.09 4.89
N PHE F 30 -22.69 -14.18 4.15
CA PHE F 30 -21.52 -14.51 3.33
C PHE F 30 -20.28 -14.73 4.23
N GLN F 31 -20.22 -14.02 5.38
CA GLN F 31 -19.15 -14.12 6.37
C GLN F 31 -19.30 -15.47 7.05
N TRP F 32 -20.56 -16.00 7.11
CA TRP F 32 -20.89 -17.29 7.70
C TRP F 32 -20.54 -18.44 6.75
N LEU F 33 -20.95 -18.35 5.44
CA LEU F 33 -20.70 -19.38 4.40
C LEU F 33 -19.21 -19.65 4.25
N ARG F 34 -18.44 -18.56 4.33
CA ARG F 34 -17.00 -18.59 4.23
C ARG F 34 -16.40 -19.43 5.36
N ALA F 35 -16.78 -19.14 6.62
CA ALA F 35 -16.24 -19.86 7.78
C ALA F 35 -16.77 -21.30 7.97
N ASN F 36 -17.31 -21.93 6.90
CA ASN F 36 -17.84 -23.29 7.04
C ASN F 36 -17.51 -24.26 5.87
N SER F 37 -17.39 -25.57 6.23
CA SER F 37 -17.07 -26.73 5.39
C SER F 37 -17.49 -28.03 6.14
N GLU F 50 -24.16 -33.96 8.96
CA GLU F 50 -25.54 -33.49 9.02
C GLU F 50 -25.65 -31.96 8.98
N LYS F 51 -24.49 -31.27 9.03
CA LYS F 51 -24.35 -29.81 8.96
C LYS F 51 -24.21 -29.35 7.49
N ILE F 52 -24.17 -30.34 6.54
CA ILE F 52 -24.10 -30.16 5.10
C ILE F 52 -25.44 -29.57 4.65
N GLU F 53 -26.58 -30.26 4.94
CA GLU F 53 -27.94 -29.82 4.60
C GLU F 53 -28.22 -28.38 5.04
N GLU F 54 -27.54 -27.93 6.13
CA GLU F 54 -27.63 -26.57 6.69
C GLU F 54 -26.90 -25.59 5.76
N TRP F 55 -25.57 -25.78 5.57
CA TRP F 55 -24.74 -24.95 4.71
C TRP F 55 -25.34 -24.82 3.33
N ARG F 56 -25.72 -25.96 2.73
CA ARG F 56 -26.34 -26.04 1.40
C ARG F 56 -27.64 -25.20 1.34
N SER F 57 -28.48 -25.25 2.40
CA SER F 57 -29.74 -24.51 2.51
C SER F 57 -29.44 -23.02 2.61
N ARG F 58 -28.31 -22.67 3.26
CA ARG F 58 -27.86 -21.29 3.46
C ARG F 58 -27.11 -20.74 2.24
N ALA F 59 -26.40 -21.61 1.51
CA ALA F 59 -25.65 -21.27 0.30
C ALA F 59 -26.59 -21.08 -0.86
N ALA F 60 -27.70 -21.86 -0.89
CA ALA F 60 -28.71 -21.80 -1.93
C ALA F 60 -29.63 -20.59 -1.73
N LYS F 61 -29.96 -20.25 -0.45
CA LYS F 61 -30.82 -19.11 -0.11
C LYS F 61 -30.08 -17.80 -0.27
N PHE F 62 -28.73 -17.84 -0.16
CA PHE F 62 -27.89 -16.66 -0.34
C PHE F 62 -27.87 -16.30 -1.83
N GLU F 63 -27.71 -17.32 -2.72
CA GLU F 63 -27.68 -17.23 -4.20
C GLU F 63 -28.94 -16.57 -4.74
N GLU F 64 -30.07 -16.82 -4.06
CA GLU F 64 -31.39 -16.30 -4.35
C GLU F 64 -31.40 -14.80 -4.03
N MET F 65 -30.79 -14.40 -2.86
CA MET F 65 -30.68 -13.00 -2.40
C MET F 65 -29.73 -12.25 -3.32
N CYS F 66 -28.62 -12.91 -3.69
CA CYS F 66 -27.58 -12.45 -4.60
C CYS F 66 -28.22 -12.20 -5.95
N GLY F 67 -29.04 -13.16 -6.37
CA GLY F 67 -29.79 -13.15 -7.63
C GLY F 67 -30.87 -12.10 -7.72
N LEU F 68 -31.62 -11.90 -6.62
CA LEU F 68 -32.67 -10.89 -6.58
C LEU F 68 -32.08 -9.46 -6.50
N VAL F 69 -30.91 -9.29 -5.84
CA VAL F 69 -30.24 -7.99 -5.74
C VAL F 69 -29.84 -7.56 -7.15
N MET F 70 -29.39 -8.53 -7.99
CA MET F 70 -29.05 -8.32 -9.42
C MET F 70 -30.31 -7.84 -10.17
N GLY F 71 -31.48 -8.40 -9.80
CA GLY F 71 -32.78 -8.04 -10.36
C GLY F 71 -33.09 -6.57 -10.16
N MET F 72 -33.02 -6.08 -8.91
CA MET F 72 -33.22 -4.68 -8.52
C MET F 72 -32.23 -3.80 -9.27
N PHE F 73 -30.96 -4.26 -9.43
CA PHE F 73 -29.88 -3.54 -10.11
C PHE F 73 -30.22 -3.29 -11.57
N THR F 74 -30.80 -4.29 -12.26
CA THR F 74 -31.21 -4.14 -13.66
C THR F 74 -32.50 -3.36 -13.77
N ARG F 75 -33.40 -3.50 -12.80
CA ARG F 75 -34.70 -2.79 -12.73
C ARG F 75 -34.48 -1.27 -12.72
N LEU F 76 -33.51 -0.84 -11.88
CA LEU F 76 -33.09 0.54 -11.70
C LEU F 76 -32.54 1.12 -13.02
N SER F 77 -31.70 0.34 -13.76
CA SER F 77 -31.11 0.76 -15.03
C SER F 77 -32.14 1.07 -16.12
N ASN F 78 -33.39 0.60 -15.94
CA ASN F 78 -34.46 0.86 -16.92
C ASN F 78 -35.38 2.00 -16.51
N CYS F 79 -35.02 2.73 -15.44
CA CYS F 79 -35.75 3.88 -14.88
C CYS F 79 -36.05 4.98 -15.90
N ALA F 80 -37.19 5.63 -15.75
CA ALA F 80 -37.57 6.72 -16.63
C ALA F 80 -36.66 7.91 -16.33
N ASN F 81 -36.37 8.16 -15.05
CA ASN F 81 -35.51 9.28 -14.68
C ASN F 81 -34.03 8.95 -14.84
N ARG F 82 -33.45 9.22 -16.05
CA ARG F 82 -32.02 8.98 -16.35
C ARG F 82 -31.13 9.99 -15.66
N THR F 83 -31.68 11.19 -15.37
CA THR F 83 -30.97 12.24 -14.68
C THR F 83 -30.52 11.68 -13.31
N ILE F 84 -31.45 11.09 -12.49
CA ILE F 84 -31.13 10.51 -11.17
C ILE F 84 -30.15 9.34 -11.37
N LEU F 85 -30.58 8.34 -12.17
CA LEU F 85 -29.82 7.14 -12.52
C LEU F 85 -28.35 7.44 -12.88
N TYR F 86 -28.11 8.27 -13.92
CA TYR F 86 -26.80 8.68 -14.44
C TYR F 86 -25.84 9.21 -13.38
N ASP F 87 -26.39 9.81 -12.32
CA ASP F 87 -25.62 10.40 -11.22
C ASP F 87 -25.05 9.35 -10.26
N MET F 88 -25.82 8.27 -10.00
CA MET F 88 -25.42 7.25 -9.04
C MET F 88 -25.22 5.81 -9.58
N TYR F 89 -25.38 5.54 -10.90
CA TYR F 89 -25.21 4.18 -11.43
C TYR F 89 -23.75 3.67 -11.43
N SER F 90 -22.76 4.57 -11.43
CA SER F 90 -21.34 4.22 -11.37
C SER F 90 -21.03 3.32 -10.15
N TYR F 91 -21.75 3.55 -9.03
CA TYR F 91 -21.66 2.83 -7.77
C TYR F 91 -22.38 1.50 -7.88
N VAL F 92 -23.60 1.53 -8.46
CA VAL F 92 -24.49 0.39 -8.66
C VAL F 92 -23.76 -0.69 -9.45
N TRP F 93 -23.16 -0.31 -10.59
CA TRP F 93 -22.39 -1.21 -11.46
C TRP F 93 -21.23 -1.86 -10.70
N ASP F 94 -20.52 -1.10 -9.87
CA ASP F 94 -19.40 -1.68 -9.15
C ASP F 94 -19.87 -2.73 -8.11
N ILE F 95 -20.93 -2.45 -7.31
CA ILE F 95 -21.48 -3.42 -6.34
C ILE F 95 -22.05 -4.66 -7.09
N LYS F 96 -22.57 -4.46 -8.34
CA LYS F 96 -23.11 -5.50 -9.24
C LYS F 96 -21.98 -6.44 -9.72
N SER F 97 -20.78 -5.88 -10.03
CA SER F 97 -19.61 -6.64 -10.44
C SER F 97 -19.22 -7.56 -9.25
N ILE F 98 -18.94 -6.96 -8.07
CA ILE F 98 -18.59 -7.62 -6.79
C ILE F 98 -19.68 -8.65 -6.35
N MET F 99 -21.00 -8.36 -6.49
CA MET F 99 -22.12 -9.24 -6.12
C MET F 99 -22.19 -10.51 -6.96
N SER F 100 -21.79 -10.43 -8.24
CA SER F 100 -21.82 -11.58 -9.13
C SER F 100 -20.71 -12.57 -8.81
N MET F 101 -19.48 -12.07 -8.53
CA MET F 101 -18.34 -12.94 -8.19
C MET F 101 -18.33 -13.44 -6.74
N VAL F 102 -19.07 -12.76 -5.84
CA VAL F 102 -19.23 -13.15 -4.42
C VAL F 102 -20.07 -14.44 -4.50
N LYS F 103 -21.19 -14.37 -5.28
CA LYS F 103 -22.13 -15.44 -5.55
C LYS F 103 -21.36 -16.54 -6.22
N SER F 104 -20.65 -16.22 -7.33
CA SER F 104 -19.86 -17.21 -8.05
C SER F 104 -18.75 -17.80 -7.21
N PHE F 105 -18.33 -17.12 -6.12
CA PHE F 105 -17.31 -17.68 -5.27
C PHE F 105 -17.98 -18.75 -4.43
N VAL F 106 -19.19 -18.43 -3.85
CA VAL F 106 -20.02 -19.34 -3.02
C VAL F 106 -20.34 -20.64 -3.76
N GLN F 107 -20.61 -20.57 -5.09
CA GLN F 107 -20.90 -21.72 -5.96
C GLN F 107 -19.73 -22.74 -5.92
N TRP F 108 -18.49 -22.24 -5.66
CA TRP F 108 -17.22 -22.99 -5.57
C TRP F 108 -16.98 -23.51 -4.13
N ARG F 130 4.25 6.70 -11.73
CA ARG F 130 3.56 6.48 -10.46
C ARG F 130 3.60 7.77 -9.54
N GLY F 131 3.38 8.94 -10.16
CA GLY F 131 3.38 10.24 -9.51
C GLY F 131 4.03 11.34 -10.34
N GLY F 132 4.75 10.95 -11.40
CA GLY F 132 5.45 11.86 -12.31
C GLY F 132 6.66 12.49 -11.67
N LEU F 133 7.00 13.73 -12.07
CA LEU F 133 8.14 14.43 -11.48
C LEU F 133 7.80 14.81 -10.03
N ALA F 134 6.51 15.04 -9.72
CA ALA F 134 6.01 15.35 -8.39
C ALA F 134 6.27 14.17 -7.44
N GLY F 135 5.96 12.96 -7.90
CA GLY F 135 6.15 11.73 -7.13
C GLY F 135 7.59 11.38 -6.88
N GLU F 136 8.43 11.51 -7.93
CA GLU F 136 9.90 11.27 -7.95
C GLU F 136 10.62 12.06 -6.85
N PHE F 137 10.19 13.32 -6.64
CA PHE F 137 10.72 14.26 -5.66
C PHE F 137 10.15 13.99 -4.27
N GLN F 138 8.80 13.90 -4.11
CA GLN F 138 8.08 13.63 -2.84
C GLN F 138 8.51 12.30 -2.18
N ARG F 139 9.03 11.35 -2.99
CA ARG F 139 9.51 10.02 -2.57
C ARG F 139 10.92 10.13 -1.97
N LEU F 140 11.51 11.36 -1.94
CA LEU F 140 12.82 11.69 -1.40
C LEU F 140 12.70 12.74 -0.26
N LEU F 141 11.47 13.17 0.04
CA LEU F 141 11.23 14.16 1.07
C LEU F 141 10.89 13.49 2.39
N PRO F 142 11.23 14.11 3.55
CA PRO F 142 10.93 13.49 4.84
C PRO F 142 9.45 13.34 5.14
N ILE F 143 8.94 12.09 5.04
CA ILE F 143 7.54 11.73 5.30
C ILE F 143 7.51 10.28 5.80
N THR G 2 6.44 33.69 -21.68
CA THR G 2 7.69 33.53 -22.46
C THR G 2 7.80 32.10 -23.06
N LEU G 3 8.71 31.90 -24.04
CA LEU G 3 8.89 30.57 -24.63
C LEU G 3 9.50 29.64 -23.63
N GLU G 4 10.64 30.05 -23.05
CA GLU G 4 11.44 29.35 -22.04
C GLU G 4 10.59 28.91 -20.87
N ASP G 5 9.51 29.64 -20.57
CA ASP G 5 8.59 29.28 -19.50
C ASP G 5 7.91 27.98 -19.79
N LEU G 6 7.34 27.84 -21.01
CA LEU G 6 6.65 26.61 -21.42
C LEU G 6 7.60 25.44 -21.57
N GLN G 7 8.88 25.68 -21.92
CA GLN G 7 9.89 24.63 -22.09
C GLN G 7 10.13 23.97 -20.77
N LEU G 8 10.22 24.79 -19.72
CA LEU G 8 10.36 24.36 -18.34
C LEU G 8 9.07 23.68 -17.95
N LEU G 9 7.91 24.20 -18.37
CA LEU G 9 6.59 23.62 -18.05
C LEU G 9 6.40 22.25 -18.65
N ALA G 10 6.73 22.08 -19.92
CA ALA G 10 6.59 20.81 -20.57
C ALA G 10 7.57 19.82 -19.97
N ASP G 11 8.80 20.26 -19.63
CA ASP G 11 9.82 19.37 -19.09
C ASP G 11 9.41 18.66 -17.81
N LEU G 12 8.64 19.33 -16.94
CA LEU G 12 8.08 18.80 -15.68
C LEU G 12 6.93 17.76 -15.94
N PHE G 13 6.12 18.01 -17.00
CA PHE G 13 4.99 17.16 -17.41
C PHE G 13 5.24 16.77 -18.87
N TYR G 14 6.21 15.90 -19.08
CA TYR G 14 6.71 15.49 -20.37
C TYR G 14 6.10 14.23 -20.99
N LEU G 15 6.72 13.06 -20.80
CA LEU G 15 6.24 11.81 -21.39
C LEU G 15 6.17 10.72 -20.30
N PRO G 16 5.41 9.61 -20.51
CA PRO G 16 5.30 8.60 -19.44
C PRO G 16 6.60 7.85 -19.07
N TYR G 17 7.53 7.68 -20.04
CA TYR G 17 8.78 6.97 -19.75
C TYR G 17 9.99 7.88 -19.63
N GLU G 18 9.79 9.19 -19.80
CA GLU G 18 10.89 10.14 -19.75
C GLU G 18 10.44 11.53 -19.31
N HIS G 19 11.21 12.15 -18.40
CA HIS G 19 10.94 13.53 -17.97
C HIS G 19 11.74 14.42 -18.94
N GLY G 20 11.36 15.68 -19.08
CA GLY G 20 12.09 16.58 -19.97
C GLY G 20 13.49 16.92 -19.46
N PRO G 21 14.38 17.49 -20.32
CA PRO G 21 15.75 17.82 -19.87
C PRO G 21 15.85 18.66 -18.59
N LYS G 22 15.12 19.82 -18.49
CA LYS G 22 15.09 20.70 -17.32
C LYS G 22 14.59 19.95 -16.07
N GLY G 23 13.52 19.17 -16.21
CA GLY G 23 12.95 18.38 -15.12
C GLY G 23 13.91 17.31 -14.62
N ALA G 24 14.66 16.68 -15.54
CA ALA G 24 15.62 15.65 -15.21
C ALA G 24 16.91 16.28 -14.67
N GLN G 25 17.25 17.50 -15.12
CA GLN G 25 18.45 18.20 -14.66
C GLN G 25 18.28 18.50 -13.17
N MET G 26 17.14 19.15 -12.82
CA MET G 26 16.70 19.54 -11.48
C MET G 26 16.63 18.35 -10.51
N LEU G 27 16.06 17.21 -10.95
CA LEU G 27 15.92 16.01 -10.14
C LEU G 27 17.28 15.42 -9.76
N ARG G 28 18.24 15.44 -10.72
CA ARG G 28 19.62 14.94 -10.59
C ARG G 28 20.37 15.74 -9.51
N GLU G 29 20.14 17.07 -9.48
CA GLU G 29 20.76 17.98 -8.53
C GLU G 29 20.24 17.82 -7.12
N PHE G 30 18.92 17.64 -6.93
CA PHE G 30 18.33 17.42 -5.60
C PHE G 30 18.82 16.09 -5.05
N GLN G 31 18.94 15.08 -5.92
CA GLN G 31 19.42 13.74 -5.61
C GLN G 31 20.91 13.79 -5.27
N TRP G 32 21.68 14.72 -5.89
CA TRP G 32 23.11 14.90 -5.61
C TRP G 32 23.26 15.54 -4.23
N LEU G 33 22.58 16.68 -4.01
CA LEU G 33 22.64 17.41 -2.74
C LEU G 33 22.34 16.48 -1.56
N ARG G 34 21.32 15.64 -1.72
CA ARG G 34 20.92 14.64 -0.74
C ARG G 34 22.05 13.64 -0.39
N ALA G 35 22.87 13.26 -1.37
CA ALA G 35 23.96 12.30 -1.19
C ALA G 35 25.21 12.89 -0.50
N ASN G 36 25.22 14.22 -0.26
CA ASN G 36 26.34 14.94 0.33
C ASN G 36 25.88 15.96 1.38
N LYS G 47 38.83 21.83 12.07
CA LYS G 47 38.43 21.89 10.66
C LYS G 47 38.47 20.50 9.96
N ASP G 48 38.04 20.45 8.66
CA ASP G 48 38.01 19.25 7.80
C ASP G 48 37.91 19.63 6.29
N SER G 49 37.95 18.58 5.40
CA SER G 49 37.90 18.58 3.91
C SER G 49 37.05 19.71 3.25
N GLU G 50 37.57 20.34 2.16
CA GLU G 50 36.83 21.43 1.50
C GLU G 50 36.09 20.99 0.22
N LYS G 51 34.87 20.50 0.48
CA LYS G 51 33.84 20.01 -0.43
C LYS G 51 32.49 20.58 0.10
N ILE G 52 32.59 21.44 1.15
CA ILE G 52 31.50 22.17 1.83
C ILE G 52 31.25 23.42 0.98
N GLU G 53 32.32 23.88 0.27
CA GLU G 53 32.35 25.03 -0.63
C GLU G 53 31.48 24.67 -1.82
N GLU G 54 31.64 23.46 -2.39
CA GLU G 54 30.83 23.02 -3.54
C GLU G 54 29.40 22.68 -3.15
N TRP G 55 29.14 22.13 -1.93
CA TRP G 55 27.78 21.79 -1.49
C TRP G 55 26.88 22.99 -1.30
N ARG G 56 27.33 24.06 -0.63
CA ARG G 56 26.44 25.21 -0.48
C ARG G 56 26.40 26.02 -1.78
N SER G 57 27.50 26.05 -2.57
CA SER G 57 27.49 26.75 -3.86
C SER G 57 26.47 26.04 -4.75
N ARG G 58 26.41 24.69 -4.67
CA ARG G 58 25.49 23.88 -5.44
C ARG G 58 24.06 23.86 -4.84
N ALA G 59 23.92 24.08 -3.51
CA ALA G 59 22.62 24.16 -2.81
C ALA G 59 21.96 25.51 -3.10
N ALA G 60 22.77 26.59 -3.18
CA ALA G 60 22.35 27.95 -3.47
C ALA G 60 21.93 28.07 -4.94
N LYS G 61 22.66 27.38 -5.85
CA LYS G 61 22.36 27.39 -7.28
C LYS G 61 21.08 26.63 -7.54
N PHE G 62 20.73 25.71 -6.61
CA PHE G 62 19.51 24.89 -6.65
C PHE G 62 18.33 25.67 -6.06
N GLU G 63 18.56 26.44 -4.96
CA GLU G 63 17.57 27.31 -4.29
C GLU G 63 17.18 28.49 -5.22
N GLU G 64 18.05 28.78 -6.21
CA GLU G 64 17.90 29.79 -7.24
C GLU G 64 16.95 29.20 -8.30
N MET G 65 17.19 27.93 -8.74
CA MET G 65 16.37 27.19 -9.72
C MET G 65 14.98 26.92 -9.15
N CYS G 66 14.87 26.69 -7.80
CA CYS G 66 13.59 26.47 -7.10
C CYS G 66 12.75 27.75 -7.10
N GLY G 67 13.40 28.91 -7.25
CA GLY G 67 12.78 30.23 -7.34
C GLY G 67 12.53 30.66 -8.78
N LEU G 68 13.20 29.99 -9.76
CA LEU G 68 13.00 30.27 -11.18
C LEU G 68 11.72 29.56 -11.61
N VAL G 69 11.61 28.27 -11.28
CA VAL G 69 10.45 27.43 -11.58
C VAL G 69 9.20 27.97 -10.90
N MET G 70 9.35 28.49 -9.68
CA MET G 70 8.21 29.03 -8.93
C MET G 70 7.76 30.42 -9.40
N GLY G 71 8.66 31.14 -10.07
CA GLY G 71 8.38 32.45 -10.64
C GLY G 71 7.52 32.26 -11.87
N MET G 72 7.90 31.26 -12.68
CA MET G 72 7.23 30.81 -13.92
C MET G 72 5.76 30.43 -13.67
N PHE G 73 5.53 29.70 -12.57
CA PHE G 73 4.25 29.19 -12.12
C PHE G 73 3.29 30.31 -11.86
N THR G 74 3.77 31.35 -11.12
CA THR G 74 3.01 32.55 -10.75
C THR G 74 2.69 33.30 -12.01
N ARG G 75 3.66 33.35 -12.95
CA ARG G 75 3.55 34.01 -14.25
C ARG G 75 2.45 33.37 -15.06
N LEU G 76 2.51 32.02 -15.19
CA LEU G 76 1.54 31.17 -15.90
C LEU G 76 0.15 31.44 -15.36
N SER G 77 -0.03 31.45 -14.03
CA SER G 77 -1.32 31.71 -13.41
C SER G 77 -1.91 33.09 -13.77
N ASN G 78 -1.08 34.02 -14.30
CA ASN G 78 -1.57 35.35 -14.69
C ASN G 78 -1.78 35.47 -16.18
N CYS G 79 -1.82 34.35 -16.91
CA CYS G 79 -2.04 34.33 -18.37
C CYS G 79 -3.43 34.80 -18.79
N ALA G 80 -3.54 35.44 -19.97
CA ALA G 80 -4.82 35.93 -20.49
C ALA G 80 -5.75 34.75 -20.81
N ASN G 81 -5.18 33.64 -21.33
CA ASN G 81 -5.99 32.46 -21.63
C ASN G 81 -6.35 31.68 -20.36
N ARG G 82 -7.52 31.96 -19.77
CA ARG G 82 -7.97 31.27 -18.53
C ARG G 82 -8.48 29.89 -18.83
N THR G 83 -8.71 29.60 -20.11
CA THR G 83 -9.24 28.32 -20.55
C THR G 83 -8.13 27.22 -20.50
N ILE G 84 -6.90 27.49 -21.04
CA ILE G 84 -5.80 26.51 -21.02
C ILE G 84 -5.35 26.26 -19.59
N LEU G 85 -5.22 27.35 -18.82
CA LEU G 85 -4.81 27.43 -17.44
C LEU G 85 -5.71 26.62 -16.50
N TYR G 86 -7.03 26.76 -16.60
CA TYR G 86 -7.97 26.05 -15.73
C TYR G 86 -7.91 24.54 -15.92
N ASP G 87 -7.59 24.10 -17.15
CA ASP G 87 -7.49 22.68 -17.52
C ASP G 87 -6.25 21.99 -16.97
N MET G 88 -5.11 22.70 -16.86
CA MET G 88 -3.90 22.05 -16.36
C MET G 88 -3.33 22.61 -15.05
N TYR G 89 -3.81 23.77 -14.52
CA TYR G 89 -3.22 24.33 -13.30
C TYR G 89 -3.25 23.42 -12.06
N SER G 90 -4.27 22.51 -11.91
CA SER G 90 -4.33 21.60 -10.77
C SER G 90 -3.00 20.82 -10.60
N TYR G 91 -2.32 20.49 -11.76
CA TYR G 91 -1.04 19.77 -11.84
C TYR G 91 0.14 20.67 -11.47
N VAL G 92 0.04 21.94 -11.85
CA VAL G 92 1.04 22.96 -11.62
C VAL G 92 1.04 23.30 -10.13
N TRP G 93 -0.15 23.37 -9.52
CA TRP G 93 -0.32 23.63 -8.10
C TRP G 93 0.25 22.49 -7.21
N ASP G 94 0.33 21.27 -7.73
CA ASP G 94 0.91 20.18 -6.96
C ASP G 94 2.45 20.29 -6.94
N ILE G 95 3.11 20.31 -8.13
CA ILE G 95 4.59 20.42 -8.27
C ILE G 95 5.15 21.71 -7.64
N LYS G 96 4.32 22.76 -7.48
CA LYS G 96 4.69 24.04 -6.86
C LYS G 96 4.79 23.81 -5.32
N SER G 97 3.97 22.92 -4.81
CA SER G 97 3.93 22.58 -3.41
C SER G 97 5.03 21.56 -3.04
N ILE G 98 5.37 20.66 -3.95
CA ILE G 98 6.42 19.66 -3.77
C ILE G 98 7.81 20.31 -3.93
N MET G 99 7.93 21.46 -4.65
CA MET G 99 9.20 22.17 -4.86
C MET G 99 9.45 23.25 -3.86
N SER G 100 8.44 23.57 -3.04
CA SER G 100 8.58 24.57 -2.00
C SER G 100 9.29 23.81 -0.88
N MET G 101 8.73 22.61 -0.50
CA MET G 101 9.29 21.76 0.54
C MET G 101 10.58 21.04 0.10
N VAL G 102 10.93 21.06 -1.19
CA VAL G 102 12.19 20.47 -1.68
C VAL G 102 13.26 21.56 -1.41
N LYS G 103 12.92 22.81 -1.77
CA LYS G 103 13.75 24.01 -1.56
C LYS G 103 13.96 24.12 -0.06
N SER G 104 12.87 23.95 0.72
CA SER G 104 12.95 23.96 2.16
C SER G 104 13.72 22.74 2.66
N PHE G 105 13.63 21.61 1.97
CA PHE G 105 14.38 20.47 2.43
C PHE G 105 15.86 20.81 2.31
N VAL G 106 16.33 21.23 1.10
CA VAL G 106 17.73 21.63 0.79
C VAL G 106 18.29 22.61 1.84
N GLN G 107 17.45 23.60 2.22
CA GLN G 107 17.74 24.62 3.23
C GLN G 107 18.02 24.04 4.65
N TRP G 108 17.73 22.74 4.89
CA TRP G 108 17.96 22.03 6.16
C TRP G 108 19.48 21.84 6.44
N GLN G 124 -12.09 13.28 11.37
CA GLN G 124 -11.23 12.32 10.71
C GLN G 124 -11.95 10.94 10.76
N GLU G 125 -11.28 9.83 10.31
CA GLU G 125 -11.62 8.37 10.36
C GLU G 125 -12.32 7.62 9.14
N PRO G 126 -13.39 8.04 8.37
CA PRO G 126 -13.94 7.13 7.34
C PRO G 126 -13.04 6.75 6.16
N TRP G 127 -11.84 7.36 6.07
CA TRP G 127 -10.83 7.09 5.05
C TRP G 127 -9.63 6.41 5.77
N ALA G 128 -9.39 5.14 5.43
CA ALA G 128 -8.38 4.17 5.92
C ALA G 128 -9.04 2.78 6.02
N PHE G 129 -10.37 2.77 5.77
CA PHE G 129 -11.29 1.65 5.73
C PHE G 129 -12.20 1.92 4.49
N ARG G 130 -11.53 2.12 3.33
CA ARG G 130 -12.07 2.43 1.99
C ARG G 130 -12.97 1.33 1.40
N GLY G 131 -13.69 1.67 0.31
CA GLY G 131 -14.53 0.76 -0.44
C GLY G 131 -16.02 0.69 -0.13
N GLY G 132 -16.38 0.85 1.15
CA GLY G 132 -17.77 0.76 1.59
C GLY G 132 -18.22 -0.69 1.62
N LEU G 133 -19.47 -0.97 1.17
CA LEU G 133 -19.99 -2.34 1.14
C LEU G 133 -19.30 -3.22 0.10
N ALA G 134 -19.13 -2.70 -1.13
CA ALA G 134 -18.45 -3.41 -2.23
C ALA G 134 -17.06 -3.81 -1.79
N GLY G 135 -16.32 -2.88 -1.18
CA GLY G 135 -14.97 -3.04 -0.66
C GLY G 135 -14.86 -4.04 0.49
N GLU G 136 -15.84 -4.00 1.43
CA GLU G 136 -15.91 -4.91 2.57
C GLU G 136 -16.02 -6.36 2.11
N PHE G 137 -16.82 -6.61 1.04
CA PHE G 137 -17.05 -7.90 0.42
C PHE G 137 -15.78 -8.36 -0.28
N GLN G 138 -15.06 -7.43 -0.95
CA GLN G 138 -13.79 -7.68 -1.69
C GLN G 138 -12.69 -8.23 -0.80
N ARG G 139 -12.66 -7.79 0.48
CA ARG G 139 -11.68 -8.22 1.48
C ARG G 139 -11.82 -9.73 1.81
N LEU G 140 -13.01 -10.31 1.54
CA LEU G 140 -13.34 -11.73 1.73
C LEU G 140 -13.18 -12.50 0.39
N LEU G 141 -12.68 -11.84 -0.67
CA LEU G 141 -12.54 -12.49 -1.97
C LEU G 141 -11.08 -12.72 -2.39
N PRO G 142 -10.82 -13.83 -3.10
CA PRO G 142 -9.44 -14.16 -3.49
C PRO G 142 -8.64 -13.15 -4.32
N ILE G 143 -9.23 -12.68 -5.46
CA ILE G 143 -8.61 -11.75 -6.41
C ILE G 143 -8.11 -10.44 -5.73
N THR H 2 37.79 -11.41 10.80
CA THR H 2 38.76 -10.35 11.08
C THR H 2 38.10 -9.02 11.46
N LEU H 3 38.80 -8.22 12.30
CA LEU H 3 38.36 -6.92 12.83
C LEU H 3 37.87 -5.93 11.75
N GLU H 4 38.55 -5.92 10.60
CA GLU H 4 38.28 -5.07 9.44
C GLU H 4 36.92 -5.38 8.80
N ASP H 5 36.38 -6.58 9.05
CA ASP H 5 35.08 -6.98 8.51
C ASP H 5 33.95 -6.37 9.37
N LEU H 6 34.11 -6.41 10.73
CA LEU H 6 33.14 -5.88 11.69
C LEU H 6 33.06 -4.36 11.62
N GLN H 7 34.16 -3.69 11.18
CA GLN H 7 34.18 -2.25 11.04
C GLN H 7 33.34 -1.84 9.84
N LEU H 8 33.30 -2.71 8.80
CA LEU H 8 32.51 -2.55 7.58
C LEU H 8 31.03 -2.84 7.85
N LEU H 9 30.72 -3.93 8.57
CA LEU H 9 29.36 -4.32 8.95
C LEU H 9 28.74 -3.21 9.82
N ALA H 10 29.51 -2.70 10.80
CA ALA H 10 29.01 -1.61 11.66
C ALA H 10 28.76 -0.34 10.86
N ASP H 11 29.49 -0.09 9.73
CA ASP H 11 29.33 1.09 8.85
C ASP H 11 28.01 1.05 8.07
N LEU H 12 27.59 -0.16 7.63
CA LEU H 12 26.36 -0.40 6.87
C LEU H 12 25.13 -0.35 7.79
N PHE H 13 25.31 -0.71 9.07
CA PHE H 13 24.24 -0.66 10.08
C PHE H 13 24.88 0.14 11.19
N TYR H 14 24.90 1.49 11.01
CA TYR H 14 25.59 2.40 11.91
C TYR H 14 24.68 3.07 12.92
N LEU H 15 24.15 4.27 12.63
CA LEU H 15 23.30 5.01 13.57
C LEU H 15 22.02 5.62 12.93
N PRO H 16 20.96 5.90 13.75
CA PRO H 16 19.74 6.51 13.21
C PRO H 16 19.89 7.75 12.32
N TYR H 17 20.88 8.61 12.58
CA TYR H 17 21.07 9.80 11.77
C TYR H 17 22.38 9.81 11.02
N GLU H 18 23.14 8.72 11.12
CA GLU H 18 24.42 8.71 10.43
C GLU H 18 24.72 7.36 9.80
N HIS H 19 25.07 7.37 8.51
CA HIS H 19 25.50 6.15 7.83
C HIS H 19 26.98 6.16 8.16
N GLY H 20 27.61 4.99 8.16
CA GLY H 20 29.05 4.94 8.46
C GLY H 20 29.87 5.60 7.36
N PRO H 21 31.20 5.83 7.57
CA PRO H 21 32.03 6.48 6.53
C PRO H 21 32.09 5.80 5.14
N LYS H 22 32.25 4.45 5.11
CA LYS H 22 32.35 3.64 3.88
C LYS H 22 31.00 3.51 3.18
N GLY H 23 29.91 3.55 3.96
CA GLY H 23 28.55 3.46 3.45
C GLY H 23 28.04 4.78 2.91
N ALA H 24 28.55 5.91 3.46
CA ALA H 24 28.17 7.23 2.98
C ALA H 24 28.95 7.50 1.67
N GLN H 25 30.07 6.78 1.49
CA GLN H 25 30.95 6.87 0.35
C GLN H 25 30.37 6.17 -0.84
N MET H 26 29.98 4.88 -0.71
CA MET H 26 29.39 4.06 -1.78
C MET H 26 28.19 4.75 -2.39
N LEU H 27 27.38 5.40 -1.56
CA LEU H 27 26.20 6.12 -1.97
C LEU H 27 26.60 7.26 -2.86
N ARG H 28 27.57 8.09 -2.40
CA ARG H 28 28.12 9.26 -3.10
C ARG H 28 28.75 8.85 -4.43
N GLU H 29 29.59 7.80 -4.39
CA GLU H 29 30.23 7.24 -5.58
C GLU H 29 29.19 6.73 -6.58
N PHE H 30 28.13 6.03 -6.09
CA PHE H 30 27.08 5.52 -6.97
C PHE H 30 26.25 6.61 -7.61
N GLN H 31 25.76 7.59 -6.80
CA GLN H 31 24.96 8.75 -7.23
C GLN H 31 25.62 9.41 -8.45
N TRP H 32 26.94 9.67 -8.36
CA TRP H 32 27.75 10.25 -9.43
C TRP H 32 27.86 9.27 -10.60
N LEU H 33 28.09 7.95 -10.31
CA LEU H 33 28.23 6.94 -11.35
C LEU H 33 27.01 6.85 -12.21
N ARG H 34 25.80 6.92 -11.60
CA ARG H 34 24.53 6.91 -12.32
C ARG H 34 24.50 8.10 -13.32
N ALA H 35 25.13 9.26 -12.97
CA ALA H 35 25.22 10.46 -13.81
C ALA H 35 26.55 10.52 -14.59
N SER H 49 35.45 15.73 -23.73
CA SER H 49 36.27 15.67 -22.52
C SER H 49 36.70 14.24 -22.17
N GLU H 50 37.94 14.08 -21.63
CA GLU H 50 38.51 12.79 -21.23
C GLU H 50 38.08 12.41 -19.78
N LYS H 51 36.78 12.17 -19.64
CA LYS H 51 36.12 11.78 -18.39
C LYS H 51 35.92 10.25 -18.38
N ILE H 52 36.38 9.57 -19.46
CA ILE H 52 36.33 8.11 -19.63
C ILE H 52 37.64 7.50 -19.02
N GLU H 53 38.50 8.38 -18.47
CA GLU H 53 39.73 8.07 -17.75
C GLU H 53 39.28 8.11 -16.29
N GLU H 54 38.21 8.89 -16.04
CA GLU H 54 37.58 9.07 -14.76
C GLU H 54 36.57 7.92 -14.56
N TRP H 55 35.38 7.96 -15.22
CA TRP H 55 34.30 6.96 -15.13
C TRP H 55 34.78 5.50 -15.22
N ARG H 56 35.71 5.16 -16.14
CA ARG H 56 36.25 3.79 -16.28
C ARG H 56 37.08 3.36 -15.05
N SER H 57 37.67 4.33 -14.33
CA SER H 57 38.49 4.08 -13.14
C SER H 57 37.69 4.21 -11.85
N ARG H 58 36.65 5.09 -11.84
CA ARG H 58 35.77 5.32 -10.68
C ARG H 58 34.80 4.17 -10.49
N ALA H 59 34.32 3.55 -11.59
CA ALA H 59 33.39 2.41 -11.50
C ALA H 59 34.13 1.17 -11.04
N ALA H 60 35.47 1.12 -11.24
CA ALA H 60 36.36 0.03 -10.84
C ALA H 60 36.56 0.07 -9.33
N LYS H 61 36.95 1.25 -8.79
CA LYS H 61 37.17 1.52 -7.37
C LYS H 61 35.92 1.15 -6.56
N PHE H 62 34.74 1.39 -7.18
CA PHE H 62 33.40 1.12 -6.66
C PHE H 62 33.08 -0.36 -6.79
N GLU H 63 33.54 -1.02 -7.88
CA GLU H 63 33.31 -2.44 -8.10
C GLU H 63 34.11 -3.30 -7.14
N GLU H 64 35.34 -2.88 -6.81
CA GLU H 64 36.18 -3.61 -5.85
C GLU H 64 35.63 -3.45 -4.42
N MET H 65 35.11 -2.25 -4.07
CA MET H 65 34.51 -1.95 -2.76
C MET H 65 33.06 -2.49 -2.66
N CYS H 66 32.44 -2.87 -3.82
CA CYS H 66 31.11 -3.46 -3.92
C CYS H 66 31.29 -4.93 -3.51
N GLY H 67 32.27 -5.56 -4.17
CA GLY H 67 32.67 -6.95 -3.94
C GLY H 67 33.12 -7.17 -2.51
N LEU H 68 34.03 -6.29 -2.02
CA LEU H 68 34.60 -6.26 -0.65
C LEU H 68 33.49 -6.46 0.40
N VAL H 69 32.35 -5.77 0.20
CA VAL H 69 31.15 -5.80 1.05
C VAL H 69 30.48 -7.18 1.00
N MET H 70 30.25 -7.72 -0.22
CA MET H 70 29.61 -9.04 -0.35
C MET H 70 30.56 -10.19 0.03
N GLY H 71 31.86 -9.89 -0.01
CA GLY H 71 32.96 -10.79 0.34
C GLY H 71 33.21 -10.80 1.83
N MET H 72 32.57 -9.87 2.55
CA MET H 72 32.63 -9.76 4.00
C MET H 72 31.58 -10.72 4.53
N PHE H 73 30.38 -10.75 3.90
CA PHE H 73 29.23 -11.60 4.25
C PHE H 73 29.45 -13.07 4.00
N THR H 74 30.07 -13.41 2.84
CA THR H 74 30.37 -14.80 2.46
C THR H 74 31.45 -15.39 3.39
N ARG H 75 32.30 -14.50 3.98
CA ARG H 75 33.36 -14.85 4.92
C ARG H 75 32.78 -14.90 6.33
N LEU H 76 31.82 -14.01 6.63
CA LEU H 76 31.13 -13.93 7.92
C LEU H 76 30.19 -15.11 8.11
N SER H 77 29.56 -15.60 7.01
CA SER H 77 28.64 -16.75 7.02
C SER H 77 29.31 -18.02 7.56
N ASN H 78 30.64 -18.16 7.32
CA ASN H 78 31.43 -19.28 7.82
C ASN H 78 32.22 -18.79 9.04
N CYS H 79 31.47 -18.61 10.15
CA CYS H 79 31.96 -18.15 11.46
C CYS H 79 31.63 -19.18 12.54
N ALA H 80 32.51 -19.27 13.57
CA ALA H 80 32.40 -20.18 14.72
C ALA H 80 31.10 -19.95 15.50
N ASN H 81 30.85 -18.70 15.97
CA ASN H 81 29.64 -18.35 16.71
C ASN H 81 28.46 -18.26 15.74
N ARG H 82 27.52 -19.19 15.90
CA ARG H 82 26.34 -19.31 15.06
C ARG H 82 25.20 -18.41 15.54
N THR H 83 24.98 -18.34 16.86
CA THR H 83 23.93 -17.55 17.54
C THR H 83 23.89 -16.08 17.10
N ILE H 84 25.06 -15.42 16.92
CA ILE H 84 25.10 -14.02 16.49
C ILE H 84 24.67 -13.90 15.03
N LEU H 85 25.29 -14.69 14.15
CA LEU H 85 25.06 -14.74 12.72
C LEU H 85 23.56 -14.89 12.33
N TYR H 86 22.82 -15.80 13.00
CA TYR H 86 21.40 -16.06 12.78
C TYR H 86 20.54 -14.84 13.11
N ASP H 87 20.83 -14.18 14.25
CA ASP H 87 20.13 -13.00 14.79
C ASP H 87 20.06 -11.80 13.81
N MET H 88 20.98 -11.71 12.86
CA MET H 88 20.99 -10.60 11.91
C MET H 88 21.31 -11.03 10.46
N TYR H 89 21.21 -12.35 10.13
CA TYR H 89 21.45 -12.84 8.76
C TYR H 89 20.42 -12.26 7.79
N SER H 90 19.27 -11.80 8.32
CA SER H 90 18.25 -11.18 7.50
C SER H 90 18.78 -9.84 7.00
N TYR H 91 19.29 -8.96 7.92
CA TYR H 91 19.86 -7.65 7.59
C TYR H 91 21.04 -7.76 6.64
N VAL H 92 21.89 -8.79 6.84
CA VAL H 92 23.05 -9.10 6.02
C VAL H 92 22.58 -9.38 4.59
N TRP H 93 21.55 -10.25 4.45
CA TRP H 93 21.00 -10.62 3.14
C TRP H 93 20.45 -9.44 2.34
N ASP H 94 19.69 -8.53 2.98
CA ASP H 94 19.13 -7.37 2.27
C ASP H 94 20.23 -6.50 1.63
N ILE H 95 21.44 -6.44 2.25
CA ILE H 95 22.57 -5.67 1.73
C ILE H 95 23.26 -6.46 0.62
N LYS H 96 23.65 -7.72 0.91
CA LYS H 96 24.30 -8.65 -0.06
C LYS H 96 23.52 -8.63 -1.37
N SER H 97 22.18 -8.56 -1.27
CA SER H 97 21.24 -8.53 -2.39
C SER H 97 21.23 -7.19 -3.14
N ILE H 98 21.21 -6.05 -2.44
CA ILE H 98 21.21 -4.75 -3.12
C ILE H 98 22.59 -4.43 -3.70
N MET H 99 23.68 -4.78 -2.97
CA MET H 99 25.06 -4.50 -3.40
C MET H 99 25.40 -5.11 -4.73
N SER H 100 24.83 -6.29 -5.02
CA SER H 100 25.03 -7.05 -6.26
C SER H 100 24.30 -6.38 -7.39
N MET H 101 23.03 -5.98 -7.14
CA MET H 101 22.10 -5.31 -8.05
C MET H 101 22.66 -3.96 -8.52
N VAL H 102 23.30 -3.22 -7.62
CA VAL H 102 23.90 -1.93 -7.88
C VAL H 102 25.18 -2.14 -8.68
N LYS H 103 26.02 -3.12 -8.26
CA LYS H 103 27.28 -3.55 -8.90
C LYS H 103 27.01 -4.00 -10.37
N SER H 104 25.85 -4.65 -10.66
CA SER H 104 25.53 -5.07 -12.02
C SER H 104 25.08 -3.88 -12.85
N PHE H 105 24.14 -3.06 -12.33
CA PHE H 105 23.63 -1.85 -13.00
C PHE H 105 24.72 -0.77 -13.18
N VAL H 106 25.99 -1.13 -12.86
CA VAL H 106 27.18 -0.30 -12.99
C VAL H 106 28.11 -0.94 -14.04
N GLN H 107 28.58 -2.18 -13.83
CA GLN H 107 29.48 -2.88 -14.78
C GLN H 107 28.81 -3.10 -16.17
N TRP H 108 27.47 -2.95 -16.21
CA TRP H 108 26.58 -3.08 -17.35
C TRP H 108 26.45 -1.70 -18.02
N GLN H 124 -8.13 -20.12 -6.76
CA GLN H 124 -7.49 -21.42 -6.99
C GLN H 124 -6.10 -21.50 -6.36
N GLU H 125 -5.27 -20.45 -6.49
CA GLU H 125 -3.90 -20.41 -5.95
C GLU H 125 -3.89 -20.12 -4.42
N PRO H 126 -2.89 -20.59 -3.64
CA PRO H 126 -2.92 -20.36 -2.17
C PRO H 126 -2.65 -18.94 -1.72
N TRP H 127 -1.79 -18.20 -2.44
CA TRP H 127 -1.42 -16.81 -2.15
C TRP H 127 -2.55 -15.84 -2.40
N ALA H 128 -3.54 -16.22 -3.24
CA ALA H 128 -4.70 -15.37 -3.53
C ALA H 128 -5.68 -15.31 -2.31
N PHE H 129 -5.12 -15.34 -1.08
CA PHE H 129 -5.78 -15.28 0.23
C PHE H 129 -4.70 -15.35 1.30
N ARG H 130 -4.22 -14.14 1.70
CA ARG H 130 -3.12 -13.90 2.64
C ARG H 130 -3.45 -13.89 4.16
N GLY H 131 -2.42 -14.17 4.96
CA GLY H 131 -2.47 -14.14 6.42
C GLY H 131 -2.51 -15.45 7.20
N GLY H 132 -2.96 -16.52 6.56
CA GLY H 132 -3.09 -17.81 7.22
C GLY H 132 -4.21 -17.74 8.24
N LEU H 133 -4.14 -18.54 9.32
CA LEU H 133 -5.18 -18.52 10.37
C LEU H 133 -5.36 -17.11 10.96
N ALA H 134 -4.22 -16.38 11.14
CA ALA H 134 -4.18 -15.02 11.66
C ALA H 134 -4.99 -14.08 10.74
N GLY H 135 -4.77 -14.22 9.43
CA GLY H 135 -5.45 -13.46 8.39
C GLY H 135 -6.94 -13.70 8.35
N GLU H 136 -7.36 -14.96 8.59
CA GLU H 136 -8.76 -15.38 8.62
C GLU H 136 -9.48 -14.71 9.80
N PHE H 137 -8.77 -14.54 10.95
CA PHE H 137 -9.27 -13.90 12.17
C PHE H 137 -9.35 -12.36 12.07
N GLN H 138 -8.40 -11.76 11.31
CA GLN H 138 -8.29 -10.31 11.06
C GLN H 138 -9.35 -9.88 10.02
N ARG H 139 -9.67 -10.78 9.07
CA ARG H 139 -10.68 -10.53 8.03
C ARG H 139 -12.11 -10.74 8.57
N LEU H 140 -12.22 -10.87 9.93
CA LEU H 140 -13.46 -11.07 10.70
C LEU H 140 -13.65 -9.98 11.80
N LEU H 141 -12.71 -9.02 11.93
CA LEU H 141 -12.77 -7.93 12.90
C LEU H 141 -13.03 -6.59 12.18
C1 OQ1 I . -14.99 17.80 2.87
C2 OQ1 I . -14.69 19.29 3.00
C3 OQ1 I . -13.58 19.63 4.01
C4 OQ1 I . -13.71 18.74 5.22
C5 OQ1 I . -15.23 15.64 4.31
C11 OQ1 I . -15.65 22.23 7.33
C9 OQ1 I . -14.40 21.09 5.60
C12 OQ1 I . -15.42 23.45 8.16
C OQ1 I . -15.16 17.15 4.24
O OQ1 I . -13.96 17.37 4.97
O6 OQ1 I . -14.33 19.80 1.72
O7 OQ1 I . -16.17 17.63 2.07
F OQ1 I . -16.52 15.21 4.42
N OQ1 I . -13.80 21.01 4.45
S OQ1 I . -14.79 19.57 6.38
N10 OQ1 I . -14.83 22.27 6.14
F1 OQ1 I . -14.55 15.01 3.31
C1 OQ1 J . -7.26 4.24 -21.90
C2 OQ1 J . -8.26 3.44 -22.73
C3 OQ1 J . -8.06 1.93 -22.65
C4 OQ1 J . -6.58 1.61 -22.67
C5 OQ1 J . -4.80 4.42 -21.26
C11 OQ1 J . -7.05 0.20 -26.91
C9 OQ1 J . -7.77 0.97 -24.72
C12 OQ1 J . -7.60 0.03 -28.30
C OQ1 J . -5.83 3.82 -22.19
O OQ1 J . -5.73 2.44 -21.90
O6 OQ1 J . -9.58 3.80 -22.34
O7 OQ1 J . -7.42 5.61 -22.21
F OQ1 J . -3.52 4.04 -21.60
N OQ1 J . -8.67 1.30 -23.84
S OQ1 J . -6.08 1.31 -24.36
N10 OQ1 J . -8.10 0.46 -25.96
F1 OQ1 J . -4.98 3.89 -20.02
C1 OQ1 K . 10.08 2.29 21.00
C2 OQ1 K . 9.51 2.35 22.41
C3 OQ1 K . 8.59 3.52 22.60
C4 OQ1 K . 9.21 4.79 22.04
C5 OQ1 K . 11.06 3.73 19.16
C11 OQ1 K . 9.17 6.43 26.22
C9 OQ1 K . 8.76 4.71 24.55
C12 OQ1 K . 9.86 6.48 27.55
C OQ1 K . 10.89 3.53 20.67
O OQ1 K . 10.34 4.75 21.18
O6 OQ1 K . 8.75 1.20 22.69
O7 OQ1 K . 10.98 1.20 21.03
F OQ1 K . 11.60 4.94 18.93
N OQ1 K . 8.34 3.59 24.04
S OQ1 K . 9.49 5.86 23.46
N10 OQ1 K . 8.69 5.11 25.85
F1 OQ1 K . 12.03 2.92 18.67
C1 OQ1 L . 8.62 -21.36 -5.46
C2 OQ1 L . 9.57 -22.02 -6.44
C3 OQ1 L . 9.11 -21.74 -7.85
C4 OQ1 L . 7.67 -22.14 -7.99
C5 OQ1 L . 6.26 -21.37 -4.76
C11 OQ1 L . 9.17 -25.64 -10.56
C9 OQ1 L . 9.32 -23.55 -9.27
C12 OQ1 L . 10.04 -26.85 -10.68
C OQ1 L . 7.30 -22.09 -5.55
O OQ1 L . 6.78 -22.00 -6.88
O6 OQ1 L . 10.85 -21.46 -6.28
O7 OQ1 L . 9.14 -21.51 -4.16
F OQ1 L . 5.03 -21.70 -5.21
N OQ1 L . 9.95 -22.56 -8.75
S OQ1 L . 7.63 -23.73 -8.81
N10 OQ1 L . 9.91 -24.49 -10.09
F1 OQ1 L . 6.32 -21.83 -3.49
#